data_7BDE
# 
_entry.id   7BDE 
# 
_audit_conform.dict_name       mmcif_pdbx.dic 
_audit_conform.dict_version    5.391 
_audit_conform.dict_location   http://mmcif.pdb.org/dictionaries/ascii/mmcif_pdbx.dic 
# 
loop_
_database_2.database_id 
_database_2.database_code 
_database_2.pdbx_database_accession 
_database_2.pdbx_DOI 
PDB   7BDE         pdb_00007bde 10.2210/pdb7bde/pdb 
WWPDB D_1292113119 ?            ?                   
# 
loop_
_pdbx_audit_revision_history.ordinal 
_pdbx_audit_revision_history.data_content_type 
_pdbx_audit_revision_history.major_revision 
_pdbx_audit_revision_history.minor_revision 
_pdbx_audit_revision_history.revision_date 
1 'Structure model' 1 0 2021-07-28 
2 'Structure model' 1 1 2021-08-18 
3 'Structure model' 1 2 2024-05-01 
# 
_pdbx_audit_revision_details.ordinal             1 
_pdbx_audit_revision_details.revision_ordinal    1 
_pdbx_audit_revision_details.data_content_type   'Structure model' 
_pdbx_audit_revision_details.provider            repository 
_pdbx_audit_revision_details.type                'Initial release' 
_pdbx_audit_revision_details.description         ? 
_pdbx_audit_revision_details.details             ? 
# 
loop_
_pdbx_audit_revision_group.ordinal 
_pdbx_audit_revision_group.revision_ordinal 
_pdbx_audit_revision_group.data_content_type 
_pdbx_audit_revision_group.group 
1 2 'Structure model' 'Database references'    
2 3 'Structure model' 'Data collection'        
3 3 'Structure model' 'Refinement description' 
# 
loop_
_pdbx_audit_revision_category.ordinal 
_pdbx_audit_revision_category.revision_ordinal 
_pdbx_audit_revision_category.data_content_type 
_pdbx_audit_revision_category.category 
1 2 'Structure model' citation                      
2 2 'Structure model' database_2                    
3 3 'Structure model' chem_comp_atom                
4 3 'Structure model' chem_comp_bond                
5 3 'Structure model' pdbx_initial_refinement_model 
# 
loop_
_pdbx_audit_revision_item.ordinal 
_pdbx_audit_revision_item.revision_ordinal 
_pdbx_audit_revision_item.data_content_type 
_pdbx_audit_revision_item.item 
1 2 'Structure model' '_citation.journal_volume'            
2 2 'Structure model' '_citation.title'                     
3 2 'Structure model' '_database_2.pdbx_DOI'                
4 2 'Structure model' '_database_2.pdbx_database_accession' 
# 
_pdbx_database_status.status_code                     REL 
_pdbx_database_status.status_code_sf                  REL 
_pdbx_database_status.status_code_mr                  ? 
_pdbx_database_status.entry_id                        7BDE 
_pdbx_database_status.recvd_initial_deposition_date   2020-12-21 
_pdbx_database_status.SG_entry                        N 
_pdbx_database_status.deposit_site                    PDBE 
_pdbx_database_status.process_site                    PDBE 
_pdbx_database_status.status_code_cs                  ? 
_pdbx_database_status.status_code_nmr_data            ? 
_pdbx_database_status.methods_development_category    ? 
_pdbx_database_status.pdb_format_compatible           Y 
# 
_audit_author.name               'Somers, D.O.' 
_audit_author.pdbx_ordinal       1 
_audit_author.identifier_ORCID   0000-0001-7815-485X 
# 
_citation.abstract                  ? 
_citation.abstract_id_CAS           ? 
_citation.book_id_ISBN              ? 
_citation.book_publisher            ? 
_citation.book_publisher_city       ? 
_citation.book_title                ? 
_citation.coordinate_linkage        ? 
_citation.country                   US 
_citation.database_id_Medline       ? 
_citation.details                   ? 
_citation.id                        primary 
_citation.journal_abbrev            J.Biol.Chem. 
_citation.journal_id_ASTM           JBCHA3 
_citation.journal_id_CSD            0071 
_citation.journal_id_ISSN           1083-351X 
_citation.journal_full              ? 
_citation.journal_issue             ? 
_citation.journal_volume            297 
_citation.language                  ? 
_citation.page_first                100928 
_citation.page_last                 100928 
_citation.title                     
'GSK137, a potent small-molecule BCL6 inhibitor with in vivo activity, suppresses antibody responses in mice.' 
_citation.year                      2021 
_citation.database_id_CSD           ? 
_citation.pdbx_database_id_DOI      10.1016/j.jbc.2021.100928 
_citation.pdbx_database_id_PubMed   34274316 
_citation.unpublished_flag          ? 
# 
loop_
_citation_author.citation_id 
_citation_author.name 
_citation_author.ordinal 
_citation_author.identifier_ORCID 
primary 'Pearce, A.C.'      1  ? 
primary 'Bamford, M.J.'     2  ? 
primary 'Barber, R.'        3  ? 
primary 'Bridges, A.'       4  ? 
primary 'Convery, M.A.'     5  ? 
primary 'Demetriou, C.'     6  ? 
primary 'Evans, S.'         7  ? 
primary 'Gobbetti, T.'      8  ? 
primary 'Hirst, D.J.'       9  ? 
primary 'Holmes, D.S.'      10 ? 
primary 'Hutchinson, J.P.'  11 ? 
primary 'Jayne, S.'         12 ? 
primary 'Lezina, L.'        13 ? 
primary 'McCabe, M.T.'      14 ? 
primary 'Messenger, C.'     15 ? 
primary 'Morley, J.'        16 ? 
primary 'Musso, M.C.'       17 ? 
primary 'Scott-Stevens, P.' 18 ? 
primary 'Manso, A.S.'       19 ? 
primary 'Schofield, J.'     20 ? 
primary 'Slocombe, T.'      21 ? 
primary 'Somers, D.'        22 ? 
primary 'Walker, A.L.'      23 ? 
primary 'Wyce, A.'          24 ? 
primary 'Zhang, X.P.'       25 ? 
primary 'Wagner, S.D.'      26 ? 
# 
loop_
_entity.id 
_entity.type 
_entity.src_method 
_entity.pdbx_description 
_entity.formula_weight 
_entity.pdbx_number_of_molecules 
_entity.pdbx_ec 
_entity.pdbx_mutation 
_entity.pdbx_fragment 
_entity.details 
1 polymer     man 'Isoform 2 of B-cell lymphoma 6 protein' 15556.799 1  ? YES 'BTB DOMAIN (RESIDUES 5-129)' ? 
2 non-polymer syn 
'5-[(5S,7R)-3-fluoranyl-7-(2-methylpyridin-3-yl)-4,5,6,7-tetrahydropyrazolo[1,5-a]pyrimidin-5-yl]quinolin-2-amine' 374.414   1  ? 
?   ?                             ? 
3 non-polymer syn GLYCEROL 92.094    1  ? ?   ?                             ? 
4 non-polymer syn 'DIMETHYL SULFOXIDE' 78.133    1  ? ?   ?                             ? 
5 water       nat water 18.015    94 ? ?   ?                             ? 
# 
_entity_name_com.entity_id   1 
_entity_name_com.name        
'BCL-6,B-cell lymphoma 5 protein,BCL-5,Protein LAZ-3,Zinc finger and BTB domain-containing protein 27,Zinc finger protein 51' 
# 
_entity_poly.entity_id                      1 
_entity_poly.type                           'polypeptide(L)' 
_entity_poly.nstd_linkage                   no 
_entity_poly.nstd_monomer                   no 
_entity_poly.pdbx_seq_one_letter_code       
;GSADSQIQFTRHASDVLLNLNRLRSRDILTDVVIVVSREQFRAHKTVLMACSGLFYSIFTDQLKRNLSVINLDPEINPEG
FNILLDFMYTSRLNLREGNIMAVMATAMYLQMEHVVDTCRKFIKASEDYKDDDDK
;
_entity_poly.pdbx_seq_one_letter_code_can   
;GSADSQIQFTRHASDVLLNLNRLRSRDILTDVVIVVSREQFRAHKTVLMACSGLFYSIFTDQLKRNLSVINLDPEINPEG
FNILLDFMYTSRLNLREGNIMAVMATAMYLQMEHVVDTCRKFIKASEDYKDDDDK
;
_entity_poly.pdbx_strand_id                 A 
_entity_poly.pdbx_target_identifier         ? 
# 
loop_
_pdbx_entity_nonpoly.entity_id 
_pdbx_entity_nonpoly.name 
_pdbx_entity_nonpoly.comp_id 
2 '5-[(5S,7R)-3-fluoranyl-7-(2-methylpyridin-3-yl)-4,5,6,7-tetrahydropyrazolo[1,5-a]pyrimidin-5-yl]quinolin-2-amine' TEQ 
3 GLYCEROL                                                                                                           GOL 
4 'DIMETHYL SULFOXIDE'                                                                                               DMS 
5 water                                                                                                              HOH 
# 
loop_
_entity_poly_seq.entity_id 
_entity_poly_seq.num 
_entity_poly_seq.mon_id 
_entity_poly_seq.hetero 
1 1   GLY n 
1 2   SER n 
1 3   ALA n 
1 4   ASP n 
1 5   SER n 
1 6   GLN n 
1 7   ILE n 
1 8   GLN n 
1 9   PHE n 
1 10  THR n 
1 11  ARG n 
1 12  HIS n 
1 13  ALA n 
1 14  SER n 
1 15  ASP n 
1 16  VAL n 
1 17  LEU n 
1 18  LEU n 
1 19  ASN n 
1 20  LEU n 
1 21  ASN n 
1 22  ARG n 
1 23  LEU n 
1 24  ARG n 
1 25  SER n 
1 26  ARG n 
1 27  ASP n 
1 28  ILE n 
1 29  LEU n 
1 30  THR n 
1 31  ASP n 
1 32  VAL n 
1 33  VAL n 
1 34  ILE n 
1 35  VAL n 
1 36  VAL n 
1 37  SER n 
1 38  ARG n 
1 39  GLU n 
1 40  GLN n 
1 41  PHE n 
1 42  ARG n 
1 43  ALA n 
1 44  HIS n 
1 45  LYS n 
1 46  THR n 
1 47  VAL n 
1 48  LEU n 
1 49  MET n 
1 50  ALA n 
1 51  CYS n 
1 52  SER n 
1 53  GLY n 
1 54  LEU n 
1 55  PHE n 
1 56  TYR n 
1 57  SER n 
1 58  ILE n 
1 59  PHE n 
1 60  THR n 
1 61  ASP n 
1 62  GLN n 
1 63  LEU n 
1 64  LYS n 
1 65  ARG n 
1 66  ASN n 
1 67  LEU n 
1 68  SER n 
1 69  VAL n 
1 70  ILE n 
1 71  ASN n 
1 72  LEU n 
1 73  ASP n 
1 74  PRO n 
1 75  GLU n 
1 76  ILE n 
1 77  ASN n 
1 78  PRO n 
1 79  GLU n 
1 80  GLY n 
1 81  PHE n 
1 82  ASN n 
1 83  ILE n 
1 84  LEU n 
1 85  LEU n 
1 86  ASP n 
1 87  PHE n 
1 88  MET n 
1 89  TYR n 
1 90  THR n 
1 91  SER n 
1 92  ARG n 
1 93  LEU n 
1 94  ASN n 
1 95  LEU n 
1 96  ARG n 
1 97  GLU n 
1 98  GLY n 
1 99  ASN n 
1 100 ILE n 
1 101 MET n 
1 102 ALA n 
1 103 VAL n 
1 104 MET n 
1 105 ALA n 
1 106 THR n 
1 107 ALA n 
1 108 MET n 
1 109 TYR n 
1 110 LEU n 
1 111 GLN n 
1 112 MET n 
1 113 GLU n 
1 114 HIS n 
1 115 VAL n 
1 116 VAL n 
1 117 ASP n 
1 118 THR n 
1 119 CYS n 
1 120 ARG n 
1 121 LYS n 
1 122 PHE n 
1 123 ILE n 
1 124 LYS n 
1 125 ALA n 
1 126 SER n 
1 127 GLU n 
1 128 ASP n 
1 129 TYR n 
1 130 LYS n 
1 131 ASP n 
1 132 ASP n 
1 133 ASP n 
1 134 ASP n 
1 135 LYS n 
# 
_entity_src_gen.entity_id                          1 
_entity_src_gen.pdbx_src_id                        1 
_entity_src_gen.pdbx_alt_source_flag               sample 
_entity_src_gen.pdbx_seq_type                      'Biological sequence' 
_entity_src_gen.pdbx_beg_seq_num                   1 
_entity_src_gen.pdbx_end_seq_num                   135 
_entity_src_gen.gene_src_common_name               Human 
_entity_src_gen.gene_src_genus                     ? 
_entity_src_gen.pdbx_gene_src_gene                 'BCL6, BCL5, LAZ3, ZBTB27, ZNF51' 
_entity_src_gen.gene_src_species                   ? 
_entity_src_gen.gene_src_strain                    ? 
_entity_src_gen.gene_src_tissue                    ? 
_entity_src_gen.gene_src_tissue_fraction           ? 
_entity_src_gen.gene_src_details                   ? 
_entity_src_gen.pdbx_gene_src_fragment             ? 
_entity_src_gen.pdbx_gene_src_scientific_name      'Homo sapiens' 
_entity_src_gen.pdbx_gene_src_ncbi_taxonomy_id     9606 
_entity_src_gen.pdbx_gene_src_variant              ? 
_entity_src_gen.pdbx_gene_src_cell_line            ? 
_entity_src_gen.pdbx_gene_src_atcc                 ? 
_entity_src_gen.pdbx_gene_src_organ                ? 
_entity_src_gen.pdbx_gene_src_organelle            ? 
_entity_src_gen.pdbx_gene_src_cell                 ? 
_entity_src_gen.pdbx_gene_src_cellular_location    ? 
_entity_src_gen.host_org_common_name               ? 
_entity_src_gen.pdbx_host_org_scientific_name      'Escherichia coli' 
_entity_src_gen.pdbx_host_org_ncbi_taxonomy_id     562 
_entity_src_gen.host_org_genus                     ? 
_entity_src_gen.pdbx_host_org_gene                 ? 
_entity_src_gen.pdbx_host_org_organ                ? 
_entity_src_gen.host_org_species                   ? 
_entity_src_gen.pdbx_host_org_tissue               ? 
_entity_src_gen.pdbx_host_org_tissue_fraction      ? 
_entity_src_gen.pdbx_host_org_strain               ? 
_entity_src_gen.pdbx_host_org_variant              ? 
_entity_src_gen.pdbx_host_org_cell_line            ? 
_entity_src_gen.pdbx_host_org_atcc                 ? 
_entity_src_gen.pdbx_host_org_culture_collection   ? 
_entity_src_gen.pdbx_host_org_cell                 ? 
_entity_src_gen.pdbx_host_org_organelle            ? 
_entity_src_gen.pdbx_host_org_cellular_location    ? 
_entity_src_gen.pdbx_host_org_vector_type          PET24 
_entity_src_gen.pdbx_host_org_vector               ? 
_entity_src_gen.host_org_details                   ? 
_entity_src_gen.expression_system_id               ? 
_entity_src_gen.plasmid_name                       ? 
_entity_src_gen.plasmid_details                    ? 
_entity_src_gen.pdbx_description                   ? 
# 
loop_
_chem_comp.id 
_chem_comp.type 
_chem_comp.mon_nstd_flag 
_chem_comp.name 
_chem_comp.pdbx_synonyms 
_chem_comp.formula 
_chem_comp.formula_weight 
ALA 'L-peptide linking' y ALANINE ? 'C3 H7 N O2'     89.093  
ARG 'L-peptide linking' y ARGININE ? 'C6 H15 N4 O2 1' 175.209 
ASN 'L-peptide linking' y ASPARAGINE ? 'C4 H8 N2 O3'    132.118 
ASP 'L-peptide linking' y 'ASPARTIC ACID' ? 'C4 H7 N O4'     133.103 
CYS 'L-peptide linking' y CYSTEINE ? 'C3 H7 N O2 S'   121.158 
DMS non-polymer         . 'DIMETHYL SULFOXIDE' ? 'C2 H6 O S'      78.133  
GLN 'L-peptide linking' y GLUTAMINE ? 'C5 H10 N2 O3'   146.144 
GLU 'L-peptide linking' y 'GLUTAMIC ACID' ? 'C5 H9 N O4'     147.129 
GLY 'peptide linking'   y GLYCINE ? 'C2 H5 N O2'     75.067  
GOL non-polymer         . GLYCEROL 'GLYCERIN; PROPANE-1,2,3-TRIOL' 'C3 H8 O3'       92.094  
HIS 'L-peptide linking' y HISTIDINE ? 'C6 H10 N3 O2 1' 156.162 
HOH non-polymer         . WATER ? 'H2 O'           18.015  
ILE 'L-peptide linking' y ISOLEUCINE ? 'C6 H13 N O2'    131.173 
LEU 'L-peptide linking' y LEUCINE ? 'C6 H13 N O2'    131.173 
LYS 'L-peptide linking' y LYSINE ? 'C6 H15 N2 O2 1' 147.195 
MET 'L-peptide linking' y METHIONINE ? 'C5 H11 N O2 S'  149.211 
PHE 'L-peptide linking' y PHENYLALANINE ? 'C9 H11 N O2'    165.189 
PRO 'L-peptide linking' y PROLINE ? 'C5 H9 N O2'     115.130 
SER 'L-peptide linking' y SERINE ? 'C3 H7 N O3'     105.093 
TEQ non-polymer         . 
'5-[(5S,7R)-3-fluoranyl-7-(2-methylpyridin-3-yl)-4,5,6,7-tetrahydropyrazolo[1,5-a]pyrimidin-5-yl]quinolin-2-amine' 
'5-[(5~{S},7~{R})-3-fluoranyl-7-(2-methylpyridin-3-yl)-4,5,6,7-tetrahydropyrazolo[1,5-a]pyrimidin-5-yl]quinolin-2-amine' 
'C21 H19 F N6'   374.414 
THR 'L-peptide linking' y THREONINE ? 'C4 H9 N O3'     119.119 
TYR 'L-peptide linking' y TYROSINE ? 'C9 H11 N O3'    181.189 
VAL 'L-peptide linking' y VALINE ? 'C5 H11 N O2'    117.146 
# 
loop_
_pdbx_poly_seq_scheme.asym_id 
_pdbx_poly_seq_scheme.entity_id 
_pdbx_poly_seq_scheme.seq_id 
_pdbx_poly_seq_scheme.mon_id 
_pdbx_poly_seq_scheme.ndb_seq_num 
_pdbx_poly_seq_scheme.pdb_seq_num 
_pdbx_poly_seq_scheme.auth_seq_num 
_pdbx_poly_seq_scheme.pdb_mon_id 
_pdbx_poly_seq_scheme.auth_mon_id 
_pdbx_poly_seq_scheme.pdb_strand_id 
_pdbx_poly_seq_scheme.pdb_ins_code 
_pdbx_poly_seq_scheme.hetero 
A 1 1   GLY 1   3   3   GLY GLY A . n 
A 1 2   SER 2   4   4   SER SER A . n 
A 1 3   ALA 3   5   5   ALA ALA A . n 
A 1 4   ASP 4   6   6   ASP ASP A . n 
A 1 5   SER 5   7   7   SER SER A . n 
A 1 6   GLN 6   8   8   GLN GLN A . n 
A 1 7   ILE 7   9   9   ILE ILE A . n 
A 1 8   GLN 8   10  10  GLN GLN A . n 
A 1 9   PHE 9   11  11  PHE PHE A . n 
A 1 10  THR 10  12  12  THR THR A . n 
A 1 11  ARG 11  13  13  ARG ARG A . n 
A 1 12  HIS 12  14  14  HIS HIS A . n 
A 1 13  ALA 13  15  15  ALA ALA A . n 
A 1 14  SER 14  16  16  SER SER A . n 
A 1 15  ASP 15  17  17  ASP ASP A . n 
A 1 16  VAL 16  18  18  VAL VAL A . n 
A 1 17  LEU 17  19  19  LEU LEU A . n 
A 1 18  LEU 18  20  20  LEU LEU A . n 
A 1 19  ASN 19  21  21  ASN ASN A . n 
A 1 20  LEU 20  22  22  LEU LEU A . n 
A 1 21  ASN 21  23  23  ASN ASN A . n 
A 1 22  ARG 22  24  24  ARG ARG A . n 
A 1 23  LEU 23  25  25  LEU LEU A . n 
A 1 24  ARG 24  26  26  ARG ARG A . n 
A 1 25  SER 25  27  27  SER SER A . n 
A 1 26  ARG 26  28  28  ARG ARG A . n 
A 1 27  ASP 27  29  29  ASP ASP A . n 
A 1 28  ILE 28  30  30  ILE ILE A . n 
A 1 29  LEU 29  31  31  LEU LEU A . n 
A 1 30  THR 30  32  32  THR THR A . n 
A 1 31  ASP 31  33  33  ASP ASP A . n 
A 1 32  VAL 32  34  34  VAL VAL A . n 
A 1 33  VAL 33  35  35  VAL VAL A . n 
A 1 34  ILE 34  36  36  ILE ILE A . n 
A 1 35  VAL 35  37  37  VAL VAL A . n 
A 1 36  VAL 36  38  38  VAL VAL A . n 
A 1 37  SER 37  39  39  SER SER A . n 
A 1 38  ARG 38  40  40  ARG ARG A . n 
A 1 39  GLU 39  41  41  GLU GLU A . n 
A 1 40  GLN 40  42  42  GLN GLN A . n 
A 1 41  PHE 41  43  43  PHE PHE A . n 
A 1 42  ARG 42  44  44  ARG ARG A . n 
A 1 43  ALA 43  45  45  ALA ALA A . n 
A 1 44  HIS 44  46  46  HIS HIS A . n 
A 1 45  LYS 45  47  47  LYS LYS A . n 
A 1 46  THR 46  48  48  THR THR A . n 
A 1 47  VAL 47  49  49  VAL VAL A . n 
A 1 48  LEU 48  50  50  LEU LEU A . n 
A 1 49  MET 49  51  51  MET MET A . n 
A 1 50  ALA 50  52  52  ALA ALA A . n 
A 1 51  CYS 51  53  53  CYS CYS A . n 
A 1 52  SER 52  54  54  SER SER A . n 
A 1 53  GLY 53  55  55  GLY GLY A . n 
A 1 54  LEU 54  56  56  LEU LEU A . n 
A 1 55  PHE 55  57  57  PHE PHE A . n 
A 1 56  TYR 56  58  58  TYR TYR A . n 
A 1 57  SER 57  59  59  SER SER A . n 
A 1 58  ILE 58  60  60  ILE ILE A . n 
A 1 59  PHE 59  61  61  PHE PHE A . n 
A 1 60  THR 60  62  62  THR THR A . n 
A 1 61  ASP 61  63  63  ASP ASP A . n 
A 1 62  GLN 62  64  64  GLN GLN A . n 
A 1 63  LEU 63  65  65  LEU LEU A . n 
A 1 64  LYS 64  66  66  LYS LYS A . n 
A 1 65  ARG 65  67  67  ARG ARG A . n 
A 1 66  ASN 66  68  68  ASN ASN A . n 
A 1 67  LEU 67  69  69  LEU LEU A . n 
A 1 68  SER 68  70  70  SER SER A . n 
A 1 69  VAL 69  71  71  VAL VAL A . n 
A 1 70  ILE 70  72  72  ILE ILE A . n 
A 1 71  ASN 71  73  73  ASN ASN A . n 
A 1 72  LEU 72  74  74  LEU LEU A . n 
A 1 73  ASP 73  75  75  ASP ASP A . n 
A 1 74  PRO 74  76  76  PRO PRO A . n 
A 1 75  GLU 75  77  77  GLU GLU A . n 
A 1 76  ILE 76  78  78  ILE ILE A . n 
A 1 77  ASN 77  79  79  ASN ASN A . n 
A 1 78  PRO 78  80  80  PRO PRO A . n 
A 1 79  GLU 79  81  81  GLU GLU A . n 
A 1 80  GLY 80  82  82  GLY GLY A . n 
A 1 81  PHE 81  83  83  PHE PHE A . n 
A 1 82  ASN 82  84  84  ASN ASN A . n 
A 1 83  ILE 83  85  85  ILE ILE A . n 
A 1 84  LEU 84  86  86  LEU LEU A . n 
A 1 85  LEU 85  87  87  LEU LEU A . n 
A 1 86  ASP 86  88  88  ASP ASP A . n 
A 1 87  PHE 87  89  89  PHE PHE A . n 
A 1 88  MET 88  90  90  MET MET A . n 
A 1 89  TYR 89  91  91  TYR TYR A . n 
A 1 90  THR 90  92  92  THR THR A . n 
A 1 91  SER 91  93  93  SER SER A . n 
A 1 92  ARG 92  94  94  ARG ARG A . n 
A 1 93  LEU 93  95  95  LEU LEU A . n 
A 1 94  ASN 94  96  96  ASN ASN A . n 
A 1 95  LEU 95  97  97  LEU LEU A . n 
A 1 96  ARG 96  98  98  ARG ARG A . n 
A 1 97  GLU 97  99  99  GLU GLU A . n 
A 1 98  GLY 98  100 100 GLY GLY A . n 
A 1 99  ASN 99  101 101 ASN ASN A . n 
A 1 100 ILE 100 102 102 ILE ILE A . n 
A 1 101 MET 101 103 103 MET MET A . n 
A 1 102 ALA 102 104 104 ALA ALA A . n 
A 1 103 VAL 103 105 105 VAL VAL A . n 
A 1 104 MET 104 106 106 MET MET A . n 
A 1 105 ALA 105 107 107 ALA ALA A . n 
A 1 106 THR 106 108 108 THR THR A . n 
A 1 107 ALA 107 109 109 ALA ALA A . n 
A 1 108 MET 108 110 110 MET MET A . n 
A 1 109 TYR 109 111 111 TYR TYR A . n 
A 1 110 LEU 110 112 112 LEU LEU A . n 
A 1 111 GLN 111 113 113 GLN GLN A . n 
A 1 112 MET 112 114 114 MET MET A . n 
A 1 113 GLU 113 115 115 GLU GLU A . n 
A 1 114 HIS 114 116 116 HIS HIS A . n 
A 1 115 VAL 115 117 117 VAL VAL A . n 
A 1 116 VAL 116 118 118 VAL VAL A . n 
A 1 117 ASP 117 119 119 ASP ASP A . n 
A 1 118 THR 118 120 120 THR THR A . n 
A 1 119 CYS 119 121 121 CYS CYS A . n 
A 1 120 ARG 120 122 122 ARG ARG A . n 
A 1 121 LYS 121 123 123 LYS LYS A . n 
A 1 122 PHE 122 124 124 PHE PHE A . n 
A 1 123 ILE 123 125 125 ILE ILE A . n 
A 1 124 LYS 124 126 126 LYS LYS A . n 
A 1 125 ALA 125 127 127 ALA ALA A . n 
A 1 126 SER 126 128 128 SER SER A . n 
A 1 127 GLU 127 129 ?   ?   ?   A . n 
A 1 128 ASP 128 130 ?   ?   ?   A . n 
A 1 129 TYR 129 131 ?   ?   ?   A . n 
A 1 130 LYS 130 132 ?   ?   ?   A . n 
A 1 131 ASP 131 133 ?   ?   ?   A . n 
A 1 132 ASP 132 134 ?   ?   ?   A . n 
A 1 133 ASP 133 135 ?   ?   ?   A . n 
A 1 134 ASP 134 136 ?   ?   ?   A . n 
A 1 135 LYS 135 137 ?   ?   ?   A . n 
# 
loop_
_pdbx_nonpoly_scheme.asym_id 
_pdbx_nonpoly_scheme.entity_id 
_pdbx_nonpoly_scheme.mon_id 
_pdbx_nonpoly_scheme.ndb_seq_num 
_pdbx_nonpoly_scheme.pdb_seq_num 
_pdbx_nonpoly_scheme.auth_seq_num 
_pdbx_nonpoly_scheme.pdb_mon_id 
_pdbx_nonpoly_scheme.auth_mon_id 
_pdbx_nonpoly_scheme.pdb_strand_id 
_pdbx_nonpoly_scheme.pdb_ins_code 
B 2 TEQ 1  201 1  TEQ LIG A . 
C 3 GOL 1  202 1  GOL GOL A . 
D 4 DMS 1  203 1  DMS DMS A . 
E 5 HOH 1  301 39 HOH HOH A . 
E 5 HOH 2  302 88 HOH HOH A . 
E 5 HOH 3  303 22 HOH HOH A . 
E 5 HOH 4  304 40 HOH HOH A . 
E 5 HOH 5  305 87 HOH HOH A . 
E 5 HOH 6  306 51 HOH HOH A . 
E 5 HOH 7  307 42 HOH HOH A . 
E 5 HOH 8  308 48 HOH HOH A . 
E 5 HOH 9  309 41 HOH HOH A . 
E 5 HOH 10 310 43 HOH HOH A . 
E 5 HOH 11 311 65 HOH HOH A . 
E 5 HOH 12 312 25 HOH HOH A . 
E 5 HOH 13 313 67 HOH HOH A . 
E 5 HOH 14 314 46 HOH HOH A . 
E 5 HOH 15 315 10 HOH HOH A . 
E 5 HOH 16 316 9  HOH HOH A . 
E 5 HOH 17 317 74 HOH HOH A . 
E 5 HOH 18 318 53 HOH HOH A . 
E 5 HOH 19 319 2  HOH HOH A . 
E 5 HOH 20 320 44 HOH HOH A . 
E 5 HOH 21 321 83 HOH HOH A . 
E 5 HOH 22 322 29 HOH HOH A . 
E 5 HOH 23 323 18 HOH HOH A . 
E 5 HOH 24 324 1  HOH HOH A . 
E 5 HOH 25 325 6  HOH HOH A . 
E 5 HOH 26 326 23 HOH HOH A . 
E 5 HOH 27 327 27 HOH HOH A . 
E 5 HOH 28 328 26 HOH HOH A . 
E 5 HOH 29 329 69 HOH HOH A . 
E 5 HOH 30 330 17 HOH HOH A . 
E 5 HOH 31 331 59 HOH HOH A . 
E 5 HOH 32 332 57 HOH HOH A . 
E 5 HOH 33 333 71 HOH HOH A . 
E 5 HOH 34 334 66 HOH HOH A . 
E 5 HOH 35 335 50 HOH HOH A . 
E 5 HOH 36 336 3  HOH HOH A . 
E 5 HOH 37 337 21 HOH HOH A . 
E 5 HOH 38 338 14 HOH HOH A . 
E 5 HOH 39 339 64 HOH HOH A . 
E 5 HOH 40 340 4  HOH HOH A . 
E 5 HOH 41 341 68 HOH HOH A . 
E 5 HOH 42 342 12 HOH HOH A . 
E 5 HOH 43 343 89 HOH HOH A . 
E 5 HOH 44 344 60 HOH HOH A . 
E 5 HOH 45 345 31 HOH HOH A . 
E 5 HOH 46 346 7  HOH HOH A . 
E 5 HOH 47 347 45 HOH HOH A . 
E 5 HOH 48 348 73 HOH HOH A . 
E 5 HOH 49 349 61 HOH HOH A . 
E 5 HOH 50 350 11 HOH HOH A . 
E 5 HOH 51 351 20 HOH HOH A . 
E 5 HOH 52 352 36 HOH HOH A . 
E 5 HOH 53 353 91 HOH HOH A . 
E 5 HOH 54 354 93 HOH HOH A . 
E 5 HOH 55 355 16 HOH HOH A . 
E 5 HOH 56 356 35 HOH HOH A . 
E 5 HOH 57 357 32 HOH HOH A . 
E 5 HOH 58 358 33 HOH HOH A . 
E 5 HOH 59 359 72 HOH HOH A . 
E 5 HOH 60 360 5  HOH HOH A . 
E 5 HOH 61 361 84 HOH HOH A . 
E 5 HOH 62 362 30 HOH HOH A . 
E 5 HOH 63 363 55 HOH HOH A . 
E 5 HOH 64 364 13 HOH HOH A . 
E 5 HOH 65 365 70 HOH HOH A . 
E 5 HOH 66 366 47 HOH HOH A . 
E 5 HOH 67 367 90 HOH HOH A . 
E 5 HOH 68 368 28 HOH HOH A . 
E 5 HOH 69 369 58 HOH HOH A . 
E 5 HOH 70 370 85 HOH HOH A . 
E 5 HOH 71 371 79 HOH HOH A . 
E 5 HOH 72 372 19 HOH HOH A . 
E 5 HOH 73 373 63 HOH HOH A . 
E 5 HOH 74 374 62 HOH HOH A . 
E 5 HOH 75 375 24 HOH HOH A . 
E 5 HOH 76 376 86 HOH HOH A . 
E 5 HOH 77 377 49 HOH HOH A . 
E 5 HOH 78 378 15 HOH HOH A . 
E 5 HOH 79 379 52 HOH HOH A . 
E 5 HOH 80 380 38 HOH HOH A . 
E 5 HOH 81 381 82 HOH HOH A . 
E 5 HOH 82 382 80 HOH HOH A . 
E 5 HOH 83 383 8  HOH HOH A . 
E 5 HOH 84 384 37 HOH HOH A . 
E 5 HOH 85 385 81 HOH HOH A . 
E 5 HOH 86 386 94 HOH HOH A . 
E 5 HOH 87 387 75 HOH HOH A . 
E 5 HOH 88 388 76 HOH HOH A . 
E 5 HOH 89 389 56 HOH HOH A . 
E 5 HOH 90 390 78 HOH HOH A . 
E 5 HOH 91 391 92 HOH HOH A . 
E 5 HOH 92 392 54 HOH HOH A . 
E 5 HOH 93 393 34 HOH HOH A . 
E 5 HOH 94 394 77 HOH HOH A . 
# 
loop_
_software.citation_id 
_software.classification 
_software.compiler_name 
_software.compiler_version 
_software.contact_author 
_software.contact_author_email 
_software.date 
_software.description 
_software.dependencies 
_software.hardware 
_software.language 
_software.location 
_software.mods 
_software.name 
_software.os 
_software.os_version 
_software.type 
_software.version 
_software.pdbx_ordinal 
? refinement        ? ? ? ? ? ? ? ? ? ? ? REFMAC      ? ? ? 5.8.0253                              1 
? 'data extraction' ? ? ? ? ? ? ? ? ? ? ? PDB_EXTRACT ? ? ? 3.27                                  2 
? 'data processing' ? ? ? ? ? ? ? ? ? ? ? XDS         ? ? ? 'VERSION Mar 15, 2019 BUILT=20190806' 3 
? 'data reduction'  ? ? ? ? ? ? ? ? ? ? ? Aimless     ? ? ? 0.7.4                                 4 
? 'data scaling'    ? ? ? ? ? ? ? ? ? ? ? STARANISO   ? ? ? 2.2.19                                5 
? refinement        ? ? ? ? ? ? ? ? ? ? ? REFMAC      ? ? ? 5.8.0253                              6 
? phasing           ? ? ? ? ? ? ? ? ? ? ? REFMAC      ? ? ? 5.8.0253                              7 
# 
_cell.angle_alpha                  90.000 
_cell.angle_alpha_esd              ? 
_cell.angle_beta                   90.000 
_cell.angle_beta_esd               ? 
_cell.angle_gamma                  120.000 
_cell.angle_gamma_esd              ? 
_cell.entry_id                     7BDE 
_cell.details                      ? 
_cell.formula_units_Z              ? 
_cell.length_a                     49.251 
_cell.length_a_esd                 ? 
_cell.length_b                     49.251 
_cell.length_b_esd                 ? 
_cell.length_c                     124.409 
_cell.length_c_esd                 ? 
_cell.volume                       ? 
_cell.volume_esd                   ? 
_cell.Z_PDB                        6 
_cell.reciprocal_angle_alpha       ? 
_cell.reciprocal_angle_beta        ? 
_cell.reciprocal_angle_gamma       ? 
_cell.reciprocal_angle_alpha_esd   ? 
_cell.reciprocal_angle_beta_esd    ? 
_cell.reciprocal_angle_gamma_esd   ? 
_cell.reciprocal_length_a          ? 
_cell.reciprocal_length_b          ? 
_cell.reciprocal_length_c          ? 
_cell.reciprocal_length_a_esd      ? 
_cell.reciprocal_length_b_esd      ? 
_cell.reciprocal_length_c_esd      ? 
_cell.pdbx_unique_axis             ? 
# 
_symmetry.entry_id                         7BDE 
_symmetry.cell_setting                     ? 
_symmetry.Int_Tables_number                154 
_symmetry.space_group_name_Hall            ? 
_symmetry.space_group_name_H-M             'P 32 2 1' 
_symmetry.pdbx_full_space_group_name_H-M   ? 
# 
_exptl.absorpt_coefficient_mu     ? 
_exptl.absorpt_correction_T_max   ? 
_exptl.absorpt_correction_T_min   ? 
_exptl.absorpt_correction_type    ? 
_exptl.absorpt_process_details    ? 
_exptl.entry_id                   7BDE 
_exptl.crystals_number            1 
_exptl.details                    ? 
_exptl.method                     'X-RAY DIFFRACTION' 
_exptl.method_details             ? 
# 
_exptl_crystal.colour                      ? 
_exptl_crystal.density_diffrn              ? 
_exptl_crystal.density_Matthews            2.80 
_exptl_crystal.density_method              ? 
_exptl_crystal.density_percent_sol         56.07 
_exptl_crystal.description                 ? 
_exptl_crystal.F_000                       ? 
_exptl_crystal.id                          1 
_exptl_crystal.preparation                 ? 
_exptl_crystal.size_max                    ? 
_exptl_crystal.size_mid                    ? 
_exptl_crystal.size_min                    ? 
_exptl_crystal.size_rad                    ? 
_exptl_crystal.colour_lustre               ? 
_exptl_crystal.colour_modifier             ? 
_exptl_crystal.colour_primary              ? 
_exptl_crystal.density_meas                ? 
_exptl_crystal.density_meas_esd            ? 
_exptl_crystal.density_meas_gt             ? 
_exptl_crystal.density_meas_lt             ? 
_exptl_crystal.density_meas_temp           ? 
_exptl_crystal.density_meas_temp_esd       ? 
_exptl_crystal.density_meas_temp_gt        ? 
_exptl_crystal.density_meas_temp_lt        ? 
_exptl_crystal.pdbx_crystal_image_url      ? 
_exptl_crystal.pdbx_crystal_image_format   ? 
_exptl_crystal.pdbx_mosaicity              ? 
_exptl_crystal.pdbx_mosaicity_esd          ? 
# 
_exptl_crystal_grow.apparatus       ? 
_exptl_crystal_grow.atmosphere      ? 
_exptl_crystal_grow.crystal_id      1 
_exptl_crystal_grow.details         ? 
_exptl_crystal_grow.method          'VAPOR DIFFUSION, SITTING DROP' 
_exptl_crystal_grow.method_ref      ? 
_exptl_crystal_grow.pH              ? 
_exptl_crystal_grow.pressure        ? 
_exptl_crystal_grow.pressure_esd    ? 
_exptl_crystal_grow.seeding         ? 
_exptl_crystal_grow.seeding_ref     ? 
_exptl_crystal_grow.temp            293 
_exptl_crystal_grow.temp_details    ? 
_exptl_crystal_grow.temp_esd        ? 
_exptl_crystal_grow.time            ? 
_exptl_crystal_grow.pdbx_details    'PEG3350, Glycerol, BisTris Propane' 
_exptl_crystal_grow.pdbx_pH_range   7.0-8.0 
# 
_diffrn.ambient_environment              ? 
_diffrn.ambient_temp                     100 
_diffrn.ambient_temp_details             ? 
_diffrn.ambient_temp_esd                 ? 
_diffrn.crystal_id                       1 
_diffrn.crystal_support                  ? 
_diffrn.crystal_treatment                ? 
_diffrn.details                          ? 
_diffrn.id                               1 
_diffrn.ambient_pressure                 ? 
_diffrn.ambient_pressure_esd             ? 
_diffrn.ambient_pressure_gt              ? 
_diffrn.ambient_pressure_lt              ? 
_diffrn.ambient_temp_gt                  ? 
_diffrn.ambient_temp_lt                  ? 
_diffrn.pdbx_serial_crystal_experiment   N 
# 
_diffrn_detector.details                      ? 
_diffrn_detector.detector                     CCD 
_diffrn_detector.diffrn_id                    1 
_diffrn_detector.type                         'RIGAKU SATURN A200' 
_diffrn_detector.area_resol_mean              ? 
_diffrn_detector.dtime                        ? 
_diffrn_detector.pdbx_frames_total            ? 
_diffrn_detector.pdbx_collection_time_total   ? 
_diffrn_detector.pdbx_collection_date         2019-08-23 
_diffrn_detector.pdbx_frequency               ? 
# 
_diffrn_radiation.collimation                      ? 
_diffrn_radiation.diffrn_id                        1 
_diffrn_radiation.filter_edge                      ? 
_diffrn_radiation.inhomogeneity                    ? 
_diffrn_radiation.monochromator                    'Ni filter' 
_diffrn_radiation.polarisn_norm                    ? 
_diffrn_radiation.polarisn_ratio                   ? 
_diffrn_radiation.probe                            ? 
_diffrn_radiation.type                             ? 
_diffrn_radiation.xray_symbol                      ? 
_diffrn_radiation.wavelength_id                    1 
_diffrn_radiation.pdbx_monochromatic_or_laue_m_l   M 
_diffrn_radiation.pdbx_wavelength_list             ? 
_diffrn_radiation.pdbx_wavelength                  ? 
_diffrn_radiation.pdbx_diffrn_protocol             'SINGLE WAVELENGTH' 
_diffrn_radiation.pdbx_analyzer                    ? 
_diffrn_radiation.pdbx_scattering_type             x-ray 
# 
_diffrn_radiation_wavelength.id           1 
_diffrn_radiation_wavelength.wavelength   1.541780 
_diffrn_radiation_wavelength.wt           1.0 
# 
_diffrn_source.current                     ? 
_diffrn_source.details                     ? 
_diffrn_source.diffrn_id                   1 
_diffrn_source.power                       ? 
_diffrn_source.size                        ? 
_diffrn_source.source                      'ROTATING ANODE' 
_diffrn_source.target                      ? 
_diffrn_source.type                        'RIGAKU FR-E+ SUPERBRIGHT' 
_diffrn_source.voltage                     ? 
_diffrn_source.take-off_angle              ? 
_diffrn_source.pdbx_wavelength_list        1.541780 
_diffrn_source.pdbx_wavelength             ? 
_diffrn_source.pdbx_synchrotron_beamline   ? 
_diffrn_source.pdbx_synchrotron_site       ? 
# 
_reflns.B_iso_Wilson_estimate            ? 
_reflns.entry_id                         7BDE 
_reflns.data_reduction_details           ? 
_reflns.data_reduction_method            ? 
_reflns.d_resolution_high                2.0440 
_reflns.d_resolution_low                 40.347 
_reflns.details                          ? 
_reflns.limit_h_max                      ? 
_reflns.limit_h_min                      ? 
_reflns.limit_k_max                      ? 
_reflns.limit_k_min                      ? 
_reflns.limit_l_max                      ? 
_reflns.limit_l_min                      ? 
_reflns.number_all                       ? 
_reflns.number_obs                       7572 
_reflns.observed_criterion               ? 
_reflns.observed_criterion_F_max         ? 
_reflns.observed_criterion_F_min         ? 
_reflns.observed_criterion_I_max         ? 
_reflns.observed_criterion_I_min         ? 
_reflns.observed_criterion_sigma_F       ? 
_reflns.observed_criterion_sigma_I       ? 
_reflns.percent_possible_obs             64.900 
_reflns.R_free_details                   ? 
_reflns.Rmerge_F_all                     ? 
_reflns.Rmerge_F_obs                     ? 
_reflns.Friedel_coverage                 ? 
_reflns.number_gt                        ? 
_reflns.threshold_expression             ? 
_reflns.pdbx_redundancy                  10.400 
_reflns.pdbx_Rmerge_I_obs                0.167 
_reflns.pdbx_Rmerge_I_all                ? 
_reflns.pdbx_Rsym_value                  0.167 
_reflns.pdbx_netI_over_av_sigmaI         ? 
_reflns.pdbx_netI_over_sigmaI            11.000 
_reflns.pdbx_res_netI_over_av_sigmaI_2   ? 
_reflns.pdbx_res_netI_over_sigmaI_2      ? 
_reflns.pdbx_chi_squared                 ? 
_reflns.pdbx_scaling_rejects             ? 
_reflns.pdbx_d_res_high_opt              ? 
_reflns.pdbx_d_res_low_opt               ? 
_reflns.pdbx_d_res_opt_method            ? 
_reflns.phase_calculation_details        ? 
_reflns.pdbx_Rrim_I_all                  ? 
_reflns.pdbx_Rpim_I_all                  ? 
_reflns.pdbx_d_opt                       ? 
_reflns.pdbx_number_measured_all         ? 
_reflns.pdbx_diffrn_id                   1 
_reflns.pdbx_ordinal                     1 
_reflns.pdbx_CC_half                     ? 
_reflns.pdbx_CC_star                     ? 
_reflns.pdbx_R_split                     ? 
# 
_reflns_shell.d_res_high                  2.044 
_reflns_shell.d_res_low                   2.249 
_reflns_shell.meanI_over_sigI_all         ? 
_reflns_shell.meanI_over_sigI_obs         1.500 
_reflns_shell.number_measured_all         ? 
_reflns_shell.number_measured_obs         ? 
_reflns_shell.number_possible             ? 
_reflns_shell.number_unique_all           ? 
_reflns_shell.number_unique_obs           379 
_reflns_shell.percent_possible_all        13.300 
_reflns_shell.percent_possible_obs        ? 
_reflns_shell.Rmerge_F_all                ? 
_reflns_shell.Rmerge_F_obs                ? 
_reflns_shell.Rmerge_I_all                ? 
_reflns_shell.Rmerge_I_obs                2.195 
_reflns_shell.meanI_over_sigI_gt          ? 
_reflns_shell.meanI_over_uI_all           ? 
_reflns_shell.meanI_over_uI_gt            ? 
_reflns_shell.number_measured_gt          ? 
_reflns_shell.number_unique_gt            ? 
_reflns_shell.percent_possible_gt         ? 
_reflns_shell.Rmerge_F_gt                 ? 
_reflns_shell.Rmerge_I_gt                 ? 
_reflns_shell.pdbx_redundancy             10.000 
_reflns_shell.pdbx_Rsym_value             2.195 
_reflns_shell.pdbx_chi_squared            ? 
_reflns_shell.pdbx_netI_over_sigmaI_all   ? 
_reflns_shell.pdbx_netI_over_sigmaI_obs   ? 
_reflns_shell.pdbx_Rrim_I_all             2.314 
_reflns_shell.pdbx_Rpim_I_all             0.717 
_reflns_shell.pdbx_rejects                ? 
_reflns_shell.pdbx_ordinal                1 
_reflns_shell.pdbx_diffrn_id              1 
_reflns_shell.pdbx_CC_half                0.784 
_reflns_shell.pdbx_CC_star                ? 
_reflns_shell.pdbx_R_split                ? 
# 
_refine.aniso_B[1][1]                            0.0500 
_refine.aniso_B[1][2]                            0.0200 
_refine.aniso_B[1][3]                            0.0000 
_refine.aniso_B[2][2]                            0.0500 
_refine.aniso_B[2][3]                            -0.0000 
_refine.aniso_B[3][3]                            -0.1500 
_refine.B_iso_max                                136.620 
_refine.B_iso_mean                               47.0560 
_refine.B_iso_min                                26.640 
_refine.correlation_coeff_Fo_to_Fc               0.9670 
_refine.correlation_coeff_Fo_to_Fc_free          0.9250 
_refine.details                                  
'HYDROGENS HAVE BEEN ADDED IN THE RIDING POSITIONS U VALUES      : REFINED INDIVIDUALLY' 
_refine.diff_density_max                         ? 
_refine.diff_density_max_esd                     ? 
_refine.diff_density_min                         ? 
_refine.diff_density_min_esd                     ? 
_refine.diff_density_rms                         ? 
_refine.diff_density_rms_esd                     ? 
_refine.entry_id                                 7BDE 
_refine.pdbx_refine_id                           'X-RAY DIFFRACTION' 
_refine.ls_abs_structure_details                 ? 
_refine.ls_abs_structure_Flack                   ? 
_refine.ls_abs_structure_Flack_esd               ? 
_refine.ls_abs_structure_Rogers                  ? 
_refine.ls_abs_structure_Rogers_esd              ? 
_refine.ls_d_res_high                            2.0440 
_refine.ls_d_res_low                             20.0000 
_refine.ls_extinction_coef                       ? 
_refine.ls_extinction_coef_esd                   ? 
_refine.ls_extinction_expression                 ? 
_refine.ls_extinction_method                     ? 
_refine.ls_goodness_of_fit_all                   ? 
_refine.ls_goodness_of_fit_all_esd               ? 
_refine.ls_goodness_of_fit_obs                   ? 
_refine.ls_goodness_of_fit_obs_esd               ? 
_refine.ls_hydrogen_treatment                    ? 
_refine.ls_matrix_type                           ? 
_refine.ls_number_constraints                    ? 
_refine.ls_number_parameters                     ? 
_refine.ls_number_reflns_all                     ? 
_refine.ls_number_reflns_obs                     7062 
_refine.ls_number_reflns_R_free                  377 
_refine.ls_number_reflns_R_work                  ? 
_refine.ls_number_restraints                     ? 
_refine.ls_percent_reflns_obs                    63.7400 
_refine.ls_percent_reflns_R_free                 5.1000 
_refine.ls_R_factor_all                          ? 
_refine.ls_R_factor_obs                          0.1834 
_refine.ls_R_factor_R_free                       0.2410 
_refine.ls_R_factor_R_free_error                 ? 
_refine.ls_R_factor_R_free_error_details         ? 
_refine.ls_R_factor_R_work                       0.1802 
_refine.ls_R_Fsqd_factor_obs                     ? 
_refine.ls_R_I_factor_obs                        ? 
_refine.ls_redundancy_reflns_all                 ? 
_refine.ls_redundancy_reflns_obs                 ? 
_refine.ls_restrained_S_all                      ? 
_refine.ls_restrained_S_obs                      ? 
_refine.ls_shift_over_esd_max                    ? 
_refine.ls_shift_over_esd_mean                   ? 
_refine.ls_structure_factor_coef                 ? 
_refine.ls_weighting_details                     ? 
_refine.ls_weighting_scheme                      ? 
_refine.ls_wR_factor_all                         ? 
_refine.ls_wR_factor_obs                         ? 
_refine.ls_wR_factor_R_free                      ? 
_refine.ls_wR_factor_R_work                      ? 
_refine.occupancy_max                            ? 
_refine.occupancy_min                            ? 
_refine.solvent_model_details                    'BABINET MODEL WITH MASK' 
_refine.solvent_model_param_bsol                 ? 
_refine.solvent_model_param_ksol                 ? 
_refine.pdbx_R_complete                          ? 
_refine.ls_R_factor_gt                           ? 
_refine.ls_goodness_of_fit_gt                    ? 
_refine.ls_goodness_of_fit_ref                   ? 
_refine.ls_shift_over_su_max                     ? 
_refine.ls_shift_over_su_max_lt                  ? 
_refine.ls_shift_over_su_mean                    ? 
_refine.ls_shift_over_su_mean_lt                 ? 
_refine.pdbx_ls_sigma_I                          ? 
_refine.pdbx_ls_sigma_F                          0.000 
_refine.pdbx_ls_sigma_Fsqd                       ? 
_refine.pdbx_data_cutoff_high_absF               ? 
_refine.pdbx_data_cutoff_high_rms_absF           ? 
_refine.pdbx_data_cutoff_low_absF                ? 
_refine.pdbx_isotropic_thermal_model             ? 
_refine.pdbx_ls_cross_valid_method               THROUGHOUT 
_refine.pdbx_method_to_determine_struct          'FOURIER SYNTHESIS' 
_refine.pdbx_starting_model                      'IN-HOUSE DERIVED' 
_refine.pdbx_stereochemistry_target_values       'MAXIMUM LIKELIHOOD' 
_refine.pdbx_R_Free_selection_details            RANDOM 
_refine.pdbx_stereochem_target_val_spec_case     ? 
_refine.pdbx_overall_ESU_R                       0.2940 
_refine.pdbx_overall_ESU_R_Free                  0.2340 
_refine.pdbx_solvent_vdw_probe_radii             1.2000 
_refine.pdbx_solvent_ion_probe_radii             0.8000 
_refine.pdbx_solvent_shrinkage_radii             0.8000 
_refine.pdbx_real_space_R                        ? 
_refine.pdbx_density_correlation                 ? 
_refine.pdbx_pd_number_of_powder_patterns        ? 
_refine.pdbx_pd_number_of_points                 ? 
_refine.pdbx_pd_meas_number_of_points            ? 
_refine.pdbx_pd_proc_ls_prof_R_factor            ? 
_refine.pdbx_pd_proc_ls_prof_wR_factor           ? 
_refine.pdbx_pd_Marquardt_correlation_coeff      ? 
_refine.pdbx_pd_Fsqrd_R_factor                   ? 
_refine.pdbx_pd_ls_matrix_band_width             ? 
_refine.pdbx_overall_phase_error                 ? 
_refine.pdbx_overall_SU_R_free_Cruickshank_DPI   ? 
_refine.pdbx_overall_SU_R_free_Blow_DPI          ? 
_refine.pdbx_overall_SU_R_Blow_DPI               ? 
_refine.pdbx_TLS_residual_ADP_flag               ? 
_refine.pdbx_diffrn_id                           1 
_refine.overall_SU_B                             7.8790 
_refine.overall_SU_ML                            0.1910 
_refine.overall_SU_R_Cruickshank_DPI             0.2939 
_refine.overall_SU_R_free                        ? 
_refine.overall_FOM_free_R_set                   ? 
_refine.overall_FOM_work_R_set                   ? 
_refine.pdbx_average_fsc_overall                 ? 
_refine.pdbx_average_fsc_work                    ? 
_refine.pdbx_average_fsc_free                    ? 
# 
_refine_hist.pdbx_refine_id                   'X-RAY DIFFRACTION' 
_refine_hist.cycle_id                         final 
_refine_hist.details                          ? 
_refine_hist.d_res_high                       2.0440 
_refine_hist.d_res_low                        20.0000 
_refine_hist.number_atoms_solvent             94 
_refine_hist.number_atoms_total               1140 
_refine_hist.number_reflns_all                ? 
_refine_hist.number_reflns_obs                ? 
_refine_hist.number_reflns_R_free             ? 
_refine_hist.number_reflns_R_work             ? 
_refine_hist.R_factor_all                     ? 
_refine_hist.R_factor_obs                     ? 
_refine_hist.R_factor_R_free                  ? 
_refine_hist.R_factor_R_work                  ? 
_refine_hist.pdbx_number_residues_total       126 
_refine_hist.pdbx_B_iso_mean_ligand           55.07 
_refine_hist.pdbx_B_iso_mean_solvent          50.88 
_refine_hist.pdbx_number_atoms_protein        1008 
_refine_hist.pdbx_number_atoms_nucleic_acid   0 
_refine_hist.pdbx_number_atoms_ligand         38 
_refine_hist.pdbx_number_atoms_lipid          ? 
_refine_hist.pdbx_number_atoms_carb           ? 
_refine_hist.pdbx_pseudo_atom_details         ? 
# 
loop_
_refine_ls_restr.pdbx_refine_id 
_refine_ls_restr.criterion 
_refine_ls_restr.dev_ideal 
_refine_ls_restr.dev_ideal_target 
_refine_ls_restr.number 
_refine_ls_restr.rejects 
_refine_ls_restr.type 
_refine_ls_restr.weight 
_refine_ls_restr.pdbx_restraint_function 
'X-RAY DIFFRACTION' ? 0.006  0.013  1062 ? r_bond_refined_d       ? ? 
'X-RAY DIFFRACTION' ? 0.001  0.017  1006 ? r_bond_other_d         ? ? 
'X-RAY DIFFRACTION' ? 1.409  1.623  1433 ? r_angle_refined_deg    ? ? 
'X-RAY DIFFRACTION' ? 1.191  1.596  2313 ? r_angle_other_deg      ? ? 
'X-RAY DIFFRACTION' ? 6.591  5.000  125  ? r_dihedral_angle_1_deg ? ? 
'X-RAY DIFFRACTION' ? 32.696 21.017 59   ? r_dihedral_angle_2_deg ? ? 
'X-RAY DIFFRACTION' ? 18.653 15.000 190  ? r_dihedral_angle_3_deg ? ? 
'X-RAY DIFFRACTION' ? 22.391 15.000 10   ? r_dihedral_angle_4_deg ? ? 
'X-RAY DIFFRACTION' ? 0.060  0.200  140  ? r_chiral_restr         ? ? 
'X-RAY DIFFRACTION' ? 0.004  0.020  1287 ? r_gen_planes_refined   ? ? 
'X-RAY DIFFRACTION' ? 0.001  0.020  235  ? r_gen_planes_other     ? ? 
# 
_refine_ls_shell.pdbx_refine_id                   'X-RAY DIFFRACTION' 
_refine_ls_shell.d_res_high                       2.0440 
_refine_ls_shell.d_res_low                        2.0960 
_refine_ls_shell.number_reflns_all                32 
_refine_ls_shell.number_reflns_obs                ? 
_refine_ls_shell.number_reflns_R_free             4 
_refine_ls_shell.number_reflns_R_work             28 
_refine_ls_shell.percent_reflns_obs               3.8700 
_refine_ls_shell.percent_reflns_R_free            ? 
_refine_ls_shell.R_factor_all                     ? 
_refine_ls_shell.R_factor_obs                     ? 
_refine_ls_shell.R_factor_R_free                  0.4030 
_refine_ls_shell.R_factor_R_free_error            0.0000 
_refine_ls_shell.R_factor_R_work                  0.4080 
_refine_ls_shell.redundancy_reflns_all            ? 
_refine_ls_shell.redundancy_reflns_obs            ? 
_refine_ls_shell.wR_factor_all                    ? 
_refine_ls_shell.wR_factor_obs                    ? 
_refine_ls_shell.wR_factor_R_free                 ? 
_refine_ls_shell.wR_factor_R_work                 ? 
_refine_ls_shell.pdbx_R_complete                  ? 
_refine_ls_shell.pdbx_total_number_of_bins_used   20 
_refine_ls_shell.pdbx_phase_error                 ? 
_refine_ls_shell.pdbx_fsc_work                    ? 
_refine_ls_shell.pdbx_fsc_free                    ? 
# 
_struct.entry_id                     7BDE 
_struct.title                        'HUMAN BCL6 BTB-DOMAIN IN COMPLEX WITH GSK137' 
_struct.pdbx_model_details           ? 
_struct.pdbx_formula_weight          ? 
_struct.pdbx_formula_weight_method   ? 
_struct.pdbx_model_type_details      ? 
_struct.pdbx_CASP_flag               N 
# 
_struct_keywords.entry_id        7BDE 
_struct_keywords.text            'BTB DOMAIN, B-CELL LYMPHOMA, TRANSCRIPTIONAL REPRESSION TRANSCRIPTION, INHIBITOR, TRANSCRIPTION' 
_struct_keywords.pdbx_keywords   TRANSCRIPTION 
# 
loop_
_struct_asym.id 
_struct_asym.pdbx_blank_PDB_chainid_flag 
_struct_asym.pdbx_modified 
_struct_asym.entity_id 
_struct_asym.details 
A N N 1 ? 
B N N 2 ? 
C N N 3 ? 
D N N 4 ? 
E N N 5 ? 
# 
_struct_ref.id                         1 
_struct_ref.db_name                    UNP 
_struct_ref.db_code                    BCL6_HUMAN 
_struct_ref.pdbx_db_accession          P41182 
_struct_ref.pdbx_db_isoform            P41182-2 
_struct_ref.entity_id                  1 
_struct_ref.pdbx_seq_one_letter_code   
;ADSCIQFTRHASDVLLNLNRLRSRDILTDVVIVVSREQFRAHKTVLMACSGLFYSIFTDQLKCNLSVINLDPEINPEGFC
ILLDFMYTSRLNLREGNIMAVMATAMYLQMEHVVDTCRKFIKASE
;
_struct_ref.pdbx_align_begin           5 
# 
_struct_ref_seq.align_id                      1 
_struct_ref_seq.ref_id                        1 
_struct_ref_seq.pdbx_PDB_id_code              7BDE 
_struct_ref_seq.pdbx_strand_id                A 
_struct_ref_seq.seq_align_beg                 3 
_struct_ref_seq.pdbx_seq_align_beg_ins_code   ? 
_struct_ref_seq.seq_align_end                 127 
_struct_ref_seq.pdbx_seq_align_end_ins_code   ? 
_struct_ref_seq.pdbx_db_accession             P41182 
_struct_ref_seq.db_align_beg                  5 
_struct_ref_seq.pdbx_db_align_beg_ins_code    ? 
_struct_ref_seq.db_align_end                  129 
_struct_ref_seq.pdbx_db_align_end_ins_code    ? 
_struct_ref_seq.pdbx_auth_seq_align_beg       5 
_struct_ref_seq.pdbx_auth_seq_align_end       129 
# 
loop_
_struct_ref_seq_dif.align_id 
_struct_ref_seq_dif.pdbx_pdb_id_code 
_struct_ref_seq_dif.mon_id 
_struct_ref_seq_dif.pdbx_pdb_strand_id 
_struct_ref_seq_dif.seq_num 
_struct_ref_seq_dif.pdbx_pdb_ins_code 
_struct_ref_seq_dif.pdbx_seq_db_name 
_struct_ref_seq_dif.pdbx_seq_db_accession_code 
_struct_ref_seq_dif.db_mon_id 
_struct_ref_seq_dif.pdbx_seq_db_seq_num 
_struct_ref_seq_dif.details 
_struct_ref_seq_dif.pdbx_auth_seq_num 
_struct_ref_seq_dif.pdbx_ordinal 
1 7BDE GLY A 1   ? UNP P41182 ?   ?  'expression tag'      3   1  
1 7BDE SER A 2   ? UNP P41182 ?   ?  'expression tag'      4   2  
1 7BDE GLN A 6   ? UNP P41182 CYS 8  'engineered mutation' 8   3  
1 7BDE ARG A 65  ? UNP P41182 CYS 67 'engineered mutation' 67  4  
1 7BDE ASN A 82  ? UNP P41182 CYS 84 'engineered mutation' 84  5  
1 7BDE ASP A 128 ? UNP P41182 ?   ?  'expression tag'      130 6  
1 7BDE TYR A 129 ? UNP P41182 ?   ?  'expression tag'      131 7  
1 7BDE LYS A 130 ? UNP P41182 ?   ?  'expression tag'      132 8  
1 7BDE ASP A 131 ? UNP P41182 ?   ?  'expression tag'      133 9  
1 7BDE ASP A 132 ? UNP P41182 ?   ?  'expression tag'      134 10 
1 7BDE ASP A 133 ? UNP P41182 ?   ?  'expression tag'      135 11 
1 7BDE ASP A 134 ? UNP P41182 ?   ?  'expression tag'      136 12 
1 7BDE LYS A 135 ? UNP P41182 ?   ?  'expression tag'      137 13 
# 
_pdbx_struct_assembly.id                   1 
_pdbx_struct_assembly.details              author_and_software_defined_assembly 
_pdbx_struct_assembly.method_details       PISA 
_pdbx_struct_assembly.oligomeric_details   dimeric 
_pdbx_struct_assembly.oligomeric_count     2 
# 
loop_
_pdbx_struct_assembly_prop.biol_id 
_pdbx_struct_assembly_prop.type 
_pdbx_struct_assembly_prop.value 
_pdbx_struct_assembly_prop.details 
1 'ABSA (A^2)' 5240  ? 
1 MORE         -21   ? 
1 'SSA (A^2)'  12960 ? 
# 
_pdbx_struct_assembly_gen.assembly_id       1 
_pdbx_struct_assembly_gen.oper_expression   1,2 
_pdbx_struct_assembly_gen.asym_id_list      A,B,C,D,E 
# 
_pdbx_struct_assembly_auth_evidence.id                     1 
_pdbx_struct_assembly_auth_evidence.assembly_id            1 
_pdbx_struct_assembly_auth_evidence.experimental_support   none 
_pdbx_struct_assembly_auth_evidence.details                ? 
# 
loop_
_pdbx_struct_oper_list.id 
_pdbx_struct_oper_list.type 
_pdbx_struct_oper_list.name 
_pdbx_struct_oper_list.symmetry_operation 
_pdbx_struct_oper_list.matrix[1][1] 
_pdbx_struct_oper_list.matrix[1][2] 
_pdbx_struct_oper_list.matrix[1][3] 
_pdbx_struct_oper_list.vector[1] 
_pdbx_struct_oper_list.matrix[2][1] 
_pdbx_struct_oper_list.matrix[2][2] 
_pdbx_struct_oper_list.matrix[2][3] 
_pdbx_struct_oper_list.vector[2] 
_pdbx_struct_oper_list.matrix[3][1] 
_pdbx_struct_oper_list.matrix[3][2] 
_pdbx_struct_oper_list.matrix[3][3] 
_pdbx_struct_oper_list.vector[3] 
1 'identity operation'         1_555 x,y,z             1.0000000000  0.0000000000 0.0000000000 0.0000000000  0.0000000000 1.0000000000  0.0000000000 0.0000000000  0.0000000000 0.0000000000 1.0000000000  0.0000000000  
2 'crystal symmetry operation' 5_675 x-y+1,-y+2,-z+1/3 -0.5433638670 0.6543055865 0.5259656904 18.7714946388 0.6543055865 -0.0624574588 0.7536466449 -5.6171722317 0.5259656904 0.7536466449 -0.3941786742 -9.3093440123 
# 
loop_
_struct_conf.conf_type_id 
_struct_conf.id 
_struct_conf.pdbx_PDB_helix_id 
_struct_conf.beg_label_comp_id 
_struct_conf.beg_label_asym_id 
_struct_conf.beg_label_seq_id 
_struct_conf.pdbx_beg_PDB_ins_code 
_struct_conf.end_label_comp_id 
_struct_conf.end_label_asym_id 
_struct_conf.end_label_seq_id 
_struct_conf.pdbx_end_PDB_ins_code 
_struct_conf.beg_auth_comp_id 
_struct_conf.beg_auth_asym_id 
_struct_conf.beg_auth_seq_id 
_struct_conf.end_auth_comp_id 
_struct_conf.end_auth_asym_id 
_struct_conf.end_auth_seq_id 
_struct_conf.pdbx_PDB_helix_class 
_struct_conf.details 
_struct_conf.pdbx_PDB_helix_length 
HELX_P HELX_P1 AA1 ARG A 11  ? ARG A 26  ? ARG A 13  ARG A 28  1 ? 16 
HELX_P HELX_P2 AA2 HIS A 44  ? SER A 52  ? HIS A 46  SER A 54  1 ? 9  
HELX_P HELX_P3 AA3 SER A 52  ? ASP A 61  ? SER A 54  ASP A 63  1 ? 10 
HELX_P HELX_P4 AA4 LEU A 63  ? LEU A 67  ? LEU A 65  LEU A 69  5 ? 5  
HELX_P HELX_P5 AA5 ASN A 77  ? SER A 91  ? ASN A 79  SER A 93  1 ? 15 
HELX_P HELX_P6 AA6 ASN A 99  ? LEU A 110 ? ASN A 101 LEU A 112 1 ? 12 
HELX_P HELX_P7 AA7 MET A 112 ? SER A 126 ? MET A 114 SER A 128 1 ? 15 
# 
_struct_conf_type.id          HELX_P 
_struct_conf_type.criteria    ? 
_struct_conf_type.reference   ? 
# 
_struct_sheet.id               AA1 
_struct_sheet.type             ? 
_struct_sheet.number_strands   3 
_struct_sheet.details          ? 
# 
loop_
_struct_sheet_order.sheet_id 
_struct_sheet_order.range_id_1 
_struct_sheet_order.range_id_2 
_struct_sheet_order.offset 
_struct_sheet_order.sense 
AA1 1 2 ? anti-parallel 
AA1 2 3 ? parallel      
# 
loop_
_struct_sheet_range.sheet_id 
_struct_sheet_range.id 
_struct_sheet_range.beg_label_comp_id 
_struct_sheet_range.beg_label_asym_id 
_struct_sheet_range.beg_label_seq_id 
_struct_sheet_range.pdbx_beg_PDB_ins_code 
_struct_sheet_range.end_label_comp_id 
_struct_sheet_range.end_label_asym_id 
_struct_sheet_range.end_label_seq_id 
_struct_sheet_range.pdbx_end_PDB_ins_code 
_struct_sheet_range.beg_auth_comp_id 
_struct_sheet_range.beg_auth_asym_id 
_struct_sheet_range.beg_auth_seq_id 
_struct_sheet_range.end_auth_comp_id 
_struct_sheet_range.end_auth_asym_id 
_struct_sheet_range.end_auth_seq_id 
AA1 1 GLU A 39 ? ALA A 43 ? GLU A 41 ALA A 45 
AA1 2 VAL A 32 ? VAL A 36 ? VAL A 34 VAL A 38 
AA1 3 VAL A 69 ? ASN A 71 ? VAL A 71 ASN A 73 
# 
loop_
_pdbx_struct_sheet_hbond.sheet_id 
_pdbx_struct_sheet_hbond.range_id_1 
_pdbx_struct_sheet_hbond.range_id_2 
_pdbx_struct_sheet_hbond.range_1_label_atom_id 
_pdbx_struct_sheet_hbond.range_1_label_comp_id 
_pdbx_struct_sheet_hbond.range_1_label_asym_id 
_pdbx_struct_sheet_hbond.range_1_label_seq_id 
_pdbx_struct_sheet_hbond.range_1_PDB_ins_code 
_pdbx_struct_sheet_hbond.range_1_auth_atom_id 
_pdbx_struct_sheet_hbond.range_1_auth_comp_id 
_pdbx_struct_sheet_hbond.range_1_auth_asym_id 
_pdbx_struct_sheet_hbond.range_1_auth_seq_id 
_pdbx_struct_sheet_hbond.range_2_label_atom_id 
_pdbx_struct_sheet_hbond.range_2_label_comp_id 
_pdbx_struct_sheet_hbond.range_2_label_asym_id 
_pdbx_struct_sheet_hbond.range_2_label_seq_id 
_pdbx_struct_sheet_hbond.range_2_PDB_ins_code 
_pdbx_struct_sheet_hbond.range_2_auth_atom_id 
_pdbx_struct_sheet_hbond.range_2_auth_comp_id 
_pdbx_struct_sheet_hbond.range_2_auth_asym_id 
_pdbx_struct_sheet_hbond.range_2_auth_seq_id 
AA1 1 2 O PHE A 41 ? O PHE A 43 N ILE A 34 ? N ILE A 36 
AA1 2 3 N VAL A 35 ? N VAL A 37 O ILE A 70 ? O ILE A 72 
# 
loop_
_struct_site.id 
_struct_site.pdbx_evidence_code 
_struct_site.pdbx_auth_asym_id 
_struct_site.pdbx_auth_comp_id 
_struct_site.pdbx_auth_seq_id 
_struct_site.pdbx_auth_ins_code 
_struct_site.pdbx_num_residues 
_struct_site.details 
AC1 Software A TEQ 201 ? 11 'binding site for residue TEQ A 201' 
AC2 Software A GOL 202 ? 2  'binding site for residue GOL A 202' 
AC3 Software A DMS 203 ? 3  'binding site for residue DMS A 203' 
# 
loop_
_struct_site_gen.id 
_struct_site_gen.site_id 
_struct_site_gen.pdbx_num_res 
_struct_site_gen.label_comp_id 
_struct_site_gen.label_asym_id 
_struct_site_gen.label_seq_id 
_struct_site_gen.pdbx_auth_ins_code 
_struct_site_gen.auth_comp_id 
_struct_site_gen.auth_asym_id 
_struct_site_gen.auth_seq_id 
_struct_site_gen.label_atom_id 
_struct_site_gen.label_alt_id 
_struct_site_gen.symmetry 
_struct_site_gen.details 
1  AC1 11 ASN A 19  ? ASN A 21  . ? 5_675 ? 
2  AC1 11 ARG A 22  ? ARG A 24  . ? 5_675 ? 
3  AC1 11 LEU A 23  ? LEU A 25  . ? 5_675 ? 
4  AC1 11 MET A 49  ? MET A 51  . ? 1_555 ? 
5  AC1 11 ALA A 50  ? ALA A 52  . ? 1_555 ? 
6  AC1 11 CYS A 51  ? CYS A 53  . ? 1_555 ? 
7  AC1 11 GLY A 53  ? GLY A 55  . ? 1_555 ? 
8  AC1 11 TYR A 56  ? TYR A 58  . ? 1_555 ? 
9  AC1 11 GLN A 111 ? GLN A 113 . ? 1_555 ? 
10 AC1 11 GLU A 113 ? GLU A 115 . ? 1_555 ? 
11 AC1 11 HOH E .   ? HOH A 322 . ? 1_555 ? 
12 AC2 2  ASP A 61  ? ASP A 63  . ? 1_555 ? 
13 AC2 2  LYS A 64  ? LYS A 66  . ? 1_555 ? 
14 AC3 3  ASP A 73  ? ASP A 75  . ? 1_555 ? 
15 AC3 3  GLU A 75  ? GLU A 77  . ? 1_555 ? 
16 AC3 3  ILE A 76  ? ILE A 78  . ? 1_555 ? 
# 
_pdbx_validate_close_contact.id               1 
_pdbx_validate_close_contact.PDB_model_num    1 
_pdbx_validate_close_contact.auth_atom_id_1   O 
_pdbx_validate_close_contact.auth_asym_id_1   A 
_pdbx_validate_close_contact.auth_comp_id_1   HOH 
_pdbx_validate_close_contact.auth_seq_id_1    345 
_pdbx_validate_close_contact.PDB_ins_code_1   ? 
_pdbx_validate_close_contact.label_alt_id_1   ? 
_pdbx_validate_close_contact.auth_atom_id_2   O 
_pdbx_validate_close_contact.auth_asym_id_2   A 
_pdbx_validate_close_contact.auth_comp_id_2   HOH 
_pdbx_validate_close_contact.auth_seq_id_2    365 
_pdbx_validate_close_contact.PDB_ins_code_2   ? 
_pdbx_validate_close_contact.label_alt_id_2   ? 
_pdbx_validate_close_contact.dist             2.15 
# 
loop_
_pdbx_validate_torsion.id 
_pdbx_validate_torsion.PDB_model_num 
_pdbx_validate_torsion.auth_comp_id 
_pdbx_validate_torsion.auth_asym_id 
_pdbx_validate_torsion.auth_seq_id 
_pdbx_validate_torsion.PDB_ins_code 
_pdbx_validate_torsion.label_alt_id 
_pdbx_validate_torsion.phi 
_pdbx_validate_torsion.psi 
1 1 SER A 39  ? ? 46.80   -102.93 
2 1 ASP A 75  ? ? -39.81  132.58  
3 1 MET A 114 ? ? -117.97 73.60   
# 
_pdbx_struct_special_symmetry.id              1 
_pdbx_struct_special_symmetry.PDB_model_num   1 
_pdbx_struct_special_symmetry.auth_asym_id    A 
_pdbx_struct_special_symmetry.auth_comp_id    HOH 
_pdbx_struct_special_symmetry.auth_seq_id     390 
_pdbx_struct_special_symmetry.PDB_ins_code    ? 
_pdbx_struct_special_symmetry.label_asym_id   E 
_pdbx_struct_special_symmetry.label_comp_id   HOH 
_pdbx_struct_special_symmetry.label_seq_id    . 
# 
_pdbx_entry_details.entry_id                 7BDE 
_pdbx_entry_details.has_ligand_of_interest   Y 
_pdbx_entry_details.compound_details         ? 
_pdbx_entry_details.source_details           ? 
_pdbx_entry_details.nonpolymer_details       ? 
_pdbx_entry_details.sequence_details         ? 
# 
loop_
_pdbx_unobs_or_zero_occ_residues.id 
_pdbx_unobs_or_zero_occ_residues.PDB_model_num 
_pdbx_unobs_or_zero_occ_residues.polymer_flag 
_pdbx_unobs_or_zero_occ_residues.occupancy_flag 
_pdbx_unobs_or_zero_occ_residues.auth_asym_id 
_pdbx_unobs_or_zero_occ_residues.auth_comp_id 
_pdbx_unobs_or_zero_occ_residues.auth_seq_id 
_pdbx_unobs_or_zero_occ_residues.PDB_ins_code 
_pdbx_unobs_or_zero_occ_residues.label_asym_id 
_pdbx_unobs_or_zero_occ_residues.label_comp_id 
_pdbx_unobs_or_zero_occ_residues.label_seq_id 
1 1 Y 1 A GLU 129 ? A GLU 127 
2 1 Y 1 A ASP 130 ? A ASP 128 
3 1 Y 1 A TYR 131 ? A TYR 129 
4 1 Y 1 A LYS 132 ? A LYS 130 
5 1 Y 1 A ASP 133 ? A ASP 131 
6 1 Y 1 A ASP 134 ? A ASP 132 
7 1 Y 1 A ASP 135 ? A ASP 133 
8 1 Y 1 A ASP 136 ? A ASP 134 
9 1 Y 1 A LYS 137 ? A LYS 135 
# 
loop_
_chem_comp_atom.comp_id 
_chem_comp_atom.atom_id 
_chem_comp_atom.type_symbol 
_chem_comp_atom.pdbx_aromatic_flag 
_chem_comp_atom.pdbx_stereo_config 
_chem_comp_atom.pdbx_ordinal 
ALA N    N N N 1   
ALA CA   C N S 2   
ALA C    C N N 3   
ALA O    O N N 4   
ALA CB   C N N 5   
ALA OXT  O N N 6   
ALA H    H N N 7   
ALA H2   H N N 8   
ALA HA   H N N 9   
ALA HB1  H N N 10  
ALA HB2  H N N 11  
ALA HB3  H N N 12  
ALA HXT  H N N 13  
ARG N    N N N 14  
ARG CA   C N S 15  
ARG C    C N N 16  
ARG O    O N N 17  
ARG CB   C N N 18  
ARG CG   C N N 19  
ARG CD   C N N 20  
ARG NE   N N N 21  
ARG CZ   C N N 22  
ARG NH1  N N N 23  
ARG NH2  N N N 24  
ARG OXT  O N N 25  
ARG H    H N N 26  
ARG H2   H N N 27  
ARG HA   H N N 28  
ARG HB2  H N N 29  
ARG HB3  H N N 30  
ARG HG2  H N N 31  
ARG HG3  H N N 32  
ARG HD2  H N N 33  
ARG HD3  H N N 34  
ARG HE   H N N 35  
ARG HH11 H N N 36  
ARG HH12 H N N 37  
ARG HH21 H N N 38  
ARG HH22 H N N 39  
ARG HXT  H N N 40  
ASN N    N N N 41  
ASN CA   C N S 42  
ASN C    C N N 43  
ASN O    O N N 44  
ASN CB   C N N 45  
ASN CG   C N N 46  
ASN OD1  O N N 47  
ASN ND2  N N N 48  
ASN OXT  O N N 49  
ASN H    H N N 50  
ASN H2   H N N 51  
ASN HA   H N N 52  
ASN HB2  H N N 53  
ASN HB3  H N N 54  
ASN HD21 H N N 55  
ASN HD22 H N N 56  
ASN HXT  H N N 57  
ASP N    N N N 58  
ASP CA   C N S 59  
ASP C    C N N 60  
ASP O    O N N 61  
ASP CB   C N N 62  
ASP CG   C N N 63  
ASP OD1  O N N 64  
ASP OD2  O N N 65  
ASP OXT  O N N 66  
ASP H    H N N 67  
ASP H2   H N N 68  
ASP HA   H N N 69  
ASP HB2  H N N 70  
ASP HB3  H N N 71  
ASP HD2  H N N 72  
ASP HXT  H N N 73  
CYS N    N N N 74  
CYS CA   C N R 75  
CYS C    C N N 76  
CYS O    O N N 77  
CYS CB   C N N 78  
CYS SG   S N N 79  
CYS OXT  O N N 80  
CYS H    H N N 81  
CYS H2   H N N 82  
CYS HA   H N N 83  
CYS HB2  H N N 84  
CYS HB3  H N N 85  
CYS HG   H N N 86  
CYS HXT  H N N 87  
DMS S    S N N 88  
DMS O    O N N 89  
DMS C1   C N N 90  
DMS C2   C N N 91  
DMS H11  H N N 92  
DMS H12  H N N 93  
DMS H13  H N N 94  
DMS H21  H N N 95  
DMS H22  H N N 96  
DMS H23  H N N 97  
GLN N    N N N 98  
GLN CA   C N S 99  
GLN C    C N N 100 
GLN O    O N N 101 
GLN CB   C N N 102 
GLN CG   C N N 103 
GLN CD   C N N 104 
GLN OE1  O N N 105 
GLN NE2  N N N 106 
GLN OXT  O N N 107 
GLN H    H N N 108 
GLN H2   H N N 109 
GLN HA   H N N 110 
GLN HB2  H N N 111 
GLN HB3  H N N 112 
GLN HG2  H N N 113 
GLN HG3  H N N 114 
GLN HE21 H N N 115 
GLN HE22 H N N 116 
GLN HXT  H N N 117 
GLU N    N N N 118 
GLU CA   C N S 119 
GLU C    C N N 120 
GLU O    O N N 121 
GLU CB   C N N 122 
GLU CG   C N N 123 
GLU CD   C N N 124 
GLU OE1  O N N 125 
GLU OE2  O N N 126 
GLU OXT  O N N 127 
GLU H    H N N 128 
GLU H2   H N N 129 
GLU HA   H N N 130 
GLU HB2  H N N 131 
GLU HB3  H N N 132 
GLU HG2  H N N 133 
GLU HG3  H N N 134 
GLU HE2  H N N 135 
GLU HXT  H N N 136 
GLY N    N N N 137 
GLY CA   C N N 138 
GLY C    C N N 139 
GLY O    O N N 140 
GLY OXT  O N N 141 
GLY H    H N N 142 
GLY H2   H N N 143 
GLY HA2  H N N 144 
GLY HA3  H N N 145 
GLY HXT  H N N 146 
GOL C1   C N N 147 
GOL O1   O N N 148 
GOL C2   C N N 149 
GOL O2   O N N 150 
GOL C3   C N N 151 
GOL O3   O N N 152 
GOL H11  H N N 153 
GOL H12  H N N 154 
GOL HO1  H N N 155 
GOL H2   H N N 156 
GOL HO2  H N N 157 
GOL H31  H N N 158 
GOL H32  H N N 159 
GOL HO3  H N N 160 
HIS N    N N N 161 
HIS CA   C N S 162 
HIS C    C N N 163 
HIS O    O N N 164 
HIS CB   C N N 165 
HIS CG   C Y N 166 
HIS ND1  N Y N 167 
HIS CD2  C Y N 168 
HIS CE1  C Y N 169 
HIS NE2  N Y N 170 
HIS OXT  O N N 171 
HIS H    H N N 172 
HIS H2   H N N 173 
HIS HA   H N N 174 
HIS HB2  H N N 175 
HIS HB3  H N N 176 
HIS HD1  H N N 177 
HIS HD2  H N N 178 
HIS HE1  H N N 179 
HIS HE2  H N N 180 
HIS HXT  H N N 181 
HOH O    O N N 182 
HOH H1   H N N 183 
HOH H2   H N N 184 
ILE N    N N N 185 
ILE CA   C N S 186 
ILE C    C N N 187 
ILE O    O N N 188 
ILE CB   C N S 189 
ILE CG1  C N N 190 
ILE CG2  C N N 191 
ILE CD1  C N N 192 
ILE OXT  O N N 193 
ILE H    H N N 194 
ILE H2   H N N 195 
ILE HA   H N N 196 
ILE HB   H N N 197 
ILE HG12 H N N 198 
ILE HG13 H N N 199 
ILE HG21 H N N 200 
ILE HG22 H N N 201 
ILE HG23 H N N 202 
ILE HD11 H N N 203 
ILE HD12 H N N 204 
ILE HD13 H N N 205 
ILE HXT  H N N 206 
LEU N    N N N 207 
LEU CA   C N S 208 
LEU C    C N N 209 
LEU O    O N N 210 
LEU CB   C N N 211 
LEU CG   C N N 212 
LEU CD1  C N N 213 
LEU CD2  C N N 214 
LEU OXT  O N N 215 
LEU H    H N N 216 
LEU H2   H N N 217 
LEU HA   H N N 218 
LEU HB2  H N N 219 
LEU HB3  H N N 220 
LEU HG   H N N 221 
LEU HD11 H N N 222 
LEU HD12 H N N 223 
LEU HD13 H N N 224 
LEU HD21 H N N 225 
LEU HD22 H N N 226 
LEU HD23 H N N 227 
LEU HXT  H N N 228 
LYS N    N N N 229 
LYS CA   C N S 230 
LYS C    C N N 231 
LYS O    O N N 232 
LYS CB   C N N 233 
LYS CG   C N N 234 
LYS CD   C N N 235 
LYS CE   C N N 236 
LYS NZ   N N N 237 
LYS OXT  O N N 238 
LYS H    H N N 239 
LYS H2   H N N 240 
LYS HA   H N N 241 
LYS HB2  H N N 242 
LYS HB3  H N N 243 
LYS HG2  H N N 244 
LYS HG3  H N N 245 
LYS HD2  H N N 246 
LYS HD3  H N N 247 
LYS HE2  H N N 248 
LYS HE3  H N N 249 
LYS HZ1  H N N 250 
LYS HZ2  H N N 251 
LYS HZ3  H N N 252 
LYS HXT  H N N 253 
MET N    N N N 254 
MET CA   C N S 255 
MET C    C N N 256 
MET O    O N N 257 
MET CB   C N N 258 
MET CG   C N N 259 
MET SD   S N N 260 
MET CE   C N N 261 
MET OXT  O N N 262 
MET H    H N N 263 
MET H2   H N N 264 
MET HA   H N N 265 
MET HB2  H N N 266 
MET HB3  H N N 267 
MET HG2  H N N 268 
MET HG3  H N N 269 
MET HE1  H N N 270 
MET HE2  H N N 271 
MET HE3  H N N 272 
MET HXT  H N N 273 
PHE N    N N N 274 
PHE CA   C N S 275 
PHE C    C N N 276 
PHE O    O N N 277 
PHE CB   C N N 278 
PHE CG   C Y N 279 
PHE CD1  C Y N 280 
PHE CD2  C Y N 281 
PHE CE1  C Y N 282 
PHE CE2  C Y N 283 
PHE CZ   C Y N 284 
PHE OXT  O N N 285 
PHE H    H N N 286 
PHE H2   H N N 287 
PHE HA   H N N 288 
PHE HB2  H N N 289 
PHE HB3  H N N 290 
PHE HD1  H N N 291 
PHE HD2  H N N 292 
PHE HE1  H N N 293 
PHE HE2  H N N 294 
PHE HZ   H N N 295 
PHE HXT  H N N 296 
PRO N    N N N 297 
PRO CA   C N S 298 
PRO C    C N N 299 
PRO O    O N N 300 
PRO CB   C N N 301 
PRO CG   C N N 302 
PRO CD   C N N 303 
PRO OXT  O N N 304 
PRO H    H N N 305 
PRO HA   H N N 306 
PRO HB2  H N N 307 
PRO HB3  H N N 308 
PRO HG2  H N N 309 
PRO HG3  H N N 310 
PRO HD2  H N N 311 
PRO HD3  H N N 312 
PRO HXT  H N N 313 
SER N    N N N 314 
SER CA   C N S 315 
SER C    C N N 316 
SER O    O N N 317 
SER CB   C N N 318 
SER OG   O N N 319 
SER OXT  O N N 320 
SER H    H N N 321 
SER H2   H N N 322 
SER HA   H N N 323 
SER HB2  H N N 324 
SER HB3  H N N 325 
SER HG   H N N 326 
SER HXT  H N N 327 
TEQ N1   N N N 328 
TEQ N3   N Y N 329 
TEQ C4   C Y N 330 
TEQ C5   C Y N 331 
TEQ C6   C N R 332 
TEQ C7   C N N 333 
TEQ C8   C N S 334 
TEQ C10  C Y N 335 
TEQ C13  C Y N 336 
TEQ C15  C Y N 337 
TEQ C17  C Y N 338 
TEQ C20  C Y N 339 
TEQ F    F N N 340 
TEQ C11  C Y N 341 
TEQ N2   N Y N 342 
TEQ C3   C Y N 343 
TEQ C2   C Y N 344 
TEQ N    N Y N 345 
TEQ C1   C Y N 346 
TEQ C    C N N 347 
TEQ C9   C Y N 348 
TEQ C12  C Y N 349 
TEQ C19  C Y N 350 
TEQ C18  C Y N 351 
TEQ N5   N N N 352 
TEQ N4   N Y N 353 
TEQ C16  C Y N 354 
TEQ C14  C Y N 355 
TEQ H1   H N N 356 
TEQ H2   H N N 357 
TEQ H3   H N N 358 
TEQ H4   H N N 359 
TEQ H5   H N N 360 
TEQ H6   H N N 361 
TEQ H7   H N N 362 
TEQ H8   H N N 363 
TEQ H9   H N N 364 
TEQ H10  H N N 365 
TEQ H11  H N N 366 
TEQ H12  H N N 367 
TEQ H13  H N N 368 
TEQ H14  H N N 369 
TEQ H15  H N N 370 
TEQ H16  H N N 371 
TEQ H17  H N N 372 
TEQ H18  H N N 373 
TEQ H19  H N N 374 
THR N    N N N 375 
THR CA   C N S 376 
THR C    C N N 377 
THR O    O N N 378 
THR CB   C N R 379 
THR OG1  O N N 380 
THR CG2  C N N 381 
THR OXT  O N N 382 
THR H    H N N 383 
THR H2   H N N 384 
THR HA   H N N 385 
THR HB   H N N 386 
THR HG1  H N N 387 
THR HG21 H N N 388 
THR HG22 H N N 389 
THR HG23 H N N 390 
THR HXT  H N N 391 
TYR N    N N N 392 
TYR CA   C N S 393 
TYR C    C N N 394 
TYR O    O N N 395 
TYR CB   C N N 396 
TYR CG   C Y N 397 
TYR CD1  C Y N 398 
TYR CD2  C Y N 399 
TYR CE1  C Y N 400 
TYR CE2  C Y N 401 
TYR CZ   C Y N 402 
TYR OH   O N N 403 
TYR OXT  O N N 404 
TYR H    H N N 405 
TYR H2   H N N 406 
TYR HA   H N N 407 
TYR HB2  H N N 408 
TYR HB3  H N N 409 
TYR HD1  H N N 410 
TYR HD2  H N N 411 
TYR HE1  H N N 412 
TYR HE2  H N N 413 
TYR HH   H N N 414 
TYR HXT  H N N 415 
VAL N    N N N 416 
VAL CA   C N S 417 
VAL C    C N N 418 
VAL O    O N N 419 
VAL CB   C N N 420 
VAL CG1  C N N 421 
VAL CG2  C N N 422 
VAL OXT  O N N 423 
VAL H    H N N 424 
VAL H2   H N N 425 
VAL HA   H N N 426 
VAL HB   H N N 427 
VAL HG11 H N N 428 
VAL HG12 H N N 429 
VAL HG13 H N N 430 
VAL HG21 H N N 431 
VAL HG22 H N N 432 
VAL HG23 H N N 433 
VAL HXT  H N N 434 
# 
loop_
_chem_comp_bond.comp_id 
_chem_comp_bond.atom_id_1 
_chem_comp_bond.atom_id_2 
_chem_comp_bond.value_order 
_chem_comp_bond.pdbx_aromatic_flag 
_chem_comp_bond.pdbx_stereo_config 
_chem_comp_bond.pdbx_ordinal 
ALA N   CA   sing N N 1   
ALA N   H    sing N N 2   
ALA N   H2   sing N N 3   
ALA CA  C    sing N N 4   
ALA CA  CB   sing N N 5   
ALA CA  HA   sing N N 6   
ALA C   O    doub N N 7   
ALA C   OXT  sing N N 8   
ALA CB  HB1  sing N N 9   
ALA CB  HB2  sing N N 10  
ALA CB  HB3  sing N N 11  
ALA OXT HXT  sing N N 12  
ARG N   CA   sing N N 13  
ARG N   H    sing N N 14  
ARG N   H2   sing N N 15  
ARG CA  C    sing N N 16  
ARG CA  CB   sing N N 17  
ARG CA  HA   sing N N 18  
ARG C   O    doub N N 19  
ARG C   OXT  sing N N 20  
ARG CB  CG   sing N N 21  
ARG CB  HB2  sing N N 22  
ARG CB  HB3  sing N N 23  
ARG CG  CD   sing N N 24  
ARG CG  HG2  sing N N 25  
ARG CG  HG3  sing N N 26  
ARG CD  NE   sing N N 27  
ARG CD  HD2  sing N N 28  
ARG CD  HD3  sing N N 29  
ARG NE  CZ   sing N N 30  
ARG NE  HE   sing N N 31  
ARG CZ  NH1  sing N N 32  
ARG CZ  NH2  doub N N 33  
ARG NH1 HH11 sing N N 34  
ARG NH1 HH12 sing N N 35  
ARG NH2 HH21 sing N N 36  
ARG NH2 HH22 sing N N 37  
ARG OXT HXT  sing N N 38  
ASN N   CA   sing N N 39  
ASN N   H    sing N N 40  
ASN N   H2   sing N N 41  
ASN CA  C    sing N N 42  
ASN CA  CB   sing N N 43  
ASN CA  HA   sing N N 44  
ASN C   O    doub N N 45  
ASN C   OXT  sing N N 46  
ASN CB  CG   sing N N 47  
ASN CB  HB2  sing N N 48  
ASN CB  HB3  sing N N 49  
ASN CG  OD1  doub N N 50  
ASN CG  ND2  sing N N 51  
ASN ND2 HD21 sing N N 52  
ASN ND2 HD22 sing N N 53  
ASN OXT HXT  sing N N 54  
ASP N   CA   sing N N 55  
ASP N   H    sing N N 56  
ASP N   H2   sing N N 57  
ASP CA  C    sing N N 58  
ASP CA  CB   sing N N 59  
ASP CA  HA   sing N N 60  
ASP C   O    doub N N 61  
ASP C   OXT  sing N N 62  
ASP CB  CG   sing N N 63  
ASP CB  HB2  sing N N 64  
ASP CB  HB3  sing N N 65  
ASP CG  OD1  doub N N 66  
ASP CG  OD2  sing N N 67  
ASP OD2 HD2  sing N N 68  
ASP OXT HXT  sing N N 69  
CYS N   CA   sing N N 70  
CYS N   H    sing N N 71  
CYS N   H2   sing N N 72  
CYS CA  C    sing N N 73  
CYS CA  CB   sing N N 74  
CYS CA  HA   sing N N 75  
CYS C   O    doub N N 76  
CYS C   OXT  sing N N 77  
CYS CB  SG   sing N N 78  
CYS CB  HB2  sing N N 79  
CYS CB  HB3  sing N N 80  
CYS SG  HG   sing N N 81  
CYS OXT HXT  sing N N 82  
DMS S   O    doub N N 83  
DMS S   C1   sing N N 84  
DMS S   C2   sing N N 85  
DMS C1  H11  sing N N 86  
DMS C1  H12  sing N N 87  
DMS C1  H13  sing N N 88  
DMS C2  H21  sing N N 89  
DMS C2  H22  sing N N 90  
DMS C2  H23  sing N N 91  
GLN N   CA   sing N N 92  
GLN N   H    sing N N 93  
GLN N   H2   sing N N 94  
GLN CA  C    sing N N 95  
GLN CA  CB   sing N N 96  
GLN CA  HA   sing N N 97  
GLN C   O    doub N N 98  
GLN C   OXT  sing N N 99  
GLN CB  CG   sing N N 100 
GLN CB  HB2  sing N N 101 
GLN CB  HB3  sing N N 102 
GLN CG  CD   sing N N 103 
GLN CG  HG2  sing N N 104 
GLN CG  HG3  sing N N 105 
GLN CD  OE1  doub N N 106 
GLN CD  NE2  sing N N 107 
GLN NE2 HE21 sing N N 108 
GLN NE2 HE22 sing N N 109 
GLN OXT HXT  sing N N 110 
GLU N   CA   sing N N 111 
GLU N   H    sing N N 112 
GLU N   H2   sing N N 113 
GLU CA  C    sing N N 114 
GLU CA  CB   sing N N 115 
GLU CA  HA   sing N N 116 
GLU C   O    doub N N 117 
GLU C   OXT  sing N N 118 
GLU CB  CG   sing N N 119 
GLU CB  HB2  sing N N 120 
GLU CB  HB3  sing N N 121 
GLU CG  CD   sing N N 122 
GLU CG  HG2  sing N N 123 
GLU CG  HG3  sing N N 124 
GLU CD  OE1  doub N N 125 
GLU CD  OE2  sing N N 126 
GLU OE2 HE2  sing N N 127 
GLU OXT HXT  sing N N 128 
GLY N   CA   sing N N 129 
GLY N   H    sing N N 130 
GLY N   H2   sing N N 131 
GLY CA  C    sing N N 132 
GLY CA  HA2  sing N N 133 
GLY CA  HA3  sing N N 134 
GLY C   O    doub N N 135 
GLY C   OXT  sing N N 136 
GLY OXT HXT  sing N N 137 
GOL C1  O1   sing N N 138 
GOL C1  C2   sing N N 139 
GOL C1  H11  sing N N 140 
GOL C1  H12  sing N N 141 
GOL O1  HO1  sing N N 142 
GOL C2  O2   sing N N 143 
GOL C2  C3   sing N N 144 
GOL C2  H2   sing N N 145 
GOL O2  HO2  sing N N 146 
GOL C3  O3   sing N N 147 
GOL C3  H31  sing N N 148 
GOL C3  H32  sing N N 149 
GOL O3  HO3  sing N N 150 
HIS N   CA   sing N N 151 
HIS N   H    sing N N 152 
HIS N   H2   sing N N 153 
HIS CA  C    sing N N 154 
HIS CA  CB   sing N N 155 
HIS CA  HA   sing N N 156 
HIS C   O    doub N N 157 
HIS C   OXT  sing N N 158 
HIS CB  CG   sing N N 159 
HIS CB  HB2  sing N N 160 
HIS CB  HB3  sing N N 161 
HIS CG  ND1  sing Y N 162 
HIS CG  CD2  doub Y N 163 
HIS ND1 CE1  doub Y N 164 
HIS ND1 HD1  sing N N 165 
HIS CD2 NE2  sing Y N 166 
HIS CD2 HD2  sing N N 167 
HIS CE1 NE2  sing Y N 168 
HIS CE1 HE1  sing N N 169 
HIS NE2 HE2  sing N N 170 
HIS OXT HXT  sing N N 171 
HOH O   H1   sing N N 172 
HOH O   H2   sing N N 173 
ILE N   CA   sing N N 174 
ILE N   H    sing N N 175 
ILE N   H2   sing N N 176 
ILE CA  C    sing N N 177 
ILE CA  CB   sing N N 178 
ILE CA  HA   sing N N 179 
ILE C   O    doub N N 180 
ILE C   OXT  sing N N 181 
ILE CB  CG1  sing N N 182 
ILE CB  CG2  sing N N 183 
ILE CB  HB   sing N N 184 
ILE CG1 CD1  sing N N 185 
ILE CG1 HG12 sing N N 186 
ILE CG1 HG13 sing N N 187 
ILE CG2 HG21 sing N N 188 
ILE CG2 HG22 sing N N 189 
ILE CG2 HG23 sing N N 190 
ILE CD1 HD11 sing N N 191 
ILE CD1 HD12 sing N N 192 
ILE CD1 HD13 sing N N 193 
ILE OXT HXT  sing N N 194 
LEU N   CA   sing N N 195 
LEU N   H    sing N N 196 
LEU N   H2   sing N N 197 
LEU CA  C    sing N N 198 
LEU CA  CB   sing N N 199 
LEU CA  HA   sing N N 200 
LEU C   O    doub N N 201 
LEU C   OXT  sing N N 202 
LEU CB  CG   sing N N 203 
LEU CB  HB2  sing N N 204 
LEU CB  HB3  sing N N 205 
LEU CG  CD1  sing N N 206 
LEU CG  CD2  sing N N 207 
LEU CG  HG   sing N N 208 
LEU CD1 HD11 sing N N 209 
LEU CD1 HD12 sing N N 210 
LEU CD1 HD13 sing N N 211 
LEU CD2 HD21 sing N N 212 
LEU CD2 HD22 sing N N 213 
LEU CD2 HD23 sing N N 214 
LEU OXT HXT  sing N N 215 
LYS N   CA   sing N N 216 
LYS N   H    sing N N 217 
LYS N   H2   sing N N 218 
LYS CA  C    sing N N 219 
LYS CA  CB   sing N N 220 
LYS CA  HA   sing N N 221 
LYS C   O    doub N N 222 
LYS C   OXT  sing N N 223 
LYS CB  CG   sing N N 224 
LYS CB  HB2  sing N N 225 
LYS CB  HB3  sing N N 226 
LYS CG  CD   sing N N 227 
LYS CG  HG2  sing N N 228 
LYS CG  HG3  sing N N 229 
LYS CD  CE   sing N N 230 
LYS CD  HD2  sing N N 231 
LYS CD  HD3  sing N N 232 
LYS CE  NZ   sing N N 233 
LYS CE  HE2  sing N N 234 
LYS CE  HE3  sing N N 235 
LYS NZ  HZ1  sing N N 236 
LYS NZ  HZ2  sing N N 237 
LYS NZ  HZ3  sing N N 238 
LYS OXT HXT  sing N N 239 
MET N   CA   sing N N 240 
MET N   H    sing N N 241 
MET N   H2   sing N N 242 
MET CA  C    sing N N 243 
MET CA  CB   sing N N 244 
MET CA  HA   sing N N 245 
MET C   O    doub N N 246 
MET C   OXT  sing N N 247 
MET CB  CG   sing N N 248 
MET CB  HB2  sing N N 249 
MET CB  HB3  sing N N 250 
MET CG  SD   sing N N 251 
MET CG  HG2  sing N N 252 
MET CG  HG3  sing N N 253 
MET SD  CE   sing N N 254 
MET CE  HE1  sing N N 255 
MET CE  HE2  sing N N 256 
MET CE  HE3  sing N N 257 
MET OXT HXT  sing N N 258 
PHE N   CA   sing N N 259 
PHE N   H    sing N N 260 
PHE N   H2   sing N N 261 
PHE CA  C    sing N N 262 
PHE CA  CB   sing N N 263 
PHE CA  HA   sing N N 264 
PHE C   O    doub N N 265 
PHE C   OXT  sing N N 266 
PHE CB  CG   sing N N 267 
PHE CB  HB2  sing N N 268 
PHE CB  HB3  sing N N 269 
PHE CG  CD1  doub Y N 270 
PHE CG  CD2  sing Y N 271 
PHE CD1 CE1  sing Y N 272 
PHE CD1 HD1  sing N N 273 
PHE CD2 CE2  doub Y N 274 
PHE CD2 HD2  sing N N 275 
PHE CE1 CZ   doub Y N 276 
PHE CE1 HE1  sing N N 277 
PHE CE2 CZ   sing Y N 278 
PHE CE2 HE2  sing N N 279 
PHE CZ  HZ   sing N N 280 
PHE OXT HXT  sing N N 281 
PRO N   CA   sing N N 282 
PRO N   CD   sing N N 283 
PRO N   H    sing N N 284 
PRO CA  C    sing N N 285 
PRO CA  CB   sing N N 286 
PRO CA  HA   sing N N 287 
PRO C   O    doub N N 288 
PRO C   OXT  sing N N 289 
PRO CB  CG   sing N N 290 
PRO CB  HB2  sing N N 291 
PRO CB  HB3  sing N N 292 
PRO CG  CD   sing N N 293 
PRO CG  HG2  sing N N 294 
PRO CG  HG3  sing N N 295 
PRO CD  HD2  sing N N 296 
PRO CD  HD3  sing N N 297 
PRO OXT HXT  sing N N 298 
SER N   CA   sing N N 299 
SER N   H    sing N N 300 
SER N   H2   sing N N 301 
SER CA  C    sing N N 302 
SER CA  CB   sing N N 303 
SER CA  HA   sing N N 304 
SER C   O    doub N N 305 
SER C   OXT  sing N N 306 
SER CB  OG   sing N N 307 
SER CB  HB2  sing N N 308 
SER CB  HB3  sing N N 309 
SER OG  HG   sing N N 310 
SER OXT HXT  sing N N 311 
TEQ N5  C17  sing N N 312 
TEQ N4  C17  doub Y N 313 
TEQ N4  C16  sing Y N 314 
TEQ C17 C18  sing Y N 315 
TEQ C15 C16  doub Y N 316 
TEQ C15 C14  sing Y N 317 
TEQ C16 C20  sing Y N 318 
TEQ C14 C13  doub Y N 319 
TEQ C18 C19  doub Y N 320 
TEQ C20 C19  sing Y N 321 
TEQ C20 C12  doub Y N 322 
TEQ C13 C12  sing Y N 323 
TEQ C12 C8   sing N N 324 
TEQ C8  N1   sing N N 325 
TEQ C8  C7   sing N N 326 
TEQ N1  C9   sing N N 327 
TEQ C7  C6   sing N N 328 
TEQ C9  C10  doub Y N 329 
TEQ C9  N3   sing Y N 330 
TEQ F   C10  sing N N 331 
TEQ C6  N3   sing N N 332 
TEQ C6  C5   sing N N 333 
TEQ C10 C11  sing Y N 334 
TEQ N3  N2   sing Y N 335 
TEQ C5  C4   doub Y N 336 
TEQ C5  C1   sing Y N 337 
TEQ C   C1   sing N N 338 
TEQ C11 N2   doub Y N 339 
TEQ C4  C3   sing Y N 340 
TEQ C1  N    doub Y N 341 
TEQ C3  C2   doub Y N 342 
TEQ N   C2   sing Y N 343 
TEQ N1  H1   sing N N 344 
TEQ C4  H2   sing N N 345 
TEQ C6  H3   sing N N 346 
TEQ C7  H4   sing N N 347 
TEQ C7  H5   sing N N 348 
TEQ C8  H6   sing N N 349 
TEQ C13 H7   sing N N 350 
TEQ C15 H8   sing N N 351 
TEQ C11 H9   sing N N 352 
TEQ C3  H10  sing N N 353 
TEQ C2  H11  sing N N 354 
TEQ C   H12  sing N N 355 
TEQ C   H13  sing N N 356 
TEQ C   H14  sing N N 357 
TEQ C19 H15  sing N N 358 
TEQ C18 H16  sing N N 359 
TEQ N5  H17  sing N N 360 
TEQ N5  H18  sing N N 361 
TEQ C14 H19  sing N N 362 
THR N   CA   sing N N 363 
THR N   H    sing N N 364 
THR N   H2   sing N N 365 
THR CA  C    sing N N 366 
THR CA  CB   sing N N 367 
THR CA  HA   sing N N 368 
THR C   O    doub N N 369 
THR C   OXT  sing N N 370 
THR CB  OG1  sing N N 371 
THR CB  CG2  sing N N 372 
THR CB  HB   sing N N 373 
THR OG1 HG1  sing N N 374 
THR CG2 HG21 sing N N 375 
THR CG2 HG22 sing N N 376 
THR CG2 HG23 sing N N 377 
THR OXT HXT  sing N N 378 
TYR N   CA   sing N N 379 
TYR N   H    sing N N 380 
TYR N   H2   sing N N 381 
TYR CA  C    sing N N 382 
TYR CA  CB   sing N N 383 
TYR CA  HA   sing N N 384 
TYR C   O    doub N N 385 
TYR C   OXT  sing N N 386 
TYR CB  CG   sing N N 387 
TYR CB  HB2  sing N N 388 
TYR CB  HB3  sing N N 389 
TYR CG  CD1  doub Y N 390 
TYR CG  CD2  sing Y N 391 
TYR CD1 CE1  sing Y N 392 
TYR CD1 HD1  sing N N 393 
TYR CD2 CE2  doub Y N 394 
TYR CD2 HD2  sing N N 395 
TYR CE1 CZ   doub Y N 396 
TYR CE1 HE1  sing N N 397 
TYR CE2 CZ   sing Y N 398 
TYR CE2 HE2  sing N N 399 
TYR CZ  OH   sing N N 400 
TYR OH  HH   sing N N 401 
TYR OXT HXT  sing N N 402 
VAL N   CA   sing N N 403 
VAL N   H    sing N N 404 
VAL N   H2   sing N N 405 
VAL CA  C    sing N N 406 
VAL CA  CB   sing N N 407 
VAL CA  HA   sing N N 408 
VAL C   O    doub N N 409 
VAL C   OXT  sing N N 410 
VAL CB  CG1  sing N N 411 
VAL CB  CG2  sing N N 412 
VAL CB  HB   sing N N 413 
VAL CG1 HG11 sing N N 414 
VAL CG1 HG12 sing N N 415 
VAL CG1 HG13 sing N N 416 
VAL CG2 HG21 sing N N 417 
VAL CG2 HG22 sing N N 418 
VAL CG2 HG23 sing N N 419 
VAL OXT HXT  sing N N 420 
# 
_pdbx_entity_instance_feature.ordinal        1 
_pdbx_entity_instance_feature.comp_id        TEQ 
_pdbx_entity_instance_feature.asym_id        ? 
_pdbx_entity_instance_feature.seq_num        ? 
_pdbx_entity_instance_feature.auth_comp_id   TEQ 
_pdbx_entity_instance_feature.auth_asym_id   ? 
_pdbx_entity_instance_feature.auth_seq_num   ? 
_pdbx_entity_instance_feature.feature_type   'SUBJECT OF INVESTIGATION' 
_pdbx_entity_instance_feature.details        ? 
# 
_pdbx_initial_refinement_model.accession_code   ? 
_pdbx_initial_refinement_model.id               1 
_pdbx_initial_refinement_model.entity_id_list   ? 
_pdbx_initial_refinement_model.type             other 
_pdbx_initial_refinement_model.source_name      ? 
_pdbx_initial_refinement_model.details          'IN-HOUSE DERIVED' 
# 
_atom_sites.entry_id                    7BDE 
_atom_sites.Cartn_transf_matrix[1][1]   ? 
_atom_sites.Cartn_transf_matrix[1][2]   ? 
_atom_sites.Cartn_transf_matrix[1][3]   ? 
_atom_sites.Cartn_transf_matrix[2][1]   ? 
_atom_sites.Cartn_transf_matrix[2][2]   ? 
_atom_sites.Cartn_transf_matrix[2][3]   ? 
_atom_sites.Cartn_transf_matrix[3][1]   ? 
_atom_sites.Cartn_transf_matrix[3][2]   ? 
_atom_sites.Cartn_transf_matrix[3][3]   ? 
_atom_sites.Cartn_transf_vector[1]      ? 
_atom_sites.Cartn_transf_vector[2]      ? 
_atom_sites.Cartn_transf_vector[3]      ? 
_atom_sites.fract_transf_matrix[1][1]   -0.00694763 
_atom_sites.fract_transf_matrix[1][2]   -0.00799193 
_atom_sites.fract_transf_matrix[1][3]   -0.02091747 
_atom_sites.fract_transf_matrix[2][1]   0.00550809 
_atom_sites.fract_transf_matrix[2][2]   0.01181867 
_atom_sites.fract_transf_matrix[2][3]   -0.01948456 
_atom_sites.fract_transf_matrix[3][1]   0.00680381 
_atom_sites.fract_transf_matrix[3][2]   -0.00423130 
_atom_sites.fract_transf_matrix[3][3]   -0.00064320 
_atom_sites.fract_transf_vector[1]      0.267252 
_atom_sites.fract_transf_vector[2]      0.890793 
_atom_sites.fract_transf_vector[3]      0.087930 
_atom_sites.solution_primary            ? 
_atom_sites.solution_secondary          ? 
_atom_sites.solution_hydrogens          ? 
_atom_sites.special_details             ? 
# 
loop_
_atom_type.symbol 
C 
F 
N 
O 
S 
# 
loop_
_atom_site.group_PDB 
_atom_site.id 
_atom_site.type_symbol 
_atom_site.label_atom_id 
_atom_site.label_alt_id 
_atom_site.label_comp_id 
_atom_site.label_asym_id 
_atom_site.label_entity_id 
_atom_site.label_seq_id 
_atom_site.pdbx_PDB_ins_code 
_atom_site.Cartn_x 
_atom_site.Cartn_y 
_atom_site.Cartn_z 
_atom_site.occupancy 
_atom_site.B_iso_or_equiv 
_atom_site.pdbx_formal_charge 
_atom_site.auth_seq_id 
_atom_site.auth_comp_id 
_atom_site.auth_asym_id 
_atom_site.auth_atom_id 
_atom_site.pdbx_PDB_model_num 
ATOM   1    N N   . GLY A 1 1   ? 46.850  -3.414  1.146   1.00 99.85  ? 3   GLY A N   1 
ATOM   2    C CA  . GLY A 1 1   ? 46.676  -4.535  0.166   1.00 100.89 ? 3   GLY A CA  1 
ATOM   3    C C   . GLY A 1 1   ? 45.256  -4.602  -0.370  1.00 95.67  ? 3   GLY A C   1 
ATOM   4    O O   . GLY A 1 1   ? 44.695  -3.532  -0.665  1.00 109.36 ? 3   GLY A O   1 
ATOM   5    N N   . SER A 1 2   ? 44.693  -5.810  -0.488  1.00 86.53  ? 4   SER A N   1 
ATOM   6    C CA  . SER A 1 2   ? 43.312  -6.083  -0.978  1.00 87.96  ? 4   SER A CA  1 
ATOM   7    C C   . SER A 1 2   ? 42.265  -5.399  -0.076  1.00 87.52  ? 4   SER A C   1 
ATOM   8    O O   . SER A 1 2   ? 42.457  -5.392  1.157   1.00 74.92  ? 4   SER A O   1 
ATOM   9    C CB  . SER A 1 2   ? 43.083  -7.576  -1.083  1.00 86.09  ? 4   SER A CB  1 
ATOM   10   O OG  . SER A 1 2   ? 41.699  -7.886  -1.145  1.00 97.80  ? 4   SER A OG  1 
ATOM   11   N N   . ALA A 1 3   ? 41.199  -4.837  -0.668  1.00 88.11  ? 5   ALA A N   1 
ATOM   12   C CA  . ALA A 1 3   ? 40.117  -4.100  0.036   1.00 76.80  ? 5   ALA A CA  1 
ATOM   13   C C   . ALA A 1 3   ? 38.744  -4.465  -0.544  1.00 66.79  ? 5   ALA A C   1 
ATOM   14   O O   . ALA A 1 3   ? 38.377  -3.937  -1.615  1.00 69.99  ? 5   ALA A O   1 
ATOM   15   C CB  . ALA A 1 3   ? 40.358  -2.609  -0.032  1.00 77.40  ? 5   ALA A CB  1 
ATOM   16   N N   . ASP A 1 4   ? 38.022  -5.340  0.162   1.00 63.91  ? 6   ASP A N   1 
ATOM   17   C CA  . ASP A 1 4   ? 36.563  -5.592  0.015   1.00 55.43  ? 6   ASP A CA  1 
ATOM   18   C C   . ASP A 1 4   ? 35.774  -4.405  0.582   1.00 55.30  ? 6   ASP A C   1 
ATOM   19   O O   . ASP A 1 4   ? 36.175  -3.868  1.641   1.00 53.24  ? 6   ASP A O   1 
ATOM   20   C CB  . ASP A 1 4   ? 36.118  -6.840  0.778   1.00 52.40  ? 6   ASP A CB  1 
ATOM   21   C CG  . ASP A 1 4   ? 36.840  -8.117  0.390   1.00 56.36  ? 6   ASP A CG  1 
ATOM   22   O OD1 . ASP A 1 4   ? 37.447  -8.157  -0.720  1.00 51.62  ? 6   ASP A OD1 1 
ATOM   23   O OD2 . ASP A 1 4   ? 36.780  -9.067  1.201   1.00 58.08  ? 6   ASP A OD2 1 
ATOM   24   N N   . SER A 1 5   ? 34.683  -4.026  -0.084  1.00 52.58  ? 7   SER A N   1 
ATOM   25   C CA  . SER A 1 5   ? 33.824  -2.879  0.301   1.00 46.90  ? 7   SER A CA  1 
ATOM   26   C C   . SER A 1 5   ? 32.352  -3.221  0.042   1.00 46.03  ? 7   SER A C   1 
ATOM   27   O O   . SER A 1 5   ? 32.025  -3.711  -1.053  1.00 41.69  ? 7   SER A O   1 
ATOM   28   C CB  . SER A 1 5   ? 34.254  -1.621  -0.408  1.00 46.67  ? 7   SER A CB  1 
ATOM   29   O OG  . SER A 1 5   ? 35.577  -1.249  -0.026  1.00 53.15  ? 7   SER A OG  1 
ATOM   30   N N   . GLN A 1 6   ? 31.514  -3.009  1.054   1.00 47.32  ? 8   GLN A N   1 
ATOM   31   C CA  . GLN A 1 6   ? 30.034  -3.037  0.969   1.00 44.60  ? 8   GLN A CA  1 
ATOM   32   C C   . GLN A 1 6   ? 29.620  -1.575  0.940   1.00 44.08  ? 8   GLN A C   1 
ATOM   33   O O   . GLN A 1 6   ? 29.980  -0.863  1.877   1.00 42.64  ? 8   GLN A O   1 
ATOM   34   C CB  . GLN A 1 6   ? 29.427  -3.766  2.164   1.00 44.30  ? 8   GLN A CB  1 
ATOM   35   C CG  . GLN A 1 6   ? 29.949  -5.186  2.341   1.00 47.10  ? 8   GLN A CG  1 
ATOM   36   C CD  . GLN A 1 6   ? 31.349  -5.244  2.904   1.00 45.22  ? 8   GLN A CD  1 
ATOM   37   O OE1 . GLN A 1 6   ? 31.654  -4.641  3.928   1.00 48.11  ? 8   GLN A OE1 1 
ATOM   38   N NE2 . GLN A 1 6   ? 32.225  -5.959  2.219   1.00 45.84  ? 8   GLN A NE2 1 
ATOM   39   N N   . ILE A 1 7   ? 28.971  -1.138  -0.135  1.00 52.07  ? 9   ILE A N   1 
ATOM   40   C CA  . ILE A 1 7   ? 28.627  0.294   -0.369  1.00 49.47  ? 9   ILE A CA  1 
ATOM   41   C C   . ILE A 1 7   ? 27.105  0.432   -0.277  1.00 45.52  ? 9   ILE A C   1 
ATOM   42   O O   . ILE A 1 7   ? 26.411  -0.316  -0.984  1.00 38.56  ? 9   ILE A O   1 
ATOM   43   C CB  . ILE A 1 7   ? 29.213  0.772   -1.712  1.00 48.14  ? 9   ILE A CB  1 
ATOM   44   C CG1 . ILE A 1 7   ? 30.734  0.573   -1.747  1.00 50.98  ? 9   ILE A CG1 1 
ATOM   45   C CG2 . ILE A 1 7   ? 28.823  2.215   -2.006  1.00 45.88  ? 9   ILE A CG2 1 
ATOM   46   C CD1 . ILE A 1 7   ? 31.304  0.453   -3.134  1.00 50.46  ? 9   ILE A CD1 1 
ATOM   47   N N   . GLN A 1 8   ? 26.643  1.346   0.586   1.00 50.17  ? 10  GLN A N   1 
ATOM   48   C CA  . GLN A 1 8   ? 25.218  1.675   0.865   1.00 44.57  ? 10  GLN A CA  1 
ATOM   49   C C   . GLN A 1 8   ? 24.757  2.807   -0.058  1.00 41.54  ? 10  GLN A C   1 
ATOM   50   O O   . GLN A 1 8   ? 25.303  3.917   0.042   1.00 44.60  ? 10  GLN A O   1 
ATOM   51   C CB  . GLN A 1 8   ? 25.052  2.119   2.320   1.00 53.59  ? 10  GLN A CB  1 
ATOM   52   C CG  . GLN A 1 8   ? 24.149  1.223   3.152   1.00 62.44  ? 10  GLN A CG  1 
ATOM   53   C CD  . GLN A 1 8   ? 22.720  1.266   2.675   1.00 62.17  ? 10  GLN A CD  1 
ATOM   54   O OE1 . GLN A 1 8   ? 22.119  0.237   2.379   1.00 77.02  ? 10  GLN A OE1 1 
ATOM   55   N NE2 . GLN A 1 8   ? 22.170  2.466   2.594   1.00 62.21  ? 10  GLN A NE2 1 
ATOM   56   N N   . PHE A 1 9   ? 23.791  2.524   -0.928  1.00 40.09  ? 11  PHE A N   1 
ATOM   57   C CA  . PHE A 1 9   ? 23.095  3.523   -1.772  1.00 43.57  ? 11  PHE A CA  1 
ATOM   58   C C   . PHE A 1 9   ? 21.825  3.964   -1.031  1.00 46.74  ? 11  PHE A C   1 
ATOM   59   O O   . PHE A 1 9   ? 20.798  3.248   -1.099  1.00 49.65  ? 11  PHE A O   1 
ATOM   60   C CB  . PHE A 1 9   ? 22.756  2.933   -3.141  1.00 44.01  ? 11  PHE A CB  1 
ATOM   61   C CG  . PHE A 1 9   ? 23.914  2.657   -4.066  1.00 47.29  ? 11  PHE A CG  1 
ATOM   62   C CD1 . PHE A 1 9   ? 24.985  1.865   -3.667  1.00 42.97  ? 11  PHE A CD1 1 
ATOM   63   C CD2 . PHE A 1 9   ? 23.898  3.140   -5.371  1.00 47.89  ? 11  PHE A CD2 1 
ATOM   64   C CE1 . PHE A 1 9   ? 26.025  1.590   -4.542  1.00 42.03  ? 11  PHE A CE1 1 
ATOM   65   C CE2 . PHE A 1 9   ? 24.940  2.861   -6.244  1.00 42.93  ? 11  PHE A CE2 1 
ATOM   66   C CZ  . PHE A 1 9   ? 25.999  2.087   -5.827  1.00 43.03  ? 11  PHE A CZ  1 
ATOM   67   N N   . THR A 1 10  ? 21.908  5.104   -0.339  1.00 51.50  ? 12  THR A N   1 
ATOM   68   C CA  . THR A 1 10  ? 20.886  5.652   0.598   1.00 54.01  ? 12  THR A CA  1 
ATOM   69   C C   . THR A 1 10  ? 19.586  5.979   -0.152  1.00 51.37  ? 12  THR A C   1 
ATOM   70   O O   . THR A 1 10  ? 18.505  5.840   0.449   1.00 52.04  ? 12  THR A O   1 
ATOM   71   C CB  . THR A 1 10  ? 21.444  6.888   1.313   1.00 55.30  ? 12  THR A CB  1 
ATOM   72   O OG1 . THR A 1 10  ? 22.092  7.663   0.303   1.00 53.21  ? 12  THR A OG1 1 
ATOM   73   C CG2 . THR A 1 10  ? 22.421  6.552   2.420   1.00 61.19  ? 12  THR A CG2 1 
ATOM   74   N N   . ARG A 1 11  ? 19.705  6.396   -1.414  1.00 47.18  ? 13  ARG A N   1 
ATOM   75   C CA  . ARG A 1 11  ? 18.578  6.777   -2.297  1.00 45.68  ? 13  ARG A CA  1 
ATOM   76   C C   . ARG A 1 11  ? 18.000  5.542   -3.002  1.00 45.55  ? 13  ARG A C   1 
ATOM   77   O O   . ARG A 1 11  ? 16.982  5.695   -3.680  1.00 44.00  ? 13  ARG A O   1 
ATOM   78   C CB  . ARG A 1 11  ? 19.072  7.775   -3.350  1.00 60.85  ? 13  ARG A CB  1 
ATOM   79   C CG  . ARG A 1 11  ? 18.847  9.241   -3.006  1.00 72.29  ? 13  ARG A CG  1 
ATOM   80   C CD  . ARG A 1 11  ? 19.233  10.180  -4.145  1.00 84.08  ? 13  ARG A CD  1 
ATOM   81   N NE  . ARG A 1 11  ? 18.606  9.865   -5.436  1.00 85.85  ? 13  ARG A NE  1 
ATOM   82   C CZ  . ARG A 1 11  ? 19.246  9.606   -6.584  1.00 88.36  ? 13  ARG A CZ  1 
ATOM   83   N NH1 . ARG A 1 11  ? 20.569  9.615   -6.655  1.00 94.43  ? 13  ARG A NH1 1 
ATOM   84   N NH2 . ARG A 1 11  ? 18.551  9.340   -7.676  1.00 87.49  ? 13  ARG A NH2 1 
ATOM   85   N N   . HIS A 1 12  ? 18.618  4.362   -2.892  1.00 39.67  ? 14  HIS A N   1 
ATOM   86   C CA  . HIS A 1 12  ? 18.261  3.214   -3.768  1.00 35.65  ? 14  HIS A CA  1 
ATOM   87   C C   . HIS A 1 12  ? 16.789  2.821   -3.570  1.00 31.12  ? 14  HIS A C   1 
ATOM   88   O O   . HIS A 1 12  ? 16.051  2.686   -4.581  1.00 31.30  ? 14  HIS A O   1 
ATOM   89   C CB  . HIS A 1 12  ? 19.213  2.024   -3.568  1.00 37.70  ? 14  HIS A CB  1 
ATOM   90   C CG  . HIS A 1 12  ? 18.813  0.845   -4.385  1.00 34.85  ? 14  HIS A CG  1 
ATOM   91   N ND1 . HIS A 1 12  ? 18.864  0.863   -5.764  1.00 39.27  ? 14  HIS A ND1 1 
ATOM   92   C CD2 . HIS A 1 12  ? 18.315  -0.361  -4.037  1.00 36.35  ? 14  HIS A CD2 1 
ATOM   93   C CE1 . HIS A 1 12  ? 18.419  -0.293  -6.235  1.00 40.40  ? 14  HIS A CE1 1 
ATOM   94   N NE2 . HIS A 1 12  ? 18.084  -1.067  -5.193  1.00 35.35  ? 14  HIS A NE2 1 
ATOM   95   N N   . ALA A 1 13  ? 16.375  2.630   -2.319  1.00 29.79  ? 15  ALA A N   1 
ATOM   96   C CA  . ALA A 1 13  ? 15.029  2.144   -1.949  1.00 33.88  ? 15  ALA A CA  1 
ATOM   97   C C   . ALA A 1 13  ? 13.972  3.124   -2.480  1.00 35.71  ? 15  ALA A C   1 
ATOM   98   O O   . ALA A 1 13  ? 12.998  2.674   -3.112  1.00 38.86  ? 15  ALA A O   1 
ATOM   99   C CB  . ALA A 1 13  ? 14.975  1.981   -0.451  1.00 36.11  ? 15  ALA A CB  1 
ATOM   100  N N   . SER A 1 14  ? 14.179  4.423   -2.244  1.00 36.06  ? 16  SER A N   1 
ATOM   101  C CA  . SER A 1 14  ? 13.343  5.536   -2.773  1.00 38.87  ? 16  SER A CA  1 
ATOM   102  C C   . SER A 1 14  ? 13.260  5.468   -4.301  1.00 34.20  ? 16  SER A C   1 
ATOM   103  O O   . SER A 1 14  ? 12.120  5.563   -4.825  1.00 32.68  ? 16  SER A O   1 
ATOM   104  C CB  . SER A 1 14  ? 13.879  6.871   -2.340  1.00 44.66  ? 16  SER A CB  1 
ATOM   105  O OG  . SER A 1 14  ? 14.008  6.918   -0.928  1.00 61.58  ? 16  SER A OG  1 
ATOM   106  N N   . ASP A 1 15  ? 14.401  5.311   -4.994  1.00 31.00  ? 17  ASP A N   1 
ATOM   107  C CA  . ASP A 1 15  ? 14.434  5.221   -6.483  1.00 34.97  ? 17  ASP A CA  1 
ATOM   108  C C   . ASP A 1 15  ? 13.602  4.015   -6.921  1.00 30.74  ? 17  ASP A C   1 
ATOM   109  O O   . ASP A 1 15  ? 12.757  4.180   -7.821  1.00 29.12  ? 17  ASP A O   1 
ATOM   110  C CB  . ASP A 1 15  ? 15.851  5.131   -7.058  1.00 39.35  ? 17  ASP A CB  1 
ATOM   111  C CG  . ASP A 1 15  ? 16.660  6.400   -6.881  1.00 50.38  ? 17  ASP A CG  1 
ATOM   112  O OD1 . ASP A 1 15  ? 16.044  7.474   -6.758  1.00 54.54  ? 17  ASP A OD1 1 
ATOM   113  O OD2 . ASP A 1 15  ? 17.903  6.305   -6.857  1.00 69.23  ? 17  ASP A OD2 1 
ATOM   114  N N   . VAL A 1 16  ? 13.817  2.855   -6.291  1.00 31.75  ? 18  VAL A N   1 
ATOM   115  C CA  . VAL A 1 16  ? 13.035  1.618   -6.597  1.00 36.66  ? 18  VAL A CA  1 
ATOM   116  C C   . VAL A 1 16  ? 11.540  1.973   -6.521  1.00 30.70  ? 18  VAL A C   1 
ATOM   117  O O   . VAL A 1 16  ? 10.804  1.715   -7.496  1.00 26.64  ? 18  VAL A O   1 
ATOM   118  C CB  . VAL A 1 16  ? 13.409  0.439   -5.672  1.00 35.03  ? 18  VAL A CB  1 
ATOM   119  C CG1 . VAL A 1 16  ? 12.496  -0.758  -5.887  1.00 37.51  ? 18  VAL A CG1 1 
ATOM   120  C CG2 . VAL A 1 16  ? 14.853  0.017   -5.861  1.00 33.60  ? 18  VAL A CG2 1 
ATOM   121  N N   . LEU A 1 17  ? 11.117  2.591   -5.422  1.00 31.32  ? 19  LEU A N   1 
ATOM   122  C CA  . LEU A 1 17  ? 9.685   2.896   -5.161  1.00 33.75  ? 19  LEU A CA  1 
ATOM   123  C C   . LEU A 1 17  ? 9.149   3.887   -6.212  1.00 33.16  ? 19  LEU A C   1 
ATOM   124  O O   . LEU A 1 17  ? 7.991   3.684   -6.670  1.00 31.07  ? 19  LEU A O   1 
ATOM   125  C CB  . LEU A 1 17  ? 9.538   3.418   -3.724  1.00 39.15  ? 19  LEU A CB  1 
ATOM   126  C CG  . LEU A 1 17  ? 8.129   3.329   -3.132  1.00 40.59  ? 19  LEU A CG  1 
ATOM   127  C CD1 . LEU A 1 17  ? 7.667   1.887   -3.027  1.00 38.84  ? 19  LEU A CD1 1 
ATOM   128  C CD2 . LEU A 1 17  ? 8.067   4.001   -1.775  1.00 44.09  ? 19  LEU A CD2 1 
ATOM   129  N N   . LEU A 1 18  ? 9.927   4.911   -6.591  1.00 30.58  ? 20  LEU A N   1 
ATOM   130  C CA  . LEU A 1 18  ? 9.537   5.848   -7.688  1.00 32.35  ? 20  LEU A CA  1 
ATOM   131  C C   . LEU A 1 18  ? 9.249   5.023   -8.947  1.00 33.48  ? 20  LEU A C   1 
ATOM   132  O O   . LEU A 1 18  ? 8.162   5.192   -9.553  1.00 36.95  ? 20  LEU A O   1 
ATOM   133  C CB  . LEU A 1 18  ? 10.650  6.873   -7.930  1.00 33.29  ? 20  LEU A CB  1 
ATOM   134  C CG  . LEU A 1 18  ? 10.628  8.089   -7.006  1.00 40.71  ? 20  LEU A CG  1 
ATOM   135  C CD1 . LEU A 1 18  ? 11.989  8.771   -6.932  1.00 43.30  ? 20  LEU A CD1 1 
ATOM   136  C CD2 . LEU A 1 18  ? 9.550   9.069   -7.452  1.00 43.05  ? 20  LEU A CD2 1 
ATOM   137  N N   . ASN A 1 19  ? 10.174  4.124   -9.293  1.00 30.52  ? 21  ASN A N   1 
ATOM   138  C CA  . ASN A 1 19  ? 10.102  3.287   -10.515 1.00 32.46  ? 21  ASN A CA  1 
ATOM   139  C C   . ASN A 1 19  ? 8.897   2.356   -10.404 1.00 28.55  ? 21  ASN A C   1 
ATOM   140  O O   . ASN A 1 19  ? 8.191   2.209   -11.403 1.00 29.25  ? 21  ASN A O   1 
ATOM   141  C CB  . ASN A 1 19  ? 11.450  2.612   -10.788 1.00 32.98  ? 21  ASN A CB  1 
ATOM   142  C CG  . ASN A 1 19  ? 12.447  3.617   -11.322 1.00 30.86  ? 21  ASN A CG  1 
ATOM   143  O OD1 . ASN A 1 19  ? 12.085  4.755   -11.592 1.00 33.51  ? 21  ASN A OD1 1 
ATOM   144  N ND2 . ASN A 1 19  ? 13.694  3.225   -11.489 1.00 31.20  ? 21  ASN A ND2 1 
ATOM   145  N N   . LEU A 1 20  ? 8.627   1.801   -9.223  1.00 29.43  ? 22  LEU A N   1 
ATOM   146  C CA  . LEU A 1 20  ? 7.428   0.945   -9.001  1.00 30.68  ? 22  LEU A CA  1 
ATOM   147  C C   . LEU A 1 20  ? 6.130   1.751   -9.197  1.00 32.05  ? 22  LEU A C   1 
ATOM   148  O O   . LEU A 1 20  ? 5.168   1.200   -9.821  1.00 27.59  ? 22  LEU A O   1 
ATOM   149  C CB  . LEU A 1 20  ? 7.516   0.325   -7.606  1.00 29.80  ? 22  LEU A CB  1 
ATOM   150  C CG  . LEU A 1 20  ? 8.602   -0.735  -7.448  1.00 30.39  ? 22  LEU A CG  1 
ATOM   151  C CD1 . LEU A 1 20  ? 8.541   -1.353  -6.068  1.00 31.66  ? 22  LEU A CD1 1 
ATOM   152  C CD2 . LEU A 1 20  ? 8.509   -1.810  -8.526  1.00 31.43  ? 22  LEU A CD2 1 
ATOM   153  N N   . ASN A 1 21  ? 6.094   2.999   -8.716  1.00 31.36  ? 23  ASN A N   1 
ATOM   154  C CA  . ASN A 1 21  ? 4.924   3.900   -8.894  1.00 31.89  ? 23  ASN A CA  1 
ATOM   155  C C   . ASN A 1 21  ? 4.767   4.254   -10.379 1.00 34.80  ? 23  ASN A C   1 
ATOM   156  O O   . ASN A 1 21  ? 3.623   4.324   -10.838 1.00 33.99  ? 23  ASN A O   1 
ATOM   157  C CB  . ASN A 1 21  ? 4.996   5.154   -8.018  1.00 33.99  ? 23  ASN A CB  1 
ATOM   158  C CG  . ASN A 1 21  ? 3.618   5.724   -7.740  1.00 35.17  ? 23  ASN A CG  1 
ATOM   159  O OD1 . ASN A 1 21  ? 2.623   5.016   -7.884  1.00 29.62  ? 23  ASN A OD1 1 
ATOM   160  N ND2 . ASN A 1 21  ? 3.543   6.994   -7.365  1.00 29.28  ? 23  ASN A ND2 1 
ATOM   161  N N   . ARG A 1 22  ? 5.875   4.427   -11.110 1.00 42.03  ? 24  ARG A N   1 
ATOM   162  C CA  . ARG A 1 22  ? 5.864   4.682   -12.576 1.00 39.12  ? 24  ARG A CA  1 
ATOM   163  C C   . ARG A 1 22  ? 5.314   3.468   -13.331 1.00 38.64  ? 24  ARG A C   1 
ATOM   164  O O   . ARG A 1 22  ? 4.523   3.682   -14.261 1.00 43.27  ? 24  ARG A O   1 
ATOM   165  C CB  . ARG A 1 22  ? 7.254   5.022   -13.117 1.00 43.03  ? 24  ARG A CB  1 
ATOM   166  C CG  . ARG A 1 22  ? 7.201   5.709   -14.473 1.00 43.62  ? 24  ARG A CG  1 
ATOM   167  C CD  . ARG A 1 22  ? 8.493   6.353   -14.947 1.00 48.62  ? 24  ARG A CD  1 
ATOM   168  N NE  . ARG A 1 22  ? 8.310   6.732   -16.341 1.00 50.12  ? 24  ARG A NE  1 
ATOM   169  C CZ  . ARG A 1 22  ? 8.323   5.879   -17.367 1.00 58.55  ? 24  ARG A CZ  1 
ATOM   170  N NH1 . ARG A 1 22  ? 8.545   4.586   -17.179 1.00 56.52  ? 24  ARG A NH1 1 
ATOM   171  N NH2 . ARG A 1 22  ? 8.117   6.326   -18.592 1.00 67.96  ? 24  ARG A NH2 1 
ATOM   172  N N   . LEU A 1 23  ? 5.716   2.244   -12.979 1.00 35.48  ? 25  LEU A N   1 
ATOM   173  C CA  . LEU A 1 23  ? 5.127   1.025   -13.589 1.00 33.22  ? 25  LEU A CA  1 
ATOM   174  C C   . LEU A 1 23  ? 3.620   1.029   -13.336 1.00 36.51  ? 25  LEU A C   1 
ATOM   175  O O   . LEU A 1 23  ? 2.851   0.672   -14.254 1.00 39.28  ? 25  LEU A O   1 
ATOM   176  C CB  . LEU A 1 23  ? 5.766   -0.235  -12.999 1.00 34.69  ? 25  LEU A CB  1 
ATOM   177  C CG  . LEU A 1 23  ? 7.258   -0.420  -13.263 1.00 35.29  ? 25  LEU A CG  1 
ATOM   178  C CD1 . LEU A 1 23  ? 7.745   -1.767  -12.724 1.00 31.72  ? 25  LEU A CD1 1 
ATOM   179  C CD2 . LEU A 1 23  ? 7.572   -0.274  -14.754 1.00 38.28  ? 25  LEU A CD2 1 
ATOM   180  N N   . ARG A 1 24  ? 3.199   1.403   -12.132 1.00 37.06  ? 26  ARG A N   1 
ATOM   181  C CA  . ARG A 1 24  ? 1.757   1.393   -11.780 1.00 39.20  ? 26  ARG A CA  1 
ATOM   182  C C   . ARG A 1 24  ? 1.014   2.438   -12.620 1.00 37.32  ? 26  ARG A C   1 
ATOM   183  O O   . ARG A 1 24  ? -0.037  2.064   -13.170 1.00 42.38  ? 26  ARG A O   1 
ATOM   184  C CB  . ARG A 1 24  ? 1.548   1.622   -10.284 1.00 40.63  ? 26  ARG A CB  1 
ATOM   185  C CG  . ARG A 1 24  ? 0.094   1.515   -9.864  1.00 36.42  ? 26  ARG A CG  1 
ATOM   186  C CD  . ARG A 1 24  ? -0.052  1.672   -8.370  1.00 37.85  ? 26  ARG A CD  1 
ATOM   187  N NE  . ARG A 1 24  ? 0.271   2.987   -7.828  1.00 32.50  ? 26  ARG A NE  1 
ATOM   188  C CZ  . ARG A 1 24  ? -0.610  3.836   -7.294  1.00 33.39  ? 26  ARG A CZ  1 
ATOM   189  N NH1 . ARG A 1 24  ? -1.899  3.530   -7.263  1.00 36.23  ? 26  ARG A NH1 1 
ATOM   190  N NH2 . ARG A 1 24  ? -0.202  5.001   -6.803  1.00 28.16  ? 26  ARG A NH2 1 
ATOM   191  N N   . SER A 1 25  ? 1.518   3.678   -12.720 1.00 37.88  ? 27  SER A N   1 
ATOM   192  C CA  . SER A 1 25  ? 0.969   4.756   -13.602 1.00 43.50  ? 27  SER A CA  1 
ATOM   193  C C   . SER A 1 25  ? 0.744   4.222   -15.025 1.00 44.00  ? 27  SER A C   1 
ATOM   194  O O   . SER A 1 25  ? -0.327  4.445   -15.600 1.00 46.43  ? 27  SER A O   1 
ATOM   195  C CB  . SER A 1 25  ? 1.870   5.963   -13.666 1.00 47.95  ? 27  SER A CB  1 
ATOM   196  O OG  . SER A 1 25  ? 2.167   6.451   -12.372 1.00 59.46  ? 27  SER A OG  1 
ATOM   197  N N   . ARG A 1 26  ? 1.731   3.529   -15.574 1.00 43.57  ? 28  ARG A N   1 
ATOM   198  C CA  . ARG A 1 26  ? 1.715   3.082   -16.987 1.00 45.07  ? 28  ARG A CA  1 
ATOM   199  C C   . ARG A 1 26  ? 1.143   1.668   -17.067 1.00 42.92  ? 28  ARG A C   1 
ATOM   200  O O   . ARG A 1 26  ? 1.144   1.110   -18.174 1.00 47.64  ? 28  ARG A O   1 
ATOM   201  C CB  . ARG A 1 26  ? 3.124   3.213   -17.568 1.00 49.23  ? 28  ARG A CB  1 
ATOM   202  C CG  . ARG A 1 26  ? 3.694   4.621   -17.453 1.00 54.97  ? 28  ARG A CG  1 
ATOM   203  C CD  . ARG A 1 26  ? 5.081   4.727   -18.042 1.00 62.02  ? 28  ARG A CD  1 
ATOM   204  N NE  . ARG A 1 26  ? 5.089   4.144   -19.379 1.00 82.21  ? 28  ARG A NE  1 
ATOM   205  C CZ  . ARG A 1 26  ? 4.876   4.800   -20.518 1.00 87.10  ? 28  ARG A CZ  1 
ATOM   206  N NH1 . ARG A 1 26  ? 4.650   6.106   -20.525 1.00 81.53  ? 28  ARG A NH1 1 
ATOM   207  N NH2 . ARG A 1 26  ? 4.905   4.136   -21.660 1.00 93.44  ? 28  ARG A NH2 1 
ATOM   208  N N   . ASP A 1 27  ? 0.657   1.132   -15.940 1.00 44.57  ? 29  ASP A N   1 
ATOM   209  C CA  . ASP A 1 27  ? -0.052  -0.172  -15.842 1.00 44.25  ? 29  ASP A CA  1 
ATOM   210  C C   . ASP A 1 27  ? 0.871   -1.293  -16.336 1.00 46.58  ? 29  ASP A C   1 
ATOM   211  O O   . ASP A 1 27  ? 0.378   -2.227  -17.014 1.00 46.37  ? 29  ASP A O   1 
ATOM   212  C CB  . ASP A 1 27  ? -1.374  -0.146  -16.621 1.00 51.07  ? 29  ASP A CB  1 
ATOM   213  C CG  . ASP A 1 27  ? -2.329  -1.260  -16.220 1.00 53.50  ? 29  ASP A CG  1 
ATOM   214  O OD1 . ASP A 1 27  ? -2.474  -1.498  -15.011 1.00 60.39  ? 29  ASP A OD1 1 
ATOM   215  O OD2 . ASP A 1 27  ? -2.902  -1.896  -17.117 1.00 57.39  ? 29  ASP A OD2 1 
ATOM   216  N N   . ILE A 1 28  ? 2.159   -1.215  -16.002 1.00 43.27  ? 30  ILE A N   1 
ATOM   217  C CA  . ILE A 1 28  ? 3.180   -2.196  -16.470 1.00 44.00  ? 30  ILE A CA  1 
ATOM   218  C C   . ILE A 1 28  ? 3.340   -3.279  -15.404 1.00 46.13  ? 30  ILE A C   1 
ATOM   219  O O   . ILE A 1 28  ? 3.761   -2.957  -14.267 1.00 42.82  ? 30  ILE A O   1 
ATOM   220  C CB  . ILE A 1 28  ? 4.519   -1.513  -16.805 1.00 43.46  ? 30  ILE A CB  1 
ATOM   221  C CG1 . ILE A 1 28  ? 4.346   -0.455  -17.899 1.00 44.35  ? 30  ILE A CG1 1 
ATOM   222  C CG2 . ILE A 1 28  ? 5.566   -2.559  -17.177 1.00 42.21  ? 30  ILE A CG2 1 
ATOM   223  C CD1 . ILE A 1 28  ? 5.591   0.365   -18.163 1.00 48.77  ? 30  ILE A CD1 1 
ATOM   224  N N   . LEU A 1 29  ? 3.012   -4.515  -15.776 1.00 46.25  ? 31  LEU A N   1 
ATOM   225  C CA  . LEU A 1 29  ? 3.237   -5.722  -14.948 1.00 48.93  ? 31  LEU A CA  1 
ATOM   226  C C   . LEU A 1 29  ? 2.404   -5.650  -13.669 1.00 45.66  ? 31  LEU A C   1 
ATOM   227  O O   . LEU A 1 29  ? 2.723   -6.393  -12.727 1.00 43.73  ? 31  LEU A O   1 
ATOM   228  C CB  . LEU A 1 29  ? 4.734   -5.854  -14.641 1.00 48.48  ? 31  LEU A CB  1 
ATOM   229  C CG  . LEU A 1 29  ? 5.423   -7.005  -15.362 1.00 49.01  ? 31  LEU A CG  1 
ATOM   230  C CD1 . LEU A 1 29  ? 5.253   -6.881  -16.863 1.00 53.30  ? 31  LEU A CD1 1 
ATOM   231  C CD2 . LEU A 1 29  ? 6.890   -7.047  -14.995 1.00 58.29  ? 31  LEU A CD2 1 
ATOM   232  N N   . THR A 1 30  ? 1.361   -4.819  -13.650 1.00 42.44  ? 32  THR A N   1 
ATOM   233  C CA  . THR A 1 30  ? 0.288   -4.893  -12.630 1.00 42.48  ? 32  THR A CA  1 
ATOM   234  C C   . THR A 1 30  ? -0.382  -6.256  -12.815 1.00 44.08  ? 32  THR A C   1 
ATOM   235  O O   . THR A 1 30  ? -0.562  -6.652  -13.987 1.00 41.38  ? 32  THR A O   1 
ATOM   236  C CB  . THR A 1 30  ? -0.659  -3.702  -12.772 1.00 43.27  ? 32  THR A CB  1 
ATOM   237  O OG1 . THR A 1 30  ? -0.978  -3.669  -14.162 1.00 55.44  ? 32  THR A OG1 1 
ATOM   238  C CG2 . THR A 1 30  ? -0.060  -2.380  -12.340 1.00 41.29  ? 32  THR A CG2 1 
ATOM   239  N N   . ASP A 1 31  ? -0.697  -6.952  -11.718 1.00 44.14  ? 33  ASP A N   1 
ATOM   240  C CA  . ASP A 1 31  ? -1.109  -8.385  -11.714 1.00 40.78  ? 33  ASP A CA  1 
ATOM   241  C C   . ASP A 1 31  ? -2.331  -8.604  -10.818 1.00 38.24  ? 33  ASP A C   1 
ATOM   242  O O   . ASP A 1 31  ? -2.728  -9.772  -10.615 1.00 36.39  ? 33  ASP A O   1 
ATOM   243  C CB  . ASP A 1 31  ? 0.057   -9.273  -11.269 1.00 42.41  ? 33  ASP A CB  1 
ATOM   244  C CG  . ASP A 1 31  ? 0.740   -8.819  -9.985  1.00 45.02  ? 33  ASP A CG  1 
ATOM   245  O OD1 . ASP A 1 31  ? 0.141   -8.010  -9.237  1.00 39.59  ? 33  ASP A OD1 1 
ATOM   246  O OD2 . ASP A 1 31  ? 1.867   -9.273  -9.743  1.00 46.06  ? 33  ASP A OD2 1 
ATOM   247  N N   . VAL A 1 32  ? -2.907  -7.534  -10.283 1.00 38.92  ? 34  VAL A N   1 
ATOM   248  C CA  . VAL A 1 32  ? -4.141  -7.621  -9.452  1.00 39.72  ? 34  VAL A CA  1 
ATOM   249  C C   . VAL A 1 32  ? -4.937  -6.320  -9.606  1.00 36.62  ? 34  VAL A C   1 
ATOM   250  O O   . VAL A 1 32  ? -4.327  -5.245  -9.828  1.00 31.78  ? 34  VAL A O   1 
ATOM   251  C CB  . VAL A 1 32  ? -3.807  -7.932  -7.981  1.00 41.33  ? 34  VAL A CB  1 
ATOM   252  C CG1 . VAL A 1 32  ? -2.993  -6.830  -7.319  1.00 39.21  ? 34  VAL A CG1 1 
ATOM   253  C CG2 . VAL A 1 32  ? -5.060  -8.242  -7.176  1.00 41.96  ? 34  VAL A CG2 1 
ATOM   254  N N   . VAL A 1 33  ? -6.262  -6.441  -9.537  1.00 42.23  ? 35  VAL A N   1 
ATOM   255  C CA  . VAL A 1 33  ? -7.205  -5.298  -9.393  1.00 39.31  ? 35  VAL A CA  1 
ATOM   256  C C   . VAL A 1 33  ? -7.867  -5.439  -8.027  1.00 37.09  ? 35  VAL A C   1 
ATOM   257  O O   . VAL A 1 33  ? -8.343  -6.535  -7.705  1.00 37.21  ? 35  VAL A O   1 
ATOM   258  C CB  . VAL A 1 33  ? -8.249  -5.231  -10.525 1.00 43.18  ? 35  VAL A CB  1 
ATOM   259  C CG1 . VAL A 1 33  ? -9.125  -3.994  -10.395 1.00 40.41  ? 35  VAL A CG1 1 
ATOM   260  C CG2 . VAL A 1 33  ? -7.582  -5.261  -11.890 1.00 48.03  ? 35  VAL A CG2 1 
ATOM   261  N N   . ILE A 1 34  ? -7.865  -4.353  -7.264  1.00 39.98  ? 36  ILE A N   1 
ATOM   262  C CA  . ILE A 1 34  ? -8.526  -4.256  -5.938  1.00 39.27  ? 36  ILE A CA  1 
ATOM   263  C C   . ILE A 1 34  ? -9.826  -3.484  -6.159  1.00 40.59  ? 36  ILE A C   1 
ATOM   264  O O   . ILE A 1 34  ? -9.754  -2.293  -6.576  1.00 34.65  ? 36  ILE A O   1 
ATOM   265  C CB  . ILE A 1 34  ? -7.608  -3.581  -4.894  1.00 42.26  ? 36  ILE A CB  1 
ATOM   266  C CG1 . ILE A 1 34  ? -6.153  -4.062  -4.980  1.00 38.11  ? 36  ILE A CG1 1 
ATOM   267  C CG2 . ILE A 1 34  ? -8.178  -3.770  -3.499  1.00 40.47  ? 36  ILE A CG2 1 
ATOM   268  C CD1 . ILE A 1 34  ? -5.982  -5.549  -4.744  1.00 39.93  ? 36  ILE A CD1 1 
ATOM   269  N N   . VAL A 1 35  ? -10.955 -4.158  -5.914  1.00 37.59  ? 37  VAL A N   1 
ATOM   270  C CA  . VAL A 1 35  ? -12.318 -3.593  -6.095  1.00 40.51  ? 37  VAL A CA  1 
ATOM   271  C C   . VAL A 1 35  ? -12.803 -3.117  -4.724  1.00 42.61  ? 37  VAL A C   1 
ATOM   272  O O   . VAL A 1 35  ? -12.896 -3.945  -3.784  1.00 39.78  ? 37  VAL A O   1 
ATOM   273  C CB  . VAL A 1 35  ? -13.285 -4.599  -6.743  1.00 48.63  ? 37  VAL A CB  1 
ATOM   274  C CG1 . VAL A 1 35  ? -14.614 -3.938  -7.094  1.00 56.39  ? 37  VAL A CG1 1 
ATOM   275  C CG2 . VAL A 1 35  ? -12.675 -5.260  -7.970  1.00 44.38  ? 37  VAL A CG2 1 
ATOM   276  N N   . VAL A 1 36  ? -13.057 -1.815  -4.622  1.00 44.08  ? 38  VAL A N   1 
ATOM   277  C CA  . VAL A 1 36  ? -13.544 -1.144  -3.390  1.00 48.37  ? 38  VAL A CA  1 
ATOM   278  C C   . VAL A 1 36  ? -14.924 -0.572  -3.720  1.00 44.95  ? 38  VAL A C   1 
ATOM   279  O O   . VAL A 1 36  ? -14.999 0.560   -4.241  1.00 36.63  ? 38  VAL A O   1 
ATOM   280  C CB  . VAL A 1 36  ? -12.553 -0.081  -2.882  1.00 44.43  ? 38  VAL A CB  1 
ATOM   281  C CG1 . VAL A 1 36  ? -12.958 0.424   -1.511  1.00 45.32  ? 38  VAL A CG1 1 
ATOM   282  C CG2 . VAL A 1 36  ? -11.132 -0.619  -2.851  1.00 44.35  ? 38  VAL A CG2 1 
ATOM   283  N N   . SER A 1 37  ? -15.961 -1.358  -3.412  1.00 48.95  ? 39  SER A N   1 
ATOM   284  C CA  . SER A 1 37  ? -17.358 -1.194  -3.887  1.00 53.41  ? 39  SER A CA  1 
ATOM   285  C C   . SER A 1 37  ? -17.338 -0.944  -5.404  1.00 43.11  ? 39  SER A C   1 
ATOM   286  O O   . SER A 1 37  ? -17.086 -1.924  -6.134  1.00 37.46  ? 39  SER A O   1 
ATOM   287  C CB  . SER A 1 37  ? -18.078 -0.125  -3.107  1.00 58.86  ? 39  SER A CB  1 
ATOM   288  O OG  . SER A 1 37  ? -17.312 1.062   -3.042  1.00 67.56  ? 39  SER A OG  1 
ATOM   289  N N   . ARG A 1 38  ? -17.523 0.304   -5.849  1.00 38.92  ? 40  ARG A N   1 
ATOM   290  C CA  . ARG A 1 38  ? -17.690 0.672   -7.287  1.00 44.48  ? 40  ARG A CA  1 
ATOM   291  C C   . ARG A 1 38  ? -16.365 1.011   -7.974  1.00 45.59  ? 40  ARG A C   1 
ATOM   292  O O   . ARG A 1 38  ? -16.384 1.218   -9.203  1.00 47.94  ? 40  ARG A O   1 
ATOM   293  C CB  . ARG A 1 38  ? -18.591 1.898   -7.430  1.00 46.74  ? 40  ARG A CB  1 
ATOM   294  C CG  . ARG A 1 38  ? -20.046 1.587   -7.135  1.00 52.92  ? 40  ARG A CG  1 
ATOM   295  C CD  . ARG A 1 38  ? -20.955 2.756   -7.411  1.00 54.83  ? 40  ARG A CD  1 
ATOM   296  N NE  . ARG A 1 38  ? -22.334 2.345   -7.210  1.00 55.05  ? 40  ARG A NE  1 
ATOM   297  C CZ  . ARG A 1 38  ? -23.337 3.168   -6.941  1.00 50.63  ? 40  ARG A CZ  1 
ATOM   298  N NH1 . ARG A 1 38  ? -23.142 4.475   -6.842  1.00 45.86  ? 40  ARG A NH1 1 
ATOM   299  N NH2 . ARG A 1 38  ? -24.544 2.668   -6.775  1.00 49.95  ? 40  ARG A NH2 1 
ATOM   300  N N   . GLU A 1 39  ? -15.265 1.083   -7.231  1.00 46.90  ? 41  GLU A N   1 
ATOM   301  C CA  . GLU A 1 39  ? -13.972 1.585   -7.757  1.00 44.89  ? 41  GLU A CA  1 
ATOM   302  C C   . GLU A 1 39  ? -12.994 0.424   -7.930  1.00 42.91  ? 41  GLU A C   1 
ATOM   303  O O   . GLU A 1 39  ? -13.171 -0.616  -7.270  1.00 37.82  ? 41  GLU A O   1 
ATOM   304  C CB  . GLU A 1 39  ? -13.429 2.652   -6.822  1.00 51.20  ? 41  GLU A CB  1 
ATOM   305  C CG  . GLU A 1 39  ? -14.512 3.585   -6.339  1.00 57.26  ? 41  GLU A CG  1 
ATOM   306  C CD  . GLU A 1 39  ? -14.212 5.034   -6.616  1.00 62.41  ? 41  GLU A CD  1 
ATOM   307  O OE1 . GLU A 1 39  ? -13.998 5.349   -7.795  1.00 69.14  ? 41  GLU A OE1 1 
ATOM   308  O OE2 . GLU A 1 39  ? -14.202 5.827   -5.657  1.00 72.58  ? 41  GLU A OE2 1 
ATOM   309  N N   . GLN A 1 40  ? -12.017 0.599   -8.820  1.00 43.26  ? 42  GLN A N   1 
ATOM   310  C CA  . GLN A 1 40  ? -10.928 -0.384  -9.018  1.00 44.52  ? 42  GLN A CA  1 
ATOM   311  C C   . GLN A 1 40  ? -9.569  0.322   -9.000  1.00 44.86  ? 42  GLN A C   1 
ATOM   312  O O   . GLN A 1 40  ? -9.438  1.497   -9.445  1.00 36.72  ? 42  GLN A O   1 
ATOM   313  C CB  . GLN A 1 40  ? -11.141 -1.256  -10.254 1.00 42.90  ? 42  GLN A CB  1 
ATOM   314  C CG  . GLN A 1 40  ? -11.791 -0.575  -11.436 1.00 48.60  ? 42  GLN A CG  1 
ATOM   315  C CD  . GLN A 1 40  ? -12.156 -1.620  -12.459 1.00 54.75  ? 42  GLN A CD  1 
ATOM   316  O OE1 . GLN A 1 40  ? -13.327 -1.926  -12.672 1.00 55.59  ? 42  GLN A OE1 1 
ATOM   317  N NE2 . GLN A 1 40  ? -11.140 -2.206  -13.072 1.00 48.85  ? 42  GLN A NE2 1 
ATOM   318  N N   . PHE A 1 41  ? -8.594  -0.395  -8.448  1.00 44.05  ? 43  PHE A N   1 
ATOM   319  C CA  . PHE A 1 41  ? -7.188  0.040   -8.309  1.00 35.19  ? 43  PHE A CA  1 
ATOM   320  C C   . PHE A 1 41  ? -6.317  -1.110  -8.811  1.00 35.41  ? 43  PHE A C   1 
ATOM   321  O O   . PHE A 1 41  ? -6.340  -2.197  -8.184  1.00 34.73  ? 43  PHE A O   1 
ATOM   322  C CB  . PHE A 1 41  ? -6.927  0.433   -6.856  1.00 36.29  ? 43  PHE A CB  1 
ATOM   323  C CG  . PHE A 1 41  ? -7.936  1.402   -6.295  1.00 36.18  ? 43  PHE A CG  1 
ATOM   324  C CD1 . PHE A 1 41  ? -7.771  2.763   -6.462  1.00 35.25  ? 43  PHE A CD1 1 
ATOM   325  C CD2 . PHE A 1 41  ? -9.057  0.947   -5.615  1.00 35.75  ? 43  PHE A CD2 1 
ATOM   326  C CE1 . PHE A 1 41  ? -8.707  3.652   -5.956  1.00 37.37  ? 43  PHE A CE1 1 
ATOM   327  C CE2 . PHE A 1 41  ? -9.989  1.838   -5.109  1.00 34.44  ? 43  PHE A CE2 1 
ATOM   328  C CZ  . PHE A 1 41  ? -9.808  3.190   -5.280  1.00 34.13  ? 43  PHE A CZ  1 
ATOM   329  N N   . ARG A 1 42  ? -5.622  -0.890  -9.930  1.00 36.67  ? 44  ARG A N   1 
ATOM   330  C CA  . ARG A 1 42  ? -4.592  -1.823  -10.460 1.00 41.99  ? 44  ARG A CA  1 
ATOM   331  C C   . ARG A 1 42  ? -3.323  -1.632  -9.615  1.00 40.85  ? 44  ARG A C   1 
ATOM   332  O O   . ARG A 1 42  ? -2.959  -0.472  -9.302  1.00 38.88  ? 44  ARG A O   1 
ATOM   333  C CB  . ARG A 1 42  ? -4.384  -1.607  -11.965 1.00 47.75  ? 44  ARG A CB  1 
ATOM   334  C CG  . ARG A 1 42  ? -5.601  -1.943  -12.831 1.00 59.76  ? 44  ARG A CG  1 
ATOM   335  C CD  . ARG A 1 42  ? -5.312  -2.646  -14.163 1.00 64.02  ? 44  ARG A CD  1 
ATOM   336  N NE  . ARG A 1 42  ? -5.654  -4.074  -14.195 1.00 70.85  ? 44  ARG A NE  1 
ATOM   337  C CZ  . ARG A 1 42  ? -4.833  -5.099  -13.904 1.00 75.02  ? 44  ARG A CZ  1 
ATOM   338  N NH1 . ARG A 1 42  ? -3.575  -4.902  -13.548 1.00 73.20  ? 44  ARG A NH1 1 
ATOM   339  N NH2 . ARG A 1 42  ? -5.278  -6.341  -13.969 1.00 80.13  ? 44  ARG A NH2 1 
ATOM   340  N N   . ALA A 1 43  ? -2.684  -2.733  -9.233  1.00 38.90  ? 45  ALA A N   1 
ATOM   341  C CA  . ALA A 1 43  ? -1.472  -2.727  -8.382  1.00 37.85  ? 45  ALA A CA  1 
ATOM   342  C C   . ALA A 1 43  ? -0.629  -3.963  -8.661  1.00 35.10  ? 45  ALA A C   1 
ATOM   343  O O   . ALA A 1 43  ? -1.074  -4.849  -9.416  1.00 40.14  ? 45  ALA A O   1 
ATOM   344  C CB  . ALA A 1 43  ? -1.850  -2.664  -6.926  1.00 35.23  ? 45  ALA A CB  1 
ATOM   345  N N   . HIS A 1 44  ? 0.560   -3.975  -8.073  1.00 38.03  ? 46  HIS A N   1 
ATOM   346  C CA  . HIS A 1 44  ? 1.466   -5.143  -7.992  1.00 40.37  ? 46  HIS A CA  1 
ATOM   347  C C   . HIS A 1 44  ? 1.274   -5.784  -6.620  1.00 39.01  ? 46  HIS A C   1 
ATOM   348  O O   . HIS A 1 44  ? 1.432   -5.070  -5.612  1.00 34.86  ? 46  HIS A O   1 
ATOM   349  C CB  . HIS A 1 44  ? 2.921   -4.723  -8.205  1.00 38.89  ? 46  HIS A CB  1 
ATOM   350  C CG  . HIS A 1 44  ? 3.137   -3.867  -9.403  1.00 38.24  ? 46  HIS A CG  1 
ATOM   351  N ND1 . HIS A 1 44  ? 3.192   -2.500  -9.323  1.00 39.22  ? 46  HIS A ND1 1 
ATOM   352  C CD2 . HIS A 1 44  ? 3.339   -4.183  -10.697 1.00 36.28  ? 46  HIS A CD2 1 
ATOM   353  C CE1 . HIS A 1 44  ? 3.414   -2.007  -10.524 1.00 37.92  ? 46  HIS A CE1 1 
ATOM   354  N NE2 . HIS A 1 44  ? 3.499   -3.015  -11.378 1.00 35.80  ? 46  HIS A NE2 1 
ATOM   355  N N   . LYS A 1 45  ? 0.970   -7.083  -6.612  1.00 39.75  ? 47  LYS A N   1 
ATOM   356  C CA  . LYS A 1 45  ? 0.744   -7.901  -5.397  1.00 39.13  ? 47  LYS A CA  1 
ATOM   357  C C   . LYS A 1 45  ? 1.931   -7.763  -4.430  1.00 39.76  ? 47  LYS A C   1 
ATOM   358  O O   . LYS A 1 45  ? 1.697   -7.609  -3.214  1.00 40.97  ? 47  LYS A O   1 
ATOM   359  C CB  . LYS A 1 45  ? 0.537   -9.352  -5.825  1.00 39.50  ? 47  LYS A CB  1 
ATOM   360  C CG  . LYS A 1 45  ? -0.806  -9.662  -6.469  1.00 38.83  ? 47  LYS A CG  1 
ATOM   361  C CD  . LYS A 1 45  ? -0.766  -10.970 -7.229  1.00 41.46  ? 47  LYS A CD  1 
ATOM   362  C CE  . LYS A 1 45  ? -2.130  -11.529 -7.548  1.00 43.00  ? 47  LYS A CE  1 
ATOM   363  N NZ  . LYS A 1 45  ? -2.018  -12.872 -8.161  1.00 51.80  ? 47  LYS A NZ  1 
ATOM   364  N N   . THR A 1 46  ? 3.158   -7.826  -4.950  1.00 37.51  ? 48  THR A N   1 
ATOM   365  C CA  . THR A 1 46  ? 4.401   -7.798  -4.142  1.00 35.52  ? 48  THR A CA  1 
ATOM   366  C C   . THR A 1 46  ? 4.423   -6.508  -3.326  1.00 34.06  ? 48  THR A C   1 
ATOM   367  O O   . THR A 1 46  ? 4.821   -6.574  -2.159  1.00 37.06  ? 48  THR A O   1 
ATOM   368  C CB  . THR A 1 46  ? 5.656   -7.980  -5.004  1.00 38.42  ? 48  THR A CB  1 
ATOM   369  O OG1 . THR A 1 46  ? 5.641   -7.071  -6.103  1.00 36.87  ? 48  THR A OG1 1 
ATOM   370  C CG2 . THR A 1 46  ? 5.787   -9.390  -5.537  1.00 49.39  ? 48  THR A CG2 1 
ATOM   371  N N   . VAL A 1 47  ? 3.987   -5.383  -3.892  1.00 33.48  ? 49  VAL A N   1 
ATOM   372  C CA  . VAL A 1 47  ? 4.008   -4.088  -3.147  1.00 34.08  ? 49  VAL A CA  1 
ATOM   373  C C   . VAL A 1 47  ? 2.914   -4.132  -2.074  1.00 34.16  ? 49  VAL A C   1 
ATOM   374  O O   . VAL A 1 47  ? 3.185   -3.684  -0.959  1.00 34.11  ? 49  VAL A O   1 
ATOM   375  C CB  . VAL A 1 47  ? 3.865   -2.854  -4.063  1.00 35.68  ? 49  VAL A CB  1 
ATOM   376  C CG1 . VAL A 1 47  ? 3.769   -1.567  -3.248  1.00 35.70  ? 49  VAL A CG1 1 
ATOM   377  C CG2 . VAL A 1 47  ? 5.013   -2.754  -5.063  1.00 35.61  ? 49  VAL A CG2 1 
ATOM   378  N N   . LEU A 1 48  ? 1.722   -4.640  -2.398  1.00 34.08  ? 50  LEU A N   1 
ATOM   379  C CA  . LEU A 1 48  ? 0.603   -4.766  -1.424  1.00 34.28  ? 50  LEU A CA  1 
ATOM   380  C C   . LEU A 1 48  ? 1.084   -5.597  -0.223  1.00 31.85  ? 50  LEU A C   1 
ATOM   381  O O   . LEU A 1 48  ? 0.965   -5.112  0.907   1.00 31.79  ? 50  LEU A O   1 
ATOM   382  C CB  . LEU A 1 48  ? -0.603  -5.412  -2.117  1.00 34.83  ? 50  LEU A CB  1 
ATOM   383  C CG  . LEU A 1 48  ? -1.207  -4.632  -3.292  1.00 38.58  ? 50  LEU A CG  1 
ATOM   384  C CD1 . LEU A 1 48  ? -2.503  -5.287  -3.751  1.00 39.96  ? 50  LEU A CD1 1 
ATOM   385  C CD2 . LEU A 1 48  ? -1.453  -3.167  -2.942  1.00 38.16  ? 50  LEU A CD2 1 
ATOM   386  N N   . MET A 1 49  ? 1.648   -6.783  -0.487  1.00 35.40  ? 51  MET A N   1 
ATOM   387  C CA  . MET A 1 49  ? 2.155   -7.760  0.517   1.00 32.77  ? 51  MET A CA  1 
ATOM   388  C C   . MET A 1 49  ? 3.206   -7.098  1.403   1.00 31.12  ? 51  MET A C   1 
ATOM   389  O O   . MET A 1 49  ? 3.161   -7.284  2.623   1.00 34.63  ? 51  MET A O   1 
ATOM   390  C CB  . MET A 1 49  ? 2.789   -8.970  -0.163  1.00 31.63  ? 51  MET A CB  1 
ATOM   391  C CG  . MET A 1 49  ? 1.811   -9.787  -0.956  1.00 36.90  ? 51  MET A CG  1 
ATOM   392  S SD  . MET A 1 49  ? 2.663   -11.184 -1.695  1.00 43.76  ? 51  MET A SD  1 
ATOM   393  C CE  . MET A 1 49  ? 2.787   -12.282 -0.285  1.00 44.66  ? 51  MET A CE  1 
ATOM   394  N N   . ALA A 1 50  ? 4.103   -6.327  0.804   1.00 35.59  ? 52  ALA A N   1 
ATOM   395  C CA  . ALA A 1 50  ? 5.194   -5.614  1.504   1.00 36.14  ? 52  ALA A CA  1 
ATOM   396  C C   . ALA A 1 50  ? 4.636   -4.564  2.478   1.00 33.76  ? 52  ALA A C   1 
ATOM   397  O O   . ALA A 1 50  ? 5.383   -4.196  3.406   1.00 34.41  ? 52  ALA A O   1 
ATOM   398  C CB  . ALA A 1 50  ? 6.124   -5.001  0.487   1.00 36.93  ? 52  ALA A CB  1 
ATOM   399  N N   . CYS A 1 51  ? 3.385   -4.113  2.308   1.00 34.42  ? 53  CYS A N   1 
ATOM   400  C CA  . CYS A 1 51  ? 2.822   -2.910  2.994   1.00 39.70  ? 53  CYS A CA  1 
ATOM   401  C C   . CYS A 1 51  ? 1.605   -3.229  3.882   1.00 38.53  ? 53  CYS A C   1 
ATOM   402  O O   . CYS A 1 51  ? 1.247   -2.364  4.708   1.00 39.29  ? 53  CYS A O   1 
ATOM   403  C CB  . CYS A 1 51  ? 2.433   -1.842  1.973   1.00 40.82  ? 53  CYS A CB  1 
ATOM   404  S SG  . CYS A 1 51  ? 3.850   -1.131  1.087   1.00 43.25  ? 53  CYS A SG  1 
ATOM   405  N N   . SER A 1 52  ? 0.987   -4.402  3.730   1.00 38.46  ? 54  SER A N   1 
ATOM   406  C CA  . SER A 1 52  ? -0.343  -4.754  4.308   1.00 34.34  ? 54  SER A CA  1 
ATOM   407  C C   . SER A 1 52  ? -0.339  -6.199  4.834   1.00 32.19  ? 54  SER A C   1 
ATOM   408  O O   . SER A 1 52  ? -0.038  -7.140  4.050   1.00 31.71  ? 54  SER A O   1 
ATOM   409  C CB  . SER A 1 52  ? -1.413  -4.534  3.254   1.00 35.13  ? 54  SER A CB  1 
ATOM   410  O OG  . SER A 1 52  ? -2.610  -5.240  3.549   1.00 35.19  ? 54  SER A OG  1 
ATOM   411  N N   . GLY A 1 53  ? -0.649  -6.390  6.117   1.00 35.90  ? 55  GLY A N   1 
ATOM   412  C CA  . GLY A 1 53  ? -0.803  -7.740  6.692   1.00 37.01  ? 55  GLY A CA  1 
ATOM   413  C C   . GLY A 1 53  ? -1.853  -8.528  5.929   1.00 37.61  ? 55  GLY A C   1 
ATOM   414  O O   . GLY A 1 53  ? -1.621  -9.728  5.682   1.00 36.65  ? 55  GLY A O   1 
ATOM   415  N N   . LEU A 1 54  ? -2.949  -7.859  5.539   1.00 36.15  ? 56  LEU A N   1 
ATOM   416  C CA  . LEU A 1 54  ? -4.135  -8.485  4.895   1.00 34.64  ? 56  LEU A CA  1 
ATOM   417  C C   . LEU A 1 54  ? -3.743  -9.056  3.538   1.00 34.83  ? 56  LEU A C   1 
ATOM   418  O O   . LEU A 1 54  ? -4.085  -10.215 3.269   1.00 44.75  ? 56  LEU A O   1 
ATOM   419  C CB  . LEU A 1 54  ? -5.255  -7.454  4.749   1.00 40.44  ? 56  LEU A CB  1 
ATOM   420  C CG  . LEU A 1 54  ? -6.521  -7.981  4.075   1.00 42.59  ? 56  LEU A CG  1 
ATOM   421  C CD1 . LEU A 1 54  ? -7.087  -9.155  4.865   1.00 45.23  ? 56  LEU A CD1 1 
ATOM   422  C CD2 . LEU A 1 54  ? -7.553  -6.875  3.913   1.00 39.86  ? 56  LEU A CD2 1 
ATOM   423  N N   . PHE A 1 55  ? -3.045  -8.276  2.712   1.00 39.10  ? 57  PHE A N   1 
ATOM   424  C CA  . PHE A 1 55  ? -2.610  -8.702  1.352   1.00 34.47  ? 57  PHE A CA  1 
ATOM   425  C C   . PHE A 1 55  ? -1.514  -9.759  1.490   1.00 34.80  ? 57  PHE A C   1 
ATOM   426  O O   . PHE A 1 55  ? -1.465  -10.719 0.663   1.00 34.52  ? 57  PHE A O   1 
ATOM   427  C CB  . PHE A 1 55  ? -2.196  -7.493  0.510   1.00 32.11  ? 57  PHE A CB  1 
ATOM   428  C CG  . PHE A 1 55  ? -3.349  -6.621  0.073   1.00 34.27  ? 57  PHE A CG  1 
ATOM   429  C CD1 . PHE A 1 55  ? -4.452  -7.169  -0.565  1.00 34.47  ? 57  PHE A CD1 1 
ATOM   430  C CD2 . PHE A 1 55  ? -3.332  -5.252  0.295   1.00 31.49  ? 57  PHE A CD2 1 
ATOM   431  C CE1 . PHE A 1 55  ? -5.511  -6.369  -0.964  1.00 32.23  ? 57  PHE A CE1 1 
ATOM   432  C CE2 . PHE A 1 55  ? -4.385  -4.452  -0.113  1.00 31.57  ? 57  PHE A CE2 1 
ATOM   433  C CZ  . PHE A 1 55  ? -5.468  -5.011  -0.747  1.00 33.60  ? 57  PHE A CZ  1 
ATOM   434  N N   . TYR A 1 56  ? -0.671  -9.612  2.516   1.00 33.15  ? 58  TYR A N   1 
ATOM   435  C CA  . TYR A 1 56  ? 0.355   -10.624 2.862   1.00 38.23  ? 58  TYR A CA  1 
ATOM   436  C C   . TYR A 1 56  ? -0.334  -11.987 3.047   1.00 40.93  ? 58  TYR A C   1 
ATOM   437  O O   . TYR A 1 56  ? 0.062   -12.968 2.359   1.00 40.54  ? 58  TYR A O   1 
ATOM   438  C CB  . TYR A 1 56  ? 1.190   -10.205 4.077   1.00 40.06  ? 58  TYR A CB  1 
ATOM   439  C CG  . TYR A 1 56  ? 2.276   -11.205 4.371   1.00 47.70  ? 58  TYR A CG  1 
ATOM   440  C CD1 . TYR A 1 56  ? 3.312   -11.409 3.471   1.00 49.99  ? 58  TYR A CD1 1 
ATOM   441  C CD2 . TYR A 1 56  ? 2.234   -11.997 5.507   1.00 54.41  ? 58  TYR A CD2 1 
ATOM   442  C CE1 . TYR A 1 56  ? 4.298   -12.354 3.708   1.00 51.39  ? 58  TYR A CE1 1 
ATOM   443  C CE2 . TYR A 1 56  ? 3.209   -12.949 5.757   1.00 52.83  ? 58  TYR A CE2 1 
ATOM   444  C CZ  . TYR A 1 56  ? 4.244   -13.126 4.857   1.00 57.18  ? 58  TYR A CZ  1 
ATOM   445  O OH  . TYR A 1 56  ? 5.210   -14.057 5.109   1.00 56.94  ? 58  TYR A OH  1 
ATOM   446  N N   . SER A 1 57  ? -1.349  -12.041 3.917   1.00 42.99  ? 59  SER A N   1 
ATOM   447  C CA  . SER A 1 57  ? -2.159  -13.251 4.215   1.00 43.50  ? 59  SER A CA  1 
ATOM   448  C C   . SER A 1 57  ? -2.808  -13.797 2.937   1.00 41.36  ? 59  SER A C   1 
ATOM   449  O O   . SER A 1 57  ? -2.680  -15.008 2.682   1.00 42.49  ? 59  SER A O   1 
ATOM   450  C CB  . SER A 1 57  ? -3.182  -12.947 5.268   1.00 46.18  ? 59  SER A CB  1 
ATOM   451  O OG  . SER A 1 57  ? -2.533  -12.489 6.441   1.00 54.67  ? 59  SER A OG  1 
ATOM   452  N N   . ILE A 1 58  ? -3.477  -12.939 2.167   1.00 38.30  ? 60  ILE A N   1 
ATOM   453  C CA  . ILE A 1 58  ? -4.230  -13.348 0.943   1.00 41.00  ? 60  ILE A CA  1 
ATOM   454  C C   . ILE A 1 58  ? -3.266  -14.059 -0.017  1.00 43.88  ? 60  ILE A C   1 
ATOM   455  O O   . ILE A 1 58  ? -3.546  -15.214 -0.391  1.00 53.04  ? 60  ILE A O   1 
ATOM   456  C CB  . ILE A 1 58  ? -4.939  -12.139 0.288   1.00 39.26  ? 60  ILE A CB  1 
ATOM   457  C CG1 . ILE A 1 58  ? -6.035  -11.566 1.190   1.00 42.35  ? 60  ILE A CG1 1 
ATOM   458  C CG2 . ILE A 1 58  ? -5.491  -12.520 -1.075  1.00 39.33  ? 60  ILE A CG2 1 
ATOM   459  C CD1 . ILE A 1 58  ? -6.532  -10.197 0.788   1.00 41.79  ? 60  ILE A CD1 1 
ATOM   460  N N   . PHE A 1 59  ? -2.155  -13.422 -0.394  1.00 51.46  ? 61  PHE A N   1 
ATOM   461  C CA  . PHE A 1 59  ? -1.295  -13.890 -1.522  1.00 52.23  ? 61  PHE A CA  1 
ATOM   462  C C   . PHE A 1 59  ? -0.295  -14.966 -1.074  1.00 44.45  ? 61  PHE A C   1 
ATOM   463  O O   . PHE A 1 59  ? 0.337   -15.588 -1.945  1.00 53.12  ? 61  PHE A O   1 
ATOM   464  C CB  . PHE A 1 59  ? -0.657  -12.684 -2.211  1.00 46.55  ? 61  PHE A CB  1 
ATOM   465  C CG  . PHE A 1 59  ? -1.682  -11.740 -2.784  1.00 47.49  ? 61  PHE A CG  1 
ATOM   466  C CD1 . PHE A 1 59  ? -2.622  -12.199 -3.697  1.00 47.23  ? 61  PHE A CD1 1 
ATOM   467  C CD2 . PHE A 1 59  ? -1.732  -10.412 -2.386  1.00 44.08  ? 61  PHE A CD2 1 
ATOM   468  C CE1 . PHE A 1 59  ? -3.579  -11.346 -4.218  1.00 42.86  ? 61  PHE A CE1 1 
ATOM   469  C CE2 . PHE A 1 59  ? -2.683  -9.556  -2.914  1.00 49.58  ? 61  PHE A CE2 1 
ATOM   470  C CZ  . PHE A 1 59  ? -3.603  -10.026 -3.830  1.00 51.97  ? 61  PHE A CZ  1 
ATOM   471  N N   . THR A 1 60  ? -0.177  -15.203 0.233   1.00 49.42  ? 62  THR A N   1 
ATOM   472  C CA  . THR A 1 60  ? 0.584   -16.335 0.823   1.00 52.56  ? 62  THR A CA  1 
ATOM   473  C C   . THR A 1 60  ? -0.334  -17.565 0.969   1.00 66.03  ? 62  THR A C   1 
ATOM   474  O O   . THR A 1 60  ? 0.196   -18.694 0.999   1.00 64.34  ? 62  THR A O   1 
ATOM   475  C CB  . THR A 1 60  ? 1.242   -15.899 2.134   1.00 46.65  ? 62  THR A CB  1 
ATOM   476  O OG1 . THR A 1 60  ? 0.292   -15.211 2.942   1.00 51.43  ? 62  THR A OG1 1 
ATOM   477  C CG2 . THR A 1 60  ? 2.412   -14.973 1.913   1.00 53.63  ? 62  THR A CG2 1 
ATOM   478  N N   . ASP A 1 61  ? -1.656  -17.376 1.040   1.00 68.76  ? 63  ASP A N   1 
ATOM   479  C CA  . ASP A 1 61  ? -2.632  -18.486 0.878   1.00 70.40  ? 63  ASP A CA  1 
ATOM   480  C C   . ASP A 1 61  ? -2.489  -19.021 -0.543  1.00 69.72  ? 63  ASP A C   1 
ATOM   481  O O   . ASP A 1 61  ? -2.774  -18.249 -1.467  1.00 69.24  ? 63  ASP A O   1 
ATOM   482  C CB  . ASP A 1 61  ? -4.073  -18.044 1.118   1.00 75.44  ? 63  ASP A CB  1 
ATOM   483  C CG  . ASP A 1 61  ? -5.030  -19.215 1.215   1.00 79.45  ? 63  ASP A CG  1 
ATOM   484  O OD1 . ASP A 1 61  ? -4.927  -20.138 0.382   1.00 76.31  ? 63  ASP A OD1 1 
ATOM   485  O OD2 . ASP A 1 61  ? -5.862  -19.195 2.132   1.00 97.28  ? 63  ASP A OD2 1 
ATOM   486  N N   . GLN A 1 62  ? -2.069  -20.282 -0.693  1.00 87.69  ? 64  GLN A N   1 
ATOM   487  C CA  . GLN A 1 62  ? -1.578  -20.845 -1.982  1.00 94.13  ? 64  GLN A CA  1 
ATOM   488  C C   . GLN A 1 62  ? -2.744  -21.031 -2.960  1.00 96.11  ? 64  GLN A C   1 
ATOM   489  O O   . GLN A 1 62  ? -2.470  -21.122 -4.178  1.00 98.23  ? 64  GLN A O   1 
ATOM   490  C CB  . GLN A 1 62  ? -0.792  -22.145 -1.778  1.00 95.48  ? 64  GLN A CB  1 
ATOM   491  C CG  . GLN A 1 62  ? 0.722   -21.948 -1.761  1.00 92.36  ? 64  GLN A CG  1 
ATOM   492  C CD  . GLN A 1 62  ? 1.253   -21.316 -3.030  1.00 94.29  ? 64  GLN A CD  1 
ATOM   493  O OE1 . GLN A 1 62  ? 1.019   -20.144 -3.318  1.00 97.72  ? 64  GLN A OE1 1 
ATOM   494  N NE2 . GLN A 1 62  ? 1.995   -22.087 -3.804  1.00 79.45  ? 64  GLN A NE2 1 
ATOM   495  N N   . LEU A 1 63  ? -3.983  -21.066 -2.461  1.00 80.99  ? 65  LEU A N   1 
ATOM   496  C CA  . LEU A 1 63  ? -5.212  -21.023 -3.299  1.00 77.47  ? 65  LEU A CA  1 
ATOM   497  C C   . LEU A 1 63  ? -5.350  -19.626 -3.920  1.00 78.97  ? 65  LEU A C   1 
ATOM   498  O O   . LEU A 1 63  ? -5.419  -19.535 -5.166  1.00 73.07  ? 65  LEU A O   1 
ATOM   499  C CB  . LEU A 1 63  ? -6.428  -21.364 -2.430  1.00 74.78  ? 65  LEU A CB  1 
ATOM   500  C CG  . LEU A 1 63  ? -6.430  -22.761 -1.812  1.00 77.10  ? 65  LEU A CG  1 
ATOM   501  C CD1 . LEU A 1 63  ? -7.605  -22.929 -0.860  1.00 78.91  ? 65  LEU A CD1 1 
ATOM   502  C CD2 . LEU A 1 63  ? -6.456  -23.837 -2.890  1.00 70.83  ? 65  LEU A CD2 1 
ATOM   503  N N   . LYS A 1 64  ? -5.351  -18.589 -3.070  1.00 83.50  ? 66  LYS A N   1 
ATOM   504  C CA  . LYS A 1 64  ? -5.649  -17.166 -3.412  1.00 80.35  ? 66  LYS A CA  1 
ATOM   505  C C   . LYS A 1 64  ? -4.442  -16.485 -4.080  1.00 78.38  ? 66  LYS A C   1 
ATOM   506  O O   . LYS A 1 64  ? -4.633  -15.399 -4.661  1.00 69.98  ? 66  LYS A O   1 
ATOM   507  C CB  . LYS A 1 64  ? -6.035  -16.396 -2.146  1.00 75.97  ? 66  LYS A CB  1 
ATOM   508  C CG  . LYS A 1 64  ? -7.200  -16.972 -1.352  1.00 77.65  ? 66  LYS A CG  1 
ATOM   509  C CD  . LYS A 1 64  ? -7.147  -16.627 0.126   1.00 77.77  ? 66  LYS A CD  1 
ATOM   510  C CE  . LYS A 1 64  ? -8.512  -16.409 0.744   1.00 79.19  ? 66  LYS A CE  1 
ATOM   511  N NZ  . LYS A 1 64  ? -8.954  -15.001 0.602   1.00 77.33  ? 66  LYS A NZ  1 
ATOM   512  N N   . ARG A 1 65  ? -3.252  -17.093 -4.003  1.00 84.28  ? 67  ARG A N   1 
ATOM   513  C CA  . ARG A 1 65  ? -1.979  -16.576 -4.581  1.00 88.14  ? 67  ARG A CA  1 
ATOM   514  C C   . ARG A 1 65  ? -2.216  -16.010 -5.993  1.00 85.02  ? 67  ARG A C   1 
ATOM   515  O O   . ARG A 1 65  ? -1.721  -14.890 -6.257  1.00 65.17  ? 67  ARG A O   1 
ATOM   516  C CB  . ARG A 1 65  ? -0.930  -17.696 -4.587  1.00 92.04  ? 67  ARG A CB  1 
ATOM   517  C CG  . ARG A 1 65  ? 0.407   -17.314 -5.206  1.00 95.24  ? 67  ARG A CG  1 
ATOM   518  C CD  . ARG A 1 65  ? 1.158   -18.492 -5.814  1.00 106.22 ? 67  ARG A CD  1 
ATOM   519  N NE  . ARG A 1 65  ? 1.612   -18.175 -7.167  1.00 117.70 ? 67  ARG A NE  1 
ATOM   520  C CZ  . ARG A 1 65  ? 2.852   -17.825 -7.527  1.00 108.27 ? 67  ARG A CZ  1 
ATOM   521  N NH1 . ARG A 1 65  ? 3.832   -17.746 -6.639  1.00 102.46 ? 67  ARG A NH1 1 
ATOM   522  N NH2 . ARG A 1 65  ? 3.108   -17.555 -8.796  1.00 101.96 ? 67  ARG A NH2 1 
ATOM   523  N N   . ASN A 1 66  ? -2.955  -16.742 -6.844  1.00 81.76  ? 68  ASN A N   1 
ATOM   524  C CA  . ASN A 1 66  ? -3.055  -16.521 -8.316  1.00 82.87  ? 68  ASN A CA  1 
ATOM   525  C C   . ASN A 1 66  ? -4.281  -15.682 -8.701  1.00 79.66  ? 68  ASN A C   1 
ATOM   526  O O   . ASN A 1 66  ? -4.474  -15.468 -9.916  1.00 76.00  ? 68  ASN A O   1 
ATOM   527  C CB  . ASN A 1 66  ? -3.143  -17.844 -9.072  1.00 88.01  ? 68  ASN A CB  1 
ATOM   528  C CG  . ASN A 1 66  ? -1.989  -18.759 -8.746  1.00 90.86  ? 68  ASN A CG  1 
ATOM   529  O OD1 . ASN A 1 66  ? -0.834  -18.346 -8.816  1.00 83.99  ? 68  ASN A OD1 1 
ATOM   530  N ND2 . ASN A 1 66  ? -2.296  -19.991 -8.378  1.00 103.07 ? 68  ASN A ND2 1 
ATOM   531  N N   . LEU A 1 67  ? -5.081  -15.232 -7.731  1.00 74.71  ? 69  LEU A N   1 
ATOM   532  C CA  . LEU A 1 67  ? -6.263  -14.365 -7.991  1.00 65.56  ? 69  LEU A CA  1 
ATOM   533  C C   . LEU A 1 67  ? -5.797  -13.084 -8.681  1.00 56.77  ? 69  LEU A C   1 
ATOM   534  O O   . LEU A 1 67  ? -4.780  -12.542 -8.254  1.00 55.90  ? 69  LEU A O   1 
ATOM   535  C CB  . LEU A 1 67  ? -6.960  -14.033 -6.669  1.00 67.41  ? 69  LEU A CB  1 
ATOM   536  C CG  . LEU A 1 67  ? -7.755  -15.174 -6.040  1.00 69.38  ? 69  LEU A CG  1 
ATOM   537  C CD1 . LEU A 1 67  ? -8.423  -14.713 -4.752  1.00 72.01  ? 69  LEU A CD1 1 
ATOM   538  C CD2 . LEU A 1 67  ? -8.784  -15.724 -7.021  1.00 70.73  ? 69  LEU A CD2 1 
ATOM   539  N N   . SER A 1 68  ? -6.524  -12.636 -9.706  1.00 54.65  ? 70  SER A N   1 
ATOM   540  C CA  . SER A 1 68  ? -6.241  -11.395 -10.471 1.00 55.67  ? 70  SER A CA  1 
ATOM   541  C C   . SER A 1 68  ? -7.157  -10.263 -9.997  1.00 44.91  ? 70  SER A C   1 
ATOM   542  O O   . SER A 1 68  ? -6.893  -9.118  -10.353 1.00 44.85  ? 70  SER A O   1 
ATOM   543  C CB  . SER A 1 68  ? -6.366  -11.639 -11.949 1.00 65.58  ? 70  SER A CB  1 
ATOM   544  O OG  . SER A 1 68  ? -7.369  -12.607 -12.212 1.00 78.70  ? 70  SER A OG  1 
ATOM   545  N N   . VAL A 1 69  ? -8.182  -10.588 -9.210  1.00 45.09  ? 71  VAL A N   1 
ATOM   546  C CA  . VAL A 1 69  ? -9.188  -9.620  -8.682  1.00 45.93  ? 71  VAL A CA  1 
ATOM   547  C C   . VAL A 1 69  ? -9.398  -9.907  -7.196  1.00 45.27  ? 71  VAL A C   1 
ATOM   548  O O   . VAL A 1 69  ? -9.621  -11.085 -6.861  1.00 45.79  ? 71  VAL A O   1 
ATOM   549  C CB  . VAL A 1 69  ? -10.528 -9.723  -9.436  1.00 47.81  ? 71  VAL A CB  1 
ATOM   550  C CG1 . VAL A 1 69  ? -11.579 -8.802  -8.825  1.00 50.75  ? 71  VAL A CG1 1 
ATOM   551  C CG2 . VAL A 1 69  ? -10.370 -9.459  -10.928 1.00 52.46  ? 71  VAL A CG2 1 
ATOM   552  N N   . ILE A 1 70  ? -9.355  -8.876  -6.345  1.00 45.65  ? 72  ILE A N   1 
ATOM   553  C CA  . ILE A 1 70  ? -9.670  -8.997  -4.892  1.00 46.44  ? 72  ILE A CA  1 
ATOM   554  C C   . ILE A 1 70  ? -10.788 -8.011  -4.575  1.00 42.23  ? 72  ILE A C   1 
ATOM   555  O O   . ILE A 1 70  ? -10.602 -6.813  -4.830  1.00 40.80  ? 72  ILE A O   1 
ATOM   556  C CB  . ILE A 1 70  ? -8.429  -8.768  -4.001  1.00 49.57  ? 72  ILE A CB  1 
ATOM   557  C CG1 . ILE A 1 70  ? -7.304  -9.764  -4.311  1.00 52.11  ? 72  ILE A CG1 1 
ATOM   558  C CG2 . ILE A 1 70  ? -8.815  -8.790  -2.523  1.00 48.20  ? 72  ILE A CG2 1 
ATOM   559  C CD1 . ILE A 1 70  ? -7.595  -11.197 -3.903  1.00 51.80  ? 72  ILE A CD1 1 
ATOM   560  N N   . ASN A 1 71  ? -11.901 -8.518  -4.043  1.00 46.80  ? 73  ASN A N   1 
ATOM   561  C CA  . ASN A 1 71  ? -13.053 -7.694  -3.600  1.00 46.67  ? 73  ASN A CA  1 
ATOM   562  C C   . ASN A 1 71  ? -12.828 -7.374  -2.126  1.00 45.84  ? 73  ASN A C   1 
ATOM   563  O O   . ASN A 1 71  ? -12.732 -8.313  -1.336  1.00 50.20  ? 73  ASN A O   1 
ATOM   564  C CB  . ASN A 1 71  ? -14.387 -8.393  -3.891  1.00 54.32  ? 73  ASN A CB  1 
ATOM   565  C CG  . ASN A 1 71  ? -14.975 -7.991  -5.228  1.00 60.26  ? 73  ASN A CG  1 
ATOM   566  O OD1 . ASN A 1 71  ? -15.515 -6.895  -5.361  1.00 73.25  ? 73  ASN A OD1 1 
ATOM   567  N ND2 . ASN A 1 71  ? -14.866 -8.859  -6.223  1.00 59.63  ? 73  ASN A ND2 1 
ATOM   568  N N   . LEU A 1 72  ? -12.703 -6.096  -1.780  1.00 44.79  ? 74  LEU A N   1 
ATOM   569  C CA  . LEU A 1 72  ? -12.562 -5.661  -0.371  1.00 44.97  ? 74  LEU A CA  1 
ATOM   570  C C   . LEU A 1 72  ? -13.960 -5.610  0.247   1.00 56.40  ? 74  LEU A C   1 
ATOM   571  O O   . LEU A 1 72  ? -14.920 -5.398  -0.519  1.00 58.31  ? 74  LEU A O   1 
ATOM   572  C CB  . LEU A 1 72  ? -11.880 -4.291  -0.321  1.00 49.75  ? 74  LEU A CB  1 
ATOM   573  C CG  . LEU A 1 72  ? -10.381 -4.257  -0.648  1.00 43.74  ? 74  LEU A CG  1 
ATOM   574  C CD1 . LEU A 1 72  ? -9.747  -3.017  -0.052  1.00 36.30  ? 74  LEU A CD1 1 
ATOM   575  C CD2 . LEU A 1 72  ? -9.653  -5.507  -0.160  1.00 44.05  ? 74  LEU A CD2 1 
ATOM   576  N N   . ASP A 1 73  ? -14.042 -5.805  1.570   1.00 56.00  ? 75  ASP A N   1 
ATOM   577  C CA  . ASP A 1 73  ? -15.272 -5.712  2.405   1.00 61.72  ? 75  ASP A CA  1 
ATOM   578  C C   . ASP A 1 73  ? -16.121 -4.532  1.929   1.00 69.04  ? 75  ASP A C   1 
ATOM   579  O O   . ASP A 1 73  ? -15.598 -3.436  1.711   1.00 56.87  ? 75  ASP A O   1 
ATOM   580  C CB  . ASP A 1 73  ? -14.910 -5.595  3.889   1.00 62.22  ? 75  ASP A CB  1 
ATOM   581  C CG  . ASP A 1 73  ? -16.085 -5.622  4.852   1.00 68.71  ? 75  ASP A CG  1 
ATOM   582  O OD1 . ASP A 1 73  ? -16.973 -4.749  4.743   1.00 69.83  ? 75  ASP A OD1 1 
ATOM   583  O OD2 . ASP A 1 73  ? -16.090 -6.501  5.730   1.00 80.35  ? 75  ASP A OD2 1 
ATOM   584  N N   . PRO A 1 74  ? -17.450 -4.738  1.737   1.00 73.63  ? 76  PRO A N   1 
ATOM   585  C CA  . PRO A 1 74  ? -18.366 -3.669  1.323   1.00 67.45  ? 76  PRO A CA  1 
ATOM   586  C C   . PRO A 1 74  ? -18.285 -2.354  2.120   1.00 59.08  ? 76  PRO A C   1 
ATOM   587  O O   . PRO A 1 74  ? -18.605 -1.304  1.571   1.00 51.94  ? 76  PRO A O   1 
ATOM   588  C CB  . PRO A 1 74  ? -19.751 -4.310  1.532   1.00 70.21  ? 76  PRO A CB  1 
ATOM   589  C CG  . PRO A 1 74  ? -19.518 -5.793  1.317   1.00 70.98  ? 76  PRO A CG  1 
ATOM   590  C CD  . PRO A 1 74  ? -18.131 -6.042  1.867   1.00 72.44  ? 76  PRO A CD  1 
ATOM   591  N N   . GLU A 1 75  ? -17.870 -2.425  3.386   1.00 55.76  ? 77  GLU A N   1 
ATOM   592  C CA  . GLU A 1 75  ? -17.813 -1.260  4.309   1.00 58.74  ? 77  GLU A CA  1 
ATOM   593  C C   . GLU A 1 75  ? -16.627 -0.344  3.965   1.00 57.02  ? 77  GLU A C   1 
ATOM   594  O O   . GLU A 1 75  ? -16.674 0.836   4.374   1.00 54.29  ? 77  GLU A O   1 
ATOM   595  C CB  . GLU A 1 75  ? -17.723 -1.740  5.758   1.00 69.39  ? 77  GLU A CB  1 
ATOM   596  C CG  . GLU A 1 75  ? -18.935 -2.538  6.208   1.00 85.79  ? 77  GLU A CG  1 
ATOM   597  C CD  . GLU A 1 75  ? -18.886 -2.984  7.660   1.00 101.99 ? 77  GLU A CD  1 
ATOM   598  O OE1 . GLU A 1 75  ? -18.904 -2.099  8.544   1.00 99.65  ? 77  GLU A OE1 1 
ATOM   599  O OE2 . GLU A 1 75  ? -18.820 -4.212  7.901   1.00 105.24 ? 77  GLU A OE2 1 
ATOM   600  N N   . ILE A 1 76  ? -15.610 -0.845  3.250   1.00 49.74  ? 78  ILE A N   1 
ATOM   601  C CA  . ILE A 1 76  ? -14.332 -0.102  3.028   1.00 46.75  ? 78  ILE A CA  1 
ATOM   602  C C   . ILE A 1 76  ? -14.578 1.097   2.112   1.00 41.14  ? 78  ILE A C   1 
ATOM   603  O O   . ILE A 1 76  ? -15.213 0.944   1.050   1.00 38.61  ? 78  ILE A O   1 
ATOM   604  C CB  . ILE A 1 76  ? -13.197 -1.003  2.504   1.00 51.78  ? 78  ILE A CB  1 
ATOM   605  C CG1 . ILE A 1 76  ? -12.895 -2.148  3.475   1.00 51.64  ? 78  ILE A CG1 1 
ATOM   606  C CG2 . ILE A 1 76  ? -11.955 -0.169  2.212   1.00 53.09  ? 78  ILE A CG2 1 
ATOM   607  C CD1 . ILE A 1 76  ? -12.628 -1.696  4.896   1.00 51.99  ? 78  ILE A CD1 1 
ATOM   608  N N   . ASN A 1 77  ? -14.070 2.245   2.549   1.00 41.75  ? 79  ASN A N   1 
ATOM   609  C CA  . ASN A 1 77  ? -14.090 3.534   1.823   1.00 46.08  ? 79  ASN A CA  1 
ATOM   610  C C   . ASN A 1 77  ? -13.112 3.433   0.656   1.00 58.27  ? 79  ASN A C   1 
ATOM   611  O O   . ASN A 1 77  ? -11.943 3.104   0.862   1.00 63.58  ? 79  ASN A O   1 
ATOM   612  C CB  . ASN A 1 77  ? -13.702 4.664   2.772   1.00 48.86  ? 79  ASN A CB  1 
ATOM   613  C CG  . ASN A 1 77  ? -13.803 6.019   2.120   1.00 56.54  ? 79  ASN A CG  1 
ATOM   614  O OD1 . ASN A 1 77  ? -12.913 6.843   2.274   1.00 67.72  ? 79  ASN A OD1 1 
ATOM   615  N ND2 . ASN A 1 77  ? -14.877 6.248   1.384   1.00 60.99  ? 79  ASN A ND2 1 
ATOM   616  N N   . PRO A 1 78  ? -13.559 3.665   -0.600  1.00 52.72  ? 80  PRO A N   1 
ATOM   617  C CA  . PRO A 1 78  ? -12.648 3.790   -1.737  1.00 48.52  ? 80  PRO A CA  1 
ATOM   618  C C   . PRO A 1 78  ? -11.623 4.937   -1.629  1.00 51.37  ? 80  PRO A C   1 
ATOM   619  O O   . PRO A 1 78  ? -10.476 4.708   -1.964  1.00 49.60  ? 80  PRO A O   1 
ATOM   620  C CB  . PRO A 1 78  ? -13.580 4.055   -2.929  1.00 50.74  ? 80  PRO A CB  1 
ATOM   621  C CG  . PRO A 1 78  ? -14.921 3.525   -2.491  1.00 52.59  ? 80  PRO A CG  1 
ATOM   622  C CD  . PRO A 1 78  ? -14.969 3.768   -0.998  1.00 52.74  ? 80  PRO A CD  1 
ATOM   623  N N   . GLU A 1 79  ? -12.042 6.138   -1.212  1.00 42.41  ? 81  GLU A N   1 
ATOM   624  C CA  . GLU A 1 79  ? -11.142 7.317   -1.086  1.00 42.84  ? 81  GLU A CA  1 
ATOM   625  C C   . GLU A 1 79  ? -9.990  6.958   -0.147  1.00 43.22  ? 81  GLU A C   1 
ATOM   626  O O   . GLU A 1 79  ? -8.844  7.307   -0.470  1.00 48.68  ? 81  GLU A O   1 
ATOM   627  C CB  . GLU A 1 79  ? -11.895 8.528   -0.547  1.00 47.04  ? 81  GLU A CB  1 
ATOM   628  C CG  . GLU A 1 79  ? -11.000 9.693   -0.154  1.00 54.82  ? 81  GLU A CG  1 
ATOM   629  C CD  . GLU A 1 79  ? -11.716 10.815  0.589   1.00 60.12  ? 81  GLU A CD  1 
ATOM   630  O OE1 . GLU A 1 79  ? -12.919 10.658  0.902   1.00 53.11  ? 81  GLU A OE1 1 
ATOM   631  O OE2 . GLU A 1 79  ? -11.065 11.843  0.870   1.00 66.66  ? 81  GLU A OE2 1 
ATOM   632  N N   . GLY A 1 80  ? -10.313 6.301   0.972   1.00 38.21  ? 82  GLY A N   1 
ATOM   633  C CA  . GLY A 1 80  ? -9.365  5.852   2.008   1.00 36.02  ? 82  GLY A CA  1 
ATOM   634  C C   . GLY A 1 80  ? -8.433  4.787   1.472   1.00 33.58  ? 82  GLY A C   1 
ATOM   635  O O   . GLY A 1 80  ? -7.247  4.873   1.727   1.00 37.97  ? 82  GLY A O   1 
ATOM   636  N N   . PHE A 1 81  ? -8.940  3.816   0.719   1.00 34.26  ? 83  PHE A N   1 
ATOM   637  C CA  . PHE A 1 81  ? -8.077  2.774   0.115   1.00 36.02  ? 83  PHE A CA  1 
ATOM   638  C C   . PHE A 1 81  ? -7.084  3.417   -0.854  1.00 32.14  ? 83  PHE A C   1 
ATOM   639  O O   . PHE A 1 81  ? -5.918  3.044   -0.828  1.00 31.61  ? 83  PHE A O   1 
ATOM   640  C CB  . PHE A 1 81  ? -8.860  1.694   -0.622  1.00 35.61  ? 83  PHE A CB  1 
ATOM   641  C CG  . PHE A 1 81  ? -7.915  0.704   -1.253  1.00 38.38  ? 83  PHE A CG  1 
ATOM   642  C CD1 . PHE A 1 81  ? -7.421  -0.362  -0.525  1.00 36.18  ? 83  PHE A CD1 1 
ATOM   643  C CD2 . PHE A 1 81  ? -7.459  0.886   -2.551  1.00 39.50  ? 83  PHE A CD2 1 
ATOM   644  C CE1 . PHE A 1 81  ? -6.532  -1.258  -1.093  1.00 37.39  ? 83  PHE A CE1 1 
ATOM   645  C CE2 . PHE A 1 81  ? -6.571  -0.010  -3.119  1.00 40.77  ? 83  PHE A CE2 1 
ATOM   646  C CZ  . PHE A 1 81  ? -6.111  -1.083  -2.389  1.00 38.83  ? 83  PHE A CZ  1 
ATOM   647  N N   . ASN A 1 82  ? -7.559  4.336   -1.689  1.00 33.78  ? 84  ASN A N   1 
ATOM   648  C CA  . ASN A 1 82  ? -6.750  5.088   -2.686  1.00 39.93  ? 84  ASN A CA  1 
ATOM   649  C C   . ASN A 1 82  ? -5.570  5.798   -2.009  1.00 36.53  ? 84  ASN A C   1 
ATOM   650  O O   . ASN A 1 82  ? -4.458  5.755   -2.571  1.00 40.71  ? 84  ASN A O   1 
ATOM   651  C CB  . ASN A 1 82  ? -7.588  6.120   -3.442  1.00 37.81  ? 84  ASN A CB  1 
ATOM   652  C CG  . ASN A 1 82  ? -6.795  6.762   -4.559  1.00 38.44  ? 84  ASN A CG  1 
ATOM   653  O OD1 . ASN A 1 82  ? -6.698  7.984   -4.638  1.00 43.77  ? 84  ASN A OD1 1 
ATOM   654  N ND2 . ASN A 1 82  ? -6.202  5.939   -5.407  1.00 35.06  ? 84  ASN A ND2 1 
ATOM   655  N N   . ILE A 1 83  ? -5.821  6.442   -0.866  1.00 33.70  ? 85  ILE A N   1 
ATOM   656  C CA  . ILE A 1 83  ? -4.812  7.196   -0.062  1.00 36.31  ? 85  ILE A CA  1 
ATOM   657  C C   . ILE A 1 83  ? -3.735  6.230   0.440   1.00 29.80  ? 85  ILE A C   1 
ATOM   658  O O   . ILE A 1 83  ? -2.542  6.576   0.419   1.00 30.72  ? 85  ILE A O   1 
ATOM   659  C CB  . ILE A 1 83  ? -5.496  7.939   1.101   1.00 36.35  ? 85  ILE A CB  1 
ATOM   660  C CG1 . ILE A 1 83  ? -6.236  9.187   0.616   1.00 34.36  ? 85  ILE A CG1 1 
ATOM   661  C CG2 . ILE A 1 83  ? -4.500  8.278   2.202   1.00 39.63  ? 85  ILE A CG2 1 
ATOM   662  C CD1 . ILE A 1 83  ? -7.419  9.557   1.488   1.00 39.10  ? 85  ILE A CD1 1 
ATOM   663  N N   . LEU A 1 84  ? -4.159  5.061   0.894   1.00 31.94  ? 86  LEU A N   1 
ATOM   664  C CA  . LEU A 1 84  ? -3.262  4.029   1.451   1.00 32.20  ? 86  LEU A CA  1 
ATOM   665  C C   . LEU A 1 84  ? -2.477  3.349   0.323   1.00 35.90  ? 86  LEU A C   1 
ATOM   666  O O   . LEU A 1 84  ? -1.337  2.973   0.593   1.00 35.32  ? 86  LEU A O   1 
ATOM   667  C CB  . LEU A 1 84  ? -4.101  3.034   2.247   1.00 34.98  ? 86  LEU A CB  1 
ATOM   668  C CG  . LEU A 1 84  ? -4.687  3.573   3.552   1.00 35.90  ? 86  LEU A CG  1 
ATOM   669  C CD1 . LEU A 1 84  ? -5.455  2.476   4.264   1.00 38.57  ? 86  LEU A CD1 1 
ATOM   670  C CD2 . LEU A 1 84  ? -3.599  4.117   4.459   1.00 40.04  ? 86  LEU A CD2 1 
ATOM   671  N N   . LEU A 1 85  ? -3.036  3.207   -0.889  1.00 35.28  ? 87  LEU A N   1 
ATOM   672  C CA  . LEU A 1 85  ? -2.298  2.649   -2.063  1.00 36.75  ? 87  LEU A CA  1 
ATOM   673  C C   . LEU A 1 85  ? -1.241  3.660   -2.560  1.00 35.13  ? 87  LEU A C   1 
ATOM   674  O O   . LEU A 1 85  ? -0.059  3.250   -2.815  1.00 34.33  ? 87  LEU A O   1 
ATOM   675  C CB  . LEU A 1 85  ? -3.302  2.288   -3.160  1.00 34.04  ? 87  LEU A CB  1 
ATOM   676  C CG  . LEU A 1 85  ? -2.729  1.533   -4.354  1.00 31.56  ? 87  LEU A CG  1 
ATOM   677  C CD1 . LEU A 1 85  ? -2.369  0.100   -3.974  1.00 30.92  ? 87  LEU A CD1 1 
ATOM   678  C CD2 . LEU A 1 85  ? -3.718  1.555   -5.512  1.00 33.73  ? 87  LEU A CD2 1 
ATOM   679  N N   . ASP A 1 86  ? -1.620  4.930   -2.691  1.00 28.93  ? 88  ASP A N   1 
ATOM   680  C CA  . ASP A 1 86  ? -0.652  6.022   -2.966  1.00 35.98  ? 88  ASP A CA  1 
ATOM   681  C C   . ASP A 1 86  ? 0.465   5.954   -1.930  1.00 33.47  ? 88  ASP A C   1 
ATOM   682  O O   . ASP A 1 86  ? 1.637   5.977   -2.339  1.00 33.79  ? 88  ASP A O   1 
ATOM   683  C CB  . ASP A 1 86  ? -1.285  7.411   -2.933  1.00 38.59  ? 88  ASP A CB  1 
ATOM   684  C CG  . ASP A 1 86  ? -1.997  7.798   -4.215  1.00 46.91  ? 88  ASP A CG  1 
ATOM   685  O OD1 . ASP A 1 86  ? -1.936  7.023   -5.191  1.00 50.60  ? 88  ASP A OD1 1 
ATOM   686  O OD2 . ASP A 1 86  ? -2.614  8.874   -4.224  1.00 49.45  ? 88  ASP A OD2 1 
ATOM   687  N N   . PHE A 1 87  ? 0.114   5.876   -0.641  1.00 33.03  ? 89  PHE A N   1 
ATOM   688  C CA  . PHE A 1 87  ? 1.110   5.831   0.461   1.00 29.81  ? 89  PHE A CA  1 
ATOM   689  C C   . PHE A 1 87  ? 2.061   4.665   0.219   1.00 29.42  ? 89  PHE A C   1 
ATOM   690  O O   . PHE A 1 87  ? 3.268   4.879   0.358   1.00 30.73  ? 89  PHE A O   1 
ATOM   691  C CB  . PHE A 1 87  ? 0.471   5.707   1.844   1.00 31.82  ? 89  PHE A CB  1 
ATOM   692  C CG  . PHE A 1 87  ? 1.413   5.170   2.889   1.00 28.75  ? 89  PHE A CG  1 
ATOM   693  C CD1 . PHE A 1 87  ? 2.375   5.987   3.455   1.00 33.33  ? 89  PHE A CD1 1 
ATOM   694  C CD2 . PHE A 1 87  ? 1.369   3.838   3.271   1.00 32.09  ? 89  PHE A CD2 1 
ATOM   695  C CE1 . PHE A 1 87  ? 3.272   5.483   4.386   1.00 34.51  ? 89  PHE A CE1 1 
ATOM   696  C CE2 . PHE A 1 87  ? 2.254   3.335   4.213   1.00 33.15  ? 89  PHE A CE2 1 
ATOM   697  C CZ  . PHE A 1 87  ? 3.209   4.161   4.767   1.00 33.88  ? 89  PHE A CZ  1 
ATOM   698  N N   . MET A 1 88  ? 1.532   3.485   -0.129  1.00 27.20  ? 90  MET A N   1 
ATOM   699  C CA  . MET A 1 88  ? 2.338   2.262   -0.340  1.00 31.19  ? 90  MET A CA  1 
ATOM   700  C C   . MET A 1 88  ? 3.422   2.543   -1.384  1.00 29.51  ? 90  MET A C   1 
ATOM   701  O O   . MET A 1 88  ? 4.567   2.140   -1.155  1.00 30.95  ? 90  MET A O   1 
ATOM   702  C CB  . MET A 1 88  ? 1.475   1.086   -0.799  1.00 31.62  ? 90  MET A CB  1 
ATOM   703  C CG  . MET A 1 88  ? 0.512   0.578   0.274   1.00 31.03  ? 90  MET A CG  1 
ATOM   704  S SD  . MET A 1 88  ? -0.257  -0.959  -0.282  1.00 35.63  ? 90  MET A SD  1 
ATOM   705  C CE  . MET A 1 88  ? -1.794  -0.969  0.634   1.00 37.96  ? 90  MET A CE  1 
ATOM   706  N N   . TYR A 1 89  ? 3.076   3.246   -2.463  1.00 31.55  ? 91  TYR A N   1 
ATOM   707  C CA  . TYR A 1 89  ? 3.932   3.427   -3.668  1.00 30.17  ? 91  TYR A CA  1 
ATOM   708  C C   . TYR A 1 89  ? 4.772   4.712   -3.587  1.00 29.54  ? 91  TYR A C   1 
ATOM   709  O O   . TYR A 1 89  ? 5.644   4.849   -4.471  1.00 36.17  ? 91  TYR A O   1 
ATOM   710  C CB  . TYR A 1 89  ? 3.079   3.400   -4.938  1.00 29.17  ? 91  TYR A CB  1 
ATOM   711  C CG  . TYR A 1 89  ? 2.759   2.030   -5.482  1.00 28.36  ? 91  TYR A CG  1 
ATOM   712  C CD1 . TYR A 1 89  ? 3.603   1.419   -6.390  1.00 34.44  ? 91  TYR A CD1 1 
ATOM   713  C CD2 . TYR A 1 89  ? 1.613   1.348   -5.112  1.00 31.65  ? 91  TYR A CD2 1 
ATOM   714  C CE1 . TYR A 1 89  ? 3.329   0.166   -6.912  1.00 35.86  ? 91  TYR A CE1 1 
ATOM   715  C CE2 . TYR A 1 89  ? 1.324   0.090   -5.622  1.00 34.14  ? 91  TYR A CE2 1 
ATOM   716  C CZ  . TYR A 1 89  ? 2.183   -0.502  -6.532  1.00 32.91  ? 91  TYR A CZ  1 
ATOM   717  O OH  . TYR A 1 89  ? 1.924   -1.725  -7.071  1.00 30.02  ? 91  TYR A OH  1 
ATOM   718  N N   . THR A 1 90  ? 4.560   5.592   -2.589  1.00 30.68  ? 92  THR A N   1 
ATOM   719  C CA  . THR A 1 90  ? 5.222   6.930   -2.487  1.00 28.31  ? 92  THR A CA  1 
ATOM   720  C C   . THR A 1 90  ? 5.825   7.236   -1.109  1.00 31.99  ? 92  THR A C   1 
ATOM   721  O O   . THR A 1 90  ? 6.649   8.177   -1.060  1.00 38.41  ? 92  THR A O   1 
ATOM   722  C CB  . THR A 1 90  ? 4.261   8.089   -2.789  1.00 30.17  ? 92  THR A CB  1 
ATOM   723  O OG1 . THR A 1 90  ? 3.252   8.155   -1.770  1.00 31.22  ? 92  THR A OG1 1 
ATOM   724  C CG2 . THR A 1 90  ? 3.628   7.972   -4.157  1.00 29.58  ? 92  THR A CG2 1 
ATOM   725  N N   . SER A 1 91  ? 5.424   6.555   -0.026  1.00 33.63  ? 93  SER A N   1 
ATOM   726  C CA  . SER A 1 91  ? 5.873   6.849   1.367   1.00 32.91  ? 93  SER A CA  1 
ATOM   727  C C   . SER A 1 91  ? 5.156   8.087   1.904   1.00 32.42  ? 93  SER A C   1 
ATOM   728  O O   . SER A 1 91  ? 5.549   8.570   2.978   1.00 31.03  ? 93  SER A O   1 
ATOM   729  C CB  . SER A 1 91  ? 7.379   7.074   1.463   1.00 35.66  ? 93  SER A CB  1 
ATOM   730  O OG  . SER A 1 91  ? 8.109   5.965   0.960   1.00 42.34  ? 93  SER A OG  1 
ATOM   731  N N   . ARG A 1 92  ? 4.183   8.617   1.169   1.00 37.33  ? 94  ARG A N   1 
ATOM   732  C CA  . ARG A 1 92  ? 3.512   9.894   1.517   1.00 36.69  ? 94  ARG A CA  1 
ATOM   733  C C   . ARG A 1 92  ? 2.074   9.572   1.920   1.00 31.54  ? 94  ARG A C   1 
ATOM   734  O O   . ARG A 1 92  ? 1.340   9.049   1.062   1.00 30.59  ? 94  ARG A O   1 
ATOM   735  C CB  . ARG A 1 92  ? 3.541   10.833  0.310   1.00 47.93  ? 94  ARG A CB  1 
ATOM   736  C CG  . ARG A 1 92  ? 4.153   12.193  0.583   1.00 60.64  ? 94  ARG A CG  1 
ATOM   737  C CD  . ARG A 1 92  ? 5.663   12.150  0.588   1.00 80.42  ? 94  ARG A CD  1 
ATOM   738  N NE  . ARG A 1 92  ? 6.240   13.308  -0.087  1.00 104.87 ? 94  ARG A NE  1 
ATOM   739  C CZ  . ARG A 1 92  ? 6.136   14.578  0.318   1.00 108.58 ? 94  ARG A CZ  1 
ATOM   740  N NH1 . ARG A 1 92  ? 5.463   14.891  1.418   1.00 97.34  ? 94  ARG A NH1 1 
ATOM   741  N NH2 . ARG A 1 92  ? 6.705   15.538  -0.396  1.00 97.36  ? 94  ARG A NH2 1 
ATOM   742  N N   . LEU A 1 93  ? 1.685   9.863   3.164   1.00 34.35  ? 95  LEU A N   1 
ATOM   743  C CA  . LEU A 1 93  ? 0.294   9.648   3.656   1.00 35.93  ? 95  LEU A CA  1 
ATOM   744  C C   . LEU A 1 93  ? -0.457  10.983  3.648   1.00 38.30  ? 95  LEU A C   1 
ATOM   745  O O   . LEU A 1 93  ? -0.107  11.846  4.455   1.00 39.35  ? 95  LEU A O   1 
ATOM   746  C CB  . LEU A 1 93  ? 0.332   9.039   5.059   1.00 38.22  ? 95  LEU A CB  1 
ATOM   747  C CG  . LEU A 1 93  ? -1.032  8.657   5.645   1.00 41.52  ? 95  LEU A CG  1 
ATOM   748  C CD1 . LEU A 1 93  ? -1.654  7.484   4.887   1.00 41.48  ? 95  LEU A CD1 1 
ATOM   749  C CD2 . LEU A 1 93  ? -0.909  8.331   7.127   1.00 40.78  ? 95  LEU A CD2 1 
ATOM   750  N N   . ASN A 1 94  ? -1.446  11.128  2.760   1.00 37.88  ? 96  ASN A N   1 
ATOM   751  C CA  . ASN A 1 94  ? -2.199  12.386  2.519   1.00 45.32  ? 96  ASN A CA  1 
ATOM   752  C C   . ASN A 1 94  ? -3.531  12.311  3.277   1.00 45.55  ? 96  ASN A C   1 
ATOM   753  O O   . ASN A 1 94  ? -4.419  11.548  2.860   1.00 44.17  ? 96  ASN A O   1 
ATOM   754  C CB  . ASN A 1 94  ? -2.386  12.666  1.024   1.00 47.25  ? 96  ASN A CB  1 
ATOM   755  C CG  . ASN A 1 94  ? -1.091  12.569  0.242   1.00 55.57  ? 96  ASN A CG  1 
ATOM   756  O OD1 . ASN A 1 94  ? -0.069  13.146  0.615   1.00 54.12  ? 96  ASN A OD1 1 
ATOM   757  N ND2 . ASN A 1 94  ? -1.125  11.823  -0.848  1.00 55.54  ? 96  ASN A ND2 1 
ATOM   758  N N   . LEU A 1 95  ? -3.636  13.085  4.358   1.00 46.82  ? 97  LEU A N   1 
ATOM   759  C CA  . LEU A 1 95  ? -4.768  13.089  5.316   1.00 46.49  ? 97  LEU A CA  1 
ATOM   760  C C   . LEU A 1 95  ? -5.499  14.434  5.244   1.00 48.63  ? 97  LEU A C   1 
ATOM   761  O O   . LEU A 1 95  ? -4.814  15.478  5.155   1.00 46.59  ? 97  LEU A O   1 
ATOM   762  C CB  . LEU A 1 95  ? -4.214  12.842  6.722   1.00 44.48  ? 97  LEU A CB  1 
ATOM   763  C CG  . LEU A 1 95  ? -3.519  11.498  6.934   1.00 47.54  ? 97  LEU A CG  1 
ATOM   764  C CD1 . LEU A 1 95  ? -3.093  11.336  8.386   1.00 50.70  ? 97  LEU A CD1 1 
ATOM   765  C CD2 . LEU A 1 95  ? -4.407  10.338  6.501   1.00 47.40  ? 97  LEU A CD2 1 
ATOM   766  N N   . ARG A 1 96  ? -6.835  14.377  5.258   1.00 50.59  ? 98  ARG A N   1 
ATOM   767  C CA  . ARG A 1 96  ? -7.777  15.523  5.387   1.00 53.76  ? 98  ARG A CA  1 
ATOM   768  C C   . ARG A 1 96  ? -8.569  15.305  6.681   1.00 57.57  ? 98  ARG A C   1 
ATOM   769  O O   . ARG A 1 96  ? -8.659  14.136  7.128   1.00 52.89  ? 98  ARG A O   1 
ATOM   770  C CB  . ARG A 1 96  ? -8.723  15.589  4.181   1.00 56.94  ? 98  ARG A CB  1 
ATOM   771  C CG  . ARG A 1 96  ? -8.051  15.425  2.822   1.00 63.87  ? 98  ARG A CG  1 
ATOM   772  C CD  . ARG A 1 96  ? -7.886  16.727  2.063   1.00 77.52  ? 98  ARG A CD  1 
ATOM   773  N NE  . ARG A 1 96  ? -8.900  16.928  1.034   1.00 90.76  ? 98  ARG A NE  1 
ATOM   774  C CZ  . ARG A 1 96  ? -9.414  18.106  0.668   1.00 98.93  ? 98  ARG A CZ  1 
ATOM   775  N NH1 . ARG A 1 96  ? -9.033  19.232  1.252   1.00 99.18  ? 98  ARG A NH1 1 
ATOM   776  N NH2 . ARG A 1 96  ? -10.328 18.155  -0.285  1.00 103.45 ? 98  ARG A NH2 1 
ATOM   777  N N   . GLU A 1 97  ? -9.108  16.369  7.281   1.00 63.32  ? 99  GLU A N   1 
ATOM   778  C CA  . GLU A 1 97  ? -9.999  16.244  8.468   1.00 61.63  ? 99  GLU A CA  1 
ATOM   779  C C   . GLU A 1 97  ? -11.118 15.265  8.090   1.00 51.65  ? 99  GLU A C   1 
ATOM   780  O O   . GLU A 1 97  ? -11.418 14.370  8.891   1.00 54.64  ? 99  GLU A O   1 
ATOM   781  C CB  . GLU A 1 97  ? -10.542 17.612  8.898   1.00 78.05  ? 99  GLU A CB  1 
ATOM   782  C CG  . GLU A 1 97  ? -10.747 17.739  10.398  1.00 93.73  ? 99  GLU A CG  1 
ATOM   783  C CD  . GLU A 1 97  ? -9.459  17.796  11.207  1.00 106.09 ? 99  GLU A CD  1 
ATOM   784  O OE1 . GLU A 1 97  ? -9.252  16.897  12.047  1.00 110.30 ? 99  GLU A OE1 1 
ATOM   785  O OE2 . GLU A 1 97  ? -8.664  18.738  10.992  1.00 103.19 ? 99  GLU A OE2 1 
ATOM   786  N N   . GLY A 1 98  ? -11.659 15.419  6.876   1.00 50.43  ? 100 GLY A N   1 
ATOM   787  C CA  . GLY A 1 98  ? -12.816 14.681  6.335   1.00 52.82  ? 100 GLY A CA  1 
ATOM   788  C C   . GLY A 1 98  ? -12.603 13.177  6.220   1.00 53.97  ? 100 GLY A C   1 
ATOM   789  O O   . GLY A 1 98  ? -13.602 12.456  6.354   1.00 56.94  ? 100 GLY A O   1 
ATOM   790  N N   . ASN A 1 99  ? -11.374 12.704  5.976   1.00 46.74  ? 101 ASN A N   1 
ATOM   791  C CA  . ASN A 1 99  ? -11.110 11.281  5.624   1.00 45.33  ? 101 ASN A CA  1 
ATOM   792  C C   . ASN A 1 99  ? -10.280 10.582  6.708   1.00 45.37  ? 101 ASN A C   1 
ATOM   793  O O   . ASN A 1 99  ? -10.225 9.330   6.677   1.00 45.10  ? 101 ASN A O   1 
ATOM   794  C CB  . ASN A 1 99  ? -10.458 11.133  4.242   1.00 51.74  ? 101 ASN A CB  1 
ATOM   795  C CG  . ASN A 1 99  ? -9.102  11.802  4.095   1.00 50.93  ? 101 ASN A CG  1 
ATOM   796  O OD1 . ASN A 1 99  ? -8.304  11.862  5.034   1.00 46.73  ? 101 ASN A OD1 1 
ATOM   797  N ND2 . ASN A 1 99  ? -8.827  12.298  2.899   1.00 43.10  ? 101 ASN A ND2 1 
ATOM   798  N N   . ILE A 1 100 ? -9.670  11.314  7.645   1.00 43.36  ? 102 ILE A N   1 
ATOM   799  C CA  . ILE A 1 100 ? -8.652  10.724  8.567   1.00 45.90  ? 102 ILE A CA  1 
ATOM   800  C C   . ILE A 1 100 ? -9.207  9.438   9.215   1.00 52.61  ? 102 ILE A C   1 
ATOM   801  O O   . ILE A 1 100 ? -8.478  8.408   9.219   1.00 52.31  ? 102 ILE A O   1 
ATOM   802  C CB  . ILE A 1 100 ? -8.147  11.774  9.577   1.00 49.58  ? 102 ILE A CB  1 
ATOM   803  C CG1 . ILE A 1 100 ? -6.839  11.328  10.239  1.00 49.01  ? 102 ILE A CG1 1 
ATOM   804  C CG2 . ILE A 1 100 ? -9.219  12.167  10.586  1.00 54.32  ? 102 ILE A CG2 1 
ATOM   805  C CD1 . ILE A 1 100 ? -6.908  10.050  11.050  1.00 49.84  ? 102 ILE A CD1 1 
ATOM   806  N N   . MET A 1 101 ? -10.450 9.460   9.711   1.00 47.56  ? 103 MET A N   1 
ATOM   807  C CA  . MET A 1 101 ? -11.073 8.307   10.420  1.00 48.20  ? 103 MET A CA  1 
ATOM   808  C C   . MET A 1 101 ? -11.248 7.119   9.455   1.00 40.53  ? 103 MET A C   1 
ATOM   809  O O   . MET A 1 101 ? -10.948 5.961   9.857   1.00 48.04  ? 103 MET A O   1 
ATOM   810  C CB  . MET A 1 101 ? -12.425 8.712   11.025  1.00 54.29  ? 103 MET A CB  1 
ATOM   811  C CG  . MET A 1 101 ? -12.318 9.784   12.122  1.00 57.93  ? 103 MET A CG  1 
ATOM   812  S SD  . MET A 1 101 ? -11.169 9.381   13.490  1.00 68.51  ? 103 MET A SD  1 
ATOM   813  C CE  . MET A 1 101 ? -11.770 7.771   14.001  1.00 65.82  ? 103 MET A CE  1 
ATOM   814  N N   . ALA A 1 102 ? -11.702 7.377   8.225   1.00 35.39  ? 104 ALA A N   1 
ATOM   815  C CA  . ALA A 1 102 ? -11.842 6.365   7.148   1.00 39.67  ? 104 ALA A CA  1 
ATOM   816  C C   . ALA A 1 102 ? -10.468 5.775   6.774   1.00 40.46  ? 104 ALA A C   1 
ATOM   817  O O   . ALA A 1 102 ? -10.377 4.534   6.536   1.00 33.20  ? 104 ALA A O   1 
ATOM   818  C CB  . ALA A 1 102 ? -12.518 6.993   5.954   1.00 38.83  ? 104 ALA A CB  1 
ATOM   819  N N   . VAL A 1 103 ? -9.431  6.619   6.713   1.00 42.10  ? 105 VAL A N   1 
ATOM   820  C CA  . VAL A 1 103 ? -8.034  6.194   6.390   1.00 40.01  ? 105 VAL A CA  1 
ATOM   821  C C   . VAL A 1 103 ? -7.571  5.205   7.463   1.00 40.00  ? 105 VAL A C   1 
ATOM   822  O O   . VAL A 1 103 ? -7.092  4.100   7.099   1.00 39.51  ? 105 VAL A O   1 
ATOM   823  C CB  . VAL A 1 103 ? -7.082  7.397   6.275   1.00 40.15  ? 105 VAL A CB  1 
ATOM   824  C CG1 . VAL A 1 103 ? -5.625  6.955   6.278   1.00 42.34  ? 105 VAL A CG1 1 
ATOM   825  C CG2 . VAL A 1 103 ? -7.394  8.232   5.041   1.00 40.46  ? 105 VAL A CG2 1 
ATOM   826  N N   . MET A 1 104 ? -7.757  5.578   8.730   1.00 39.59  ? 106 MET A N   1 
ATOM   827  C CA  . MET A 1 104 ? -7.322  4.796   9.915   1.00 40.39  ? 106 MET A CA  1 
ATOM   828  C C   . MET A 1 104 ? -8.065  3.459   9.957   1.00 40.04  ? 106 MET A C   1 
ATOM   829  O O   . MET A 1 104 ? -7.403  2.414   10.212  1.00 45.38  ? 106 MET A O   1 
ATOM   830  C CB  . MET A 1 104 ? -7.588  5.595   11.191  1.00 45.05  ? 106 MET A CB  1 
ATOM   831  C CG  . MET A 1 104 ? -7.076  4.930   12.444  1.00 49.76  ? 106 MET A CG  1 
ATOM   832  S SD  . MET A 1 104 ? -7.543  5.867   13.920  1.00 57.81  ? 106 MET A SD  1 
ATOM   833  C CE  . MET A 1 104 ? -7.538  4.531   15.114  1.00 56.06  ? 106 MET A CE  1 
ATOM   834  N N   . ALA A 1 105 ? -9.381  3.487   9.702   1.00 40.52  ? 107 ALA A N   1 
ATOM   835  C CA  . ALA A 1 105 ? -10.255 2.287   9.659   1.00 44.51  ? 107 ALA A CA  1 
ATOM   836  C C   . ALA A 1 105 ? -9.730  1.333   8.586   1.00 37.26  ? 107 ALA A C   1 
ATOM   837  O O   . ALA A 1 105 ? -9.567  0.133   8.876   1.00 42.76  ? 107 ALA A O   1 
ATOM   838  C CB  . ALA A 1 105 ? -11.699 2.667   9.385   1.00 42.58  ? 107 ALA A CB  1 
ATOM   839  N N   . THR A 1 106 ? -9.480  1.867   7.389   1.00 39.82  ? 108 THR A N   1 
ATOM   840  C CA  . THR A 1 106 ? -8.986  1.106   6.211   1.00 34.33  ? 108 THR A CA  1 
ATOM   841  C C   . THR A 1 106 ? -7.594  0.551   6.524   1.00 27.28  ? 108 THR A C   1 
ATOM   842  O O   . THR A 1 106 ? -7.351  -0.639  6.231   1.00 26.90  ? 108 THR A O   1 
ATOM   843  C CB  . THR A 1 106 ? -8.974  1.975   4.944   1.00 37.91  ? 108 THR A CB  1 
ATOM   844  O OG1 . THR A 1 106 ? -10.164 2.765   4.864   1.00 35.53  ? 108 THR A OG1 1 
ATOM   845  C CG2 . THR A 1 106 ? -8.833  1.142   3.689   1.00 36.98  ? 108 THR A CG2 1 
ATOM   846  N N   . ALA A 1 107 ? -6.713  1.374   7.101   1.00 27.01  ? 109 ALA A N   1 
ATOM   847  C CA  . ALA A 1 107 ? -5.349  0.949   7.499   1.00 29.55  ? 109 ALA A CA  1 
ATOM   848  C C   . ALA A 1 107 ? -5.464  -0.276  8.416   1.00 35.22  ? 109 ALA A C   1 
ATOM   849  O O   . ALA A 1 107 ? -4.751  -1.282  8.177   1.00 36.36  ? 109 ALA A O   1 
ATOM   850  C CB  . ALA A 1 107 ? -4.597  2.083   8.146   1.00 27.95  ? 109 ALA A CB  1 
ATOM   851  N N   . MET A 1 108 ? -6.362  -0.217  9.404   1.00 38.45  ? 110 MET A N   1 
ATOM   852  C CA  . MET A 1 108 ? -6.523  -1.309  10.393  1.00 35.36  ? 110 MET A CA  1 
ATOM   853  C C   . MET A 1 108 ? -7.074  -2.543  9.673   1.00 34.30  ? 110 MET A C   1 
ATOM   854  O O   . MET A 1 108 ? -6.492  -3.625  9.843   1.00 38.60  ? 110 MET A O   1 
ATOM   855  C CB  . MET A 1 108 ? -7.435  -0.878  11.543  1.00 46.39  ? 110 MET A CB  1 
ATOM   856  C CG  . MET A 1 108 ? -7.306  -1.753  12.787  1.00 53.69  ? 110 MET A CG  1 
ATOM   857  S SD  . MET A 1 108 ? -5.621  -1.895  13.490  1.00 51.76  ? 110 MET A SD  1 
ATOM   858  C CE  . MET A 1 108 ? -5.788  -3.487  14.293  1.00 57.99  ? 110 MET A CE  1 
ATOM   859  N N   . TYR A 1 109 ? -8.106  -2.397  8.838   1.00 35.21  ? 111 TYR A N   1 
ATOM   860  C CA  . TYR A 1 109 ? -8.631  -3.513  7.996   1.00 37.20  ? 111 TYR A CA  1 
ATOM   861  C C   . TYR A 1 109 ? -7.482  -4.151  7.188   1.00 37.58  ? 111 TYR A C   1 
ATOM   862  O O   . TYR A 1 109 ? -7.431  -5.391  7.039   1.00 37.00  ? 111 TYR A O   1 
ATOM   863  C CB  . TYR A 1 109 ? -9.778  -3.013  7.110   1.00 42.29  ? 111 TYR A CB  1 
ATOM   864  C CG  . TYR A 1 109 ? -10.199 -3.983  6.039   1.00 43.72  ? 111 TYR A CG  1 
ATOM   865  C CD1 . TYR A 1 109 ? -10.945 -5.109  6.351   1.00 49.31  ? 111 TYR A CD1 1 
ATOM   866  C CD2 . TYR A 1 109 ? -9.857  -3.780  4.712   1.00 45.11  ? 111 TYR A CD2 1 
ATOM   867  C CE1 . TYR A 1 109 ? -11.328 -6.020  5.377   1.00 49.98  ? 111 TYR A CE1 1 
ATOM   868  C CE2 . TYR A 1 109 ? -10.236 -4.679  3.725   1.00 50.91  ? 111 TYR A CE2 1 
ATOM   869  C CZ  . TYR A 1 109 ? -10.973 -5.804  4.057   1.00 49.26  ? 111 TYR A CZ  1 
ATOM   870  O OH  . TYR A 1 109 ? -11.347 -6.697  3.096   1.00 47.20  ? 111 TYR A OH  1 
ATOM   871  N N   . LEU A 1 110 ? -6.552  -3.329  6.687   1.00 40.48  ? 112 LEU A N   1 
ATOM   872  C CA  . LEU A 1 110 ? -5.447  -3.772  5.793   1.00 40.25  ? 112 LEU A CA  1 
ATOM   873  C C   . LEU A 1 110 ? -4.246  -4.261  6.607   1.00 42.10  ? 112 LEU A C   1 
ATOM   874  O O   . LEU A 1 110 ? -3.294  -4.761  5.979   1.00 40.23  ? 112 LEU A O   1 
ATOM   875  C CB  . LEU A 1 110 ? -5.051  -2.605  4.884   1.00 35.97  ? 112 LEU A CB  1 
ATOM   876  C CG  . LEU A 1 110 ? -6.071  -2.225  3.813   1.00 30.18  ? 112 LEU A CG  1 
ATOM   877  C CD1 . LEU A 1 110 ? -5.483  -1.185  2.881   1.00 33.50  ? 112 LEU A CD1 1 
ATOM   878  C CD2 . LEU A 1 110 ? -6.523  -3.448  3.028   1.00 29.76  ? 112 LEU A CD2 1 
ATOM   879  N N   . GLN A 1 111 ? -4.287  -4.129  7.939   1.00 42.83  ? 113 GLN A N   1 
ATOM   880  C CA  . GLN A 1 111 ? -3.180  -4.523  8.860   1.00 41.62  ? 113 GLN A CA  1 
ATOM   881  C C   . GLN A 1 111 ? -1.907  -3.739  8.484   1.00 37.11  ? 113 GLN A C   1 
ATOM   882  O O   . GLN A 1 111 ? -0.869  -4.346  8.168   1.00 34.49  ? 113 GLN A O   1 
ATOM   883  C CB  . GLN A 1 111 ? -2.971  -6.037  8.832   1.00 40.38  ? 113 GLN A CB  1 
ATOM   884  C CG  . GLN A 1 111 ? -4.141  -6.844  9.362   1.00 40.05  ? 113 GLN A CG  1 
ATOM   885  C CD  . GLN A 1 111 ? -4.018  -8.287  8.940   1.00 41.14  ? 113 GLN A CD  1 
ATOM   886  O OE1 . GLN A 1 111 ? -2.951  -8.882  9.011   1.00 42.70  ? 113 GLN A OE1 1 
ATOM   887  N NE2 . GLN A 1 111 ? -5.114  -8.860  8.468   1.00 47.86  ? 113 GLN A NE2 1 
ATOM   888  N N   . MET A 1 112 ? -2.032  -2.417  8.542   1.00 36.32  ? 114 MET A N   1 
ATOM   889  C CA  . MET A 1 112 ? -0.997  -1.393  8.292   1.00 37.12  ? 114 MET A CA  1 
ATOM   890  C C   . MET A 1 112 ? -0.831  -0.625  9.601   1.00 38.35  ? 114 MET A C   1 
ATOM   891  O O   . MET A 1 112 ? -1.305  0.522   9.711   1.00 39.55  ? 114 MET A O   1 
ATOM   892  C CB  . MET A 1 112 ? -1.438  -0.467  7.153   1.00 38.00  ? 114 MET A CB  1 
ATOM   893  C CG  . MET A 1 112 ? -1.604  -1.214  5.853   1.00 35.88  ? 114 MET A CG  1 
ATOM   894  S SD  . MET A 1 112 ? -2.188  -0.203  4.501   1.00 37.21  ? 114 MET A SD  1 
ATOM   895  C CE  . MET A 1 112 ? -0.728  0.763   4.112   1.00 39.93  ? 114 MET A CE  1 
ATOM   896  N N   . GLU A 1 113 ? -0.189  -1.282  10.564  1.00 44.38  ? 115 GLU A N   1 
ATOM   897  C CA  . GLU A 1 113 ? -0.224  -0.930  12.007  1.00 40.41  ? 115 GLU A CA  1 
ATOM   898  C C   . GLU A 1 113 ? 0.466   0.420   12.212  1.00 39.12  ? 115 GLU A C   1 
ATOM   899  O O   . GLU A 1 113 ? -0.082  1.242   12.972  1.00 42.59  ? 115 GLU A O   1 
ATOM   900  C CB  . GLU A 1 113 ? 0.380   -2.086  12.800  1.00 41.15  ? 115 GLU A CB  1 
ATOM   901  C CG  . GLU A 1 113 ? -0.532  -3.304  12.874  1.00 42.55  ? 115 GLU A CG  1 
ATOM   902  C CD  . GLU A 1 113 ? -0.500  -4.308  11.728  1.00 52.05  ? 115 GLU A CD  1 
ATOM   903  O OE1 . GLU A 1 113 ? -1.383  -5.205  11.721  1.00 45.91  ? 115 GLU A OE1 1 
ATOM   904  O OE2 . GLU A 1 113 ? 0.400   -4.216  10.851  1.00 56.24  ? 115 GLU A OE2 1 
ATOM   905  N N   . HIS A 1 114 ? 1.579   0.672   11.514  1.00 41.26  ? 116 HIS A N   1 
ATOM   906  C CA  . HIS A 1 114 ? 2.364   1.931   11.629  1.00 43.11  ? 116 HIS A CA  1 
ATOM   907  C C   . HIS A 1 114 ? 1.550   3.110   11.082  1.00 39.54  ? 116 HIS A C   1 
ATOM   908  O O   . HIS A 1 114 ? 1.656   4.230   11.647  1.00 37.38  ? 116 HIS A O   1 
ATOM   909  C CB  . HIS A 1 114 ? 3.754   1.816   10.976  1.00 53.48  ? 116 HIS A CB  1 
ATOM   910  C CG  . HIS A 1 114 ? 4.707   2.871   11.451  1.00 73.59  ? 116 HIS A CG  1 
ATOM   911  N ND1 . HIS A 1 114 ? 5.649   3.462   10.621  1.00 81.52  ? 116 HIS A ND1 1 
ATOM   912  C CD2 . HIS A 1 114 ? 4.855   3.461   12.661  1.00 77.52  ? 116 HIS A CD2 1 
ATOM   913  C CE1 . HIS A 1 114 ? 6.336   4.360   11.301  1.00 72.94  ? 116 HIS A CE1 1 
ATOM   914  N NE2 . HIS A 1 114 ? 5.867   4.379   12.554  1.00 75.29  ? 116 HIS A NE2 1 
ATOM   915  N N   . VAL A 1 115 ? 0.764   2.898   10.026  1.00 41.82  ? 117 VAL A N   1 
ATOM   916  C CA  . VAL A 1 115 ? -0.089  3.982   9.446   1.00 41.68  ? 117 VAL A CA  1 
ATOM   917  C C   . VAL A 1 115 ? -1.193  4.323   10.455  1.00 38.09  ? 117 VAL A C   1 
ATOM   918  O O   . VAL A 1 115 ? -1.432  5.520   10.676  1.00 36.20  ? 117 VAL A O   1 
ATOM   919  C CB  . VAL A 1 115 ? -0.673  3.598   8.075   1.00 40.03  ? 117 VAL A CB  1 
ATOM   920  C CG1 . VAL A 1 115 ? -1.643  4.658   7.568   1.00 42.10  ? 117 VAL A CG1 1 
ATOM   921  C CG2 . VAL A 1 115 ? 0.426   3.340   7.055   1.00 39.93  ? 117 VAL A CG2 1 
ATOM   922  N N   . VAL A 1 116 ? -1.828  3.307   11.048  1.00 39.25  ? 118 VAL A N   1 
ATOM   923  C CA  . VAL A 1 116 ? -2.894  3.479   12.087  1.00 42.79  ? 118 VAL A CA  1 
ATOM   924  C C   . VAL A 1 116 ? -2.363  4.344   13.239  1.00 39.83  ? 118 VAL A C   1 
ATOM   925  O O   . VAL A 1 116 ? -3.059  5.305   13.615  1.00 40.87  ? 118 VAL A O   1 
ATOM   926  C CB  . VAL A 1 116 ? -3.399  2.123   12.615  1.00 42.82  ? 118 VAL A CB  1 
ATOM   927  C CG1 . VAL A 1 116 ? -4.281  2.312   13.836  1.00 43.13  ? 118 VAL A CG1 1 
ATOM   928  C CG2 . VAL A 1 116 ? -4.122  1.319   11.539  1.00 40.69  ? 118 VAL A CG2 1 
ATOM   929  N N   . ASP A 1 117 ? -1.185  4.004   13.769  1.00 45.03  ? 119 ASP A N   1 
ATOM   930  C CA  . ASP A 1 117 ? -0.539  4.682   14.930  1.00 47.79  ? 119 ASP A CA  1 
ATOM   931  C C   . ASP A 1 117 ? -0.259  6.151   14.591  1.00 44.45  ? 119 ASP A C   1 
ATOM   932  O O   . ASP A 1 117 ? -0.439  6.997   15.479  1.00 55.83  ? 119 ASP A O   1 
ATOM   933  C CB  . ASP A 1 117 ? 0.717   3.927   15.377  1.00 49.36  ? 119 ASP A CB  1 
ATOM   934  C CG  . ASP A 1 117 ? 0.441   2.546   15.967  1.00 50.16  ? 119 ASP A CG  1 
ATOM   935  O OD1 . ASP A 1 117 ? -0.731  2.256   16.312  1.00 48.47  ? 119 ASP A OD1 1 
ATOM   936  O OD2 . ASP A 1 117 ? 1.402   1.762   16.088  1.00 43.94  ? 119 ASP A OD2 1 
ATOM   937  N N   . THR A 1 118 ? 0.142   6.447   13.354  1.00 47.08  ? 120 THR A N   1 
ATOM   938  C CA  . THR A 1 118 ? 0.362   7.829   12.828  1.00 49.96  ? 120 THR A CA  1 
ATOM   939  C C   . THR A 1 118 ? -0.980  8.565   12.684  1.00 48.64  ? 120 THR A C   1 
ATOM   940  O O   . THR A 1 118 ? -1.033  9.792   12.904  1.00 44.62  ? 120 THR A O   1 
ATOM   941  C CB  . THR A 1 118 ? 1.084   7.801   11.471  1.00 48.31  ? 120 THR A CB  1 
ATOM   942  O OG1 . THR A 1 118 ? 2.277   7.032   11.610  1.00 45.39  ? 120 THR A OG1 1 
ATOM   943  C CG2 . THR A 1 118 ? 1.421   9.179   10.943  1.00 46.88  ? 120 THR A CG2 1 
ATOM   944  N N   . CYS A 1 119 ? -2.034  7.852   12.292  1.00 52.68  ? 121 CYS A N   1 
ATOM   945  C CA  . CYS A 1 119 ? -3.410  8.401   12.222  1.00 50.41  ? 121 CYS A CA  1 
ATOM   946  C C   . CYS A 1 119 ? -3.814  8.878   13.622  1.00 49.70  ? 121 CYS A C   1 
ATOM   947  O O   . CYS A 1 119 ? -4.348  10.001  13.728  1.00 50.99  ? 121 CYS A O   1 
ATOM   948  C CB  . CYS A 1 119 ? -4.378  7.371   11.654  1.00 51.31  ? 121 CYS A CB  1 
ATOM   949  S SG  . CYS A 1 119 ? -4.299  7.264   9.847   1.00 43.29  ? 121 CYS A SG  1 
ATOM   950  N N   . ARG A 1 120 ? -3.539  8.068   14.651  1.00 49.97  ? 122 ARG A N   1 
ATOM   951  C CA  . ARG A 1 120 ? -3.823  8.398   16.077  1.00 58.42  ? 122 ARG A CA  1 
ATOM   952  C C   . ARG A 1 120 ? -3.222  9.764   16.434  1.00 63.57  ? 122 ARG A C   1 
ATOM   953  O O   . ARG A 1 120 ? -3.946  10.598  17.006  1.00 62.78  ? 122 ARG A O   1 
ATOM   954  C CB  . ARG A 1 120 ? -3.281  7.299   16.992  1.00 60.96  ? 122 ARG A CB  1 
ATOM   955  C CG  . ARG A 1 120 ? -3.962  5.951   16.787  1.00 65.07  ? 122 ARG A CG  1 
ATOM   956  C CD  . ARG A 1 120 ? -4.067  5.154   18.071  1.00 68.14  ? 122 ARG A CD  1 
ATOM   957  N NE  . ARG A 1 120 ? -3.145  4.028   18.164  1.00 70.07  ? 122 ARG A NE  1 
ATOM   958  C CZ  . ARG A 1 120 ? -2.649  3.536   19.301  1.00 73.41  ? 122 ARG A CZ  1 
ATOM   959  N NH1 . ARG A 1 120 ? -2.962  4.082   20.467  1.00 69.58  ? 122 ARG A NH1 1 
ATOM   960  N NH2 . ARG A 1 120 ? -1.826  2.500   19.265  1.00 73.18  ? 122 ARG A NH2 1 
ATOM   961  N N   . LYS A 1 121 ? -1.948  9.985   16.094  1.00 75.02  ? 123 LYS A N   1 
ATOM   962  C CA  . LYS A 1 121 ? -1.229  11.261  16.359  1.00 74.46  ? 123 LYS A CA  1 
ATOM   963  C C   . LYS A 1 121 ? -1.946  12.420  15.648  1.00 68.91  ? 123 LYS A C   1 
ATOM   964  O O   . LYS A 1 121 ? -2.243  13.400  16.340  1.00 79.83  ? 123 LYS A O   1 
ATOM   965  C CB  . LYS A 1 121 ? 0.247   11.157  15.958  1.00 82.81  ? 123 LYS A CB  1 
ATOM   966  C CG  . LYS A 1 121 ? 1.117   10.328  16.896  1.00 88.74  ? 123 LYS A CG  1 
ATOM   967  C CD  . LYS A 1 121 ? 2.588   10.327  16.513  1.00 100.58 ? 123 LYS A CD  1 
ATOM   968  C CE  . LYS A 1 121 ? 3.354   9.151   17.084  1.00 106.44 ? 123 LYS A CE  1 
ATOM   969  N NZ  . LYS A 1 121 ? 4.539   8.817   16.259  1.00 107.84 ? 123 LYS A NZ  1 
ATOM   970  N N   . PHE A 1 122 ? -2.222  12.332  14.339  1.00 66.29  ? 124 PHE A N   1 
ATOM   971  C CA  . PHE A 1 122 ? -2.901  13.413  13.565  1.00 78.65  ? 124 PHE A CA  1 
ATOM   972  C C   . PHE A 1 122 ? -4.221  13.792  14.258  1.00 85.80  ? 124 PHE A C   1 
ATOM   973  O O   . PHE A 1 122 ? -4.519  15.002  14.357  1.00 89.54  ? 124 PHE A O   1 
ATOM   974  C CB  . PHE A 1 122 ? -3.157  13.029  12.101  1.00 85.58  ? 124 PHE A CB  1 
ATOM   975  C CG  . PHE A 1 122 ? -4.032  13.993  11.320  1.00 94.45  ? 124 PHE A CG  1 
ATOM   976  C CD1 . PHE A 1 122 ? -5.416  13.964  11.439  1.00 90.65  ? 124 PHE A CD1 1 
ATOM   977  C CD2 . PHE A 1 122 ? -3.481  14.935  10.458  1.00 93.11  ? 124 PHE A CD2 1 
ATOM   978  C CE1 . PHE A 1 122 ? -6.222  14.842  10.725  1.00 82.65  ? 124 PHE A CE1 1 
ATOM   979  C CE2 . PHE A 1 122 ? -4.288  15.814  9.744   1.00 84.34  ? 124 PHE A CE2 1 
ATOM   980  C CZ  . PHE A 1 122 ? -5.658  15.765  9.877   1.00 83.24  ? 124 PHE A CZ  1 
ATOM   981  N N   . ILE A 1 123 ? -4.993  12.796  14.707  1.00 85.00  ? 125 ILE A N   1 
ATOM   982  C CA  . ILE A 1 123 ? -6.315  12.990  15.378  1.00 88.47  ? 125 ILE A CA  1 
ATOM   983  C C   . ILE A 1 123 ? -6.129  13.975  16.543  1.00 89.40  ? 125 ILE A C   1 
ATOM   984  O O   . ILE A 1 123 ? -6.843  15.011  16.568  1.00 87.13  ? 125 ILE A O   1 
ATOM   985  C CB  . ILE A 1 123 ? -6.918  11.626  15.794  1.00 84.76  ? 125 ILE A CB  1 
ATOM   986  C CG1 . ILE A 1 123 ? -7.776  11.046  14.663  1.00 75.47  ? 125 ILE A CG1 1 
ATOM   987  C CG2 . ILE A 1 123 ? -7.697  11.709  17.106  1.00 83.42  ? 125 ILE A CG2 1 
ATOM   988  C CD1 . ILE A 1 123 ? -7.875  9.537   14.661  1.00 73.08  ? 125 ILE A CD1 1 
ATOM   989  N N   . LYS A 1 124 ? -5.185  13.680  17.442  1.00 85.09  ? 126 LYS A N   1 
ATOM   990  C CA  . LYS A 1 124 ? -4.862  14.518  18.630  1.00 97.71  ? 126 LYS A CA  1 
ATOM   991  C C   . LYS A 1 124 ? -4.407  15.911  18.171  1.00 96.16  ? 126 LYS A C   1 
ATOM   992  O O   . LYS A 1 124 ? -4.928  16.904  18.716  1.00 106.34 ? 126 LYS A O   1 
ATOM   993  C CB  . LYS A 1 124 ? -3.828  13.805  19.509  1.00 100.60 ? 126 LYS A CB  1 
ATOM   994  C CG  . LYS A 1 124 ? -4.422  12.764  20.450  1.00 106.67 ? 126 LYS A CG  1 
ATOM   995  C CD  . LYS A 1 124 ? -3.705  11.433  20.443  1.00 104.03 ? 126 LYS A CD  1 
ATOM   996  C CE  . LYS A 1 124 ? -4.383  10.405  21.321  1.00 105.97 ? 126 LYS A CE  1 
ATOM   997  N NZ  . LYS A 1 124 ? -4.099  9.025   20.862  1.00 109.27 ? 126 LYS A NZ  1 
ATOM   998  N N   . ALA A 1 125 ? -3.497  15.978  17.195  1.00 103.82 ? 127 ALA A N   1 
ATOM   999  C CA  . ALA A 1 125 ? -2.957  17.229  16.605  1.00 104.62 ? 127 ALA A CA  1 
ATOM   1000 C C   . ALA A 1 125 ? -4.101  18.162  16.178  1.00 113.84 ? 127 ALA A C   1 
ATOM   1001 O O   . ALA A 1 125 ? -3.966  19.384  16.382  1.00 136.62 ? 127 ALA A O   1 
ATOM   1002 C CB  . ALA A 1 125 ? -2.051  16.909  15.439  1.00 99.29  ? 127 ALA A CB  1 
ATOM   1003 N N   . SER A 1 126 ? -5.178  17.612  15.607  1.00 109.41 ? 128 SER A N   1 
ATOM   1004 C CA  . SER A 1 126 ? -6.355  18.377  15.116  1.00 95.81  ? 128 SER A CA  1 
ATOM   1005 C C   . SER A 1 126 ? -7.454  18.355  16.185  1.00 85.50  ? 128 SER A C   1 
ATOM   1006 O O   . SER A 1 126 ? -7.321  19.063  17.184  1.00 79.72  ? 128 SER A O   1 
ATOM   1007 C CB  . SER A 1 126 ? -6.843  17.842  13.794  1.00 91.31  ? 128 SER A CB  1 
ATOM   1008 O OG  . SER A 1 126 ? -7.051  18.900  12.869  1.00 84.01  ? 128 SER A OG  1 
HETATM 1009 N N1  . TEQ B 2 .   ? 4.818   -8.192  4.808   1.00 38.34  ? 201 TEQ A N1  1 
HETATM 1010 N N3  . TEQ B 2 .   ? 6.457   -9.837  5.235   1.00 46.72  ? 201 TEQ A N3  1 
HETATM 1011 C C4  . TEQ B 2 .   ? 8.443   -9.348  7.484   1.00 51.22  ? 201 TEQ A C4  1 
HETATM 1012 C C5  . TEQ B 2 .   ? 7.358   -10.221 7.517   1.00 49.11  ? 201 TEQ A C5  1 
HETATM 1013 C C6  . TEQ B 2 .   ? 6.136   -9.995  6.651   1.00 44.69  ? 201 TEQ A C6  1 
HETATM 1014 C C7  . TEQ B 2 .   ? 5.406   -8.730  7.097   1.00 40.26  ? 201 TEQ A C7  1 
HETATM 1015 C C8  . TEQ B 2 .   ? 4.255   -8.416  6.140   1.00 39.68  ? 201 TEQ A C8  1 
HETATM 1016 C C10 . TEQ B 2 .   ? 6.355   -9.243  3.101   1.00 46.07  ? 201 TEQ A C10 1 
HETATM 1017 C C13 . TEQ B 2 .   ? 3.771   -5.945  6.209   1.00 34.16  ? 201 TEQ A C13 1 
HETATM 1018 C C15 . TEQ B 2 .   ? 2.326   -4.935  7.803   1.00 39.41  ? 201 TEQ A C15 1 
HETATM 1019 C C17 . TEQ B 2 .   ? 0.757   -7.472  9.839   1.00 42.89  ? 201 TEQ A C17 1 
HETATM 1020 C C20 . TEQ B 2 .   ? 2.527   -7.375  7.717   1.00 39.60  ? 201 TEQ A C20 1 
HETATM 1021 F F   . TEQ B 2 .   ? 6.002   -8.742  1.896   1.00 38.76  ? 201 TEQ A F   1 
HETATM 1022 C C11 . TEQ B 2 .   ? 7.387   -10.197 3.338   1.00 43.24  ? 201 TEQ A C11 1 
HETATM 1023 N N2  . TEQ B 2 .   ? 7.448   -10.552 4.609   1.00 42.01  ? 201 TEQ A N2  1 
HETATM 1024 C C3  . TEQ B 2 .   ? 9.507   -9.531  8.349   1.00 52.36  ? 201 TEQ A C3  1 
HETATM 1025 C C2  . TEQ B 2 .   ? 9.464   -10.593 9.222   1.00 47.73  ? 201 TEQ A C2  1 
HETATM 1026 N N   . TEQ B 2 .   ? 8.445   -11.467 9.274   1.00 44.30  ? 201 TEQ A N   1 
HETATM 1027 C C1  . TEQ B 2 .   ? 7.409   -11.293 8.442   1.00 47.33  ? 201 TEQ A C1  1 
HETATM 1028 C C   . TEQ B 2 .   ? 6.298   -12.295 8.550   1.00 42.59  ? 201 TEQ A C   1 
HETATM 1029 C C9  . TEQ B 2 .   ? 5.803   -9.034  4.366   1.00 44.94  ? 201 TEQ A C9  1 
HETATM 1030 C C12 . TEQ B 2 .   ? 3.478   -7.209  6.655   1.00 39.48  ? 201 TEQ A C12 1 
HETATM 1031 C C19 . TEQ B 2 .   ? 2.128   -8.629  8.237   1.00 38.96  ? 201 TEQ A C19 1 
HETATM 1032 C C18 . TEQ B 2 .   ? 1.255   -8.682  9.277   1.00 38.35  ? 201 TEQ A C18 1 
HETATM 1033 N N5  . TEQ B 2 .   ? -0.053  -7.520  10.913  1.00 43.18  ? 201 TEQ A N5  1 
HETATM 1034 N N4  . TEQ B 2 .   ? 1.086   -6.268  9.359   1.00 42.99  ? 201 TEQ A N4  1 
HETATM 1035 C C16 . TEQ B 2 .   ? 1.963   -6.211  8.303   1.00 41.22  ? 201 TEQ A C16 1 
HETATM 1036 C C14 . TEQ B 2 .   ? 3.206   -4.823  6.776   1.00 33.91  ? 201 TEQ A C14 1 
HETATM 1037 C C1  . GOL C 3 .   ? -7.950  -14.199 5.183   1.00 89.68  ? 202 GOL A C1  1 
HETATM 1038 O O1  . GOL C 3 .   ? -7.934  -12.777 5.079   1.00 91.84  ? 202 GOL A O1  1 
HETATM 1039 C C2  . GOL C 3 .   ? -6.708  -14.816 4.570   1.00 93.06  ? 202 GOL A C2  1 
HETATM 1040 O O2  . GOL C 3 .   ? -6.971  -15.200 3.220   1.00 84.62  ? 202 GOL A O2  1 
HETATM 1041 C C3  . GOL C 3 .   ? -6.180  -16.010 5.343   1.00 90.16  ? 202 GOL A C3  1 
HETATM 1042 O O3  . GOL C 3 .   ? -5.454  -16.905 4.501   1.00 86.62  ? 202 GOL A O3  1 
HETATM 1043 S S   . DMS D 4 .   ? -14.442 -2.963  8.637   1.00 98.96  ? 203 DMS A S   1 
HETATM 1044 O O   . DMS D 4 .   ? -13.233 -3.804  8.956   1.00 93.88  ? 203 DMS A O   1 
HETATM 1045 C C1  . DMS D 4 .   ? -13.830 -1.349  8.201   1.00 86.17  ? 203 DMS A C1  1 
HETATM 1046 C C2  . DMS D 4 .   ? -14.992 -3.491  7.038   1.00 84.28  ? 203 DMS A C2  1 
HETATM 1047 O O   . HOH E 5 .   ? -9.094  -1.639  -13.705 1.00 65.10  ? 301 HOH A O   1 
HETATM 1048 O O   . HOH E 5 .   ? -12.903 8.961   3.190   1.00 50.37  ? 302 HOH A O   1 
HETATM 1049 O O   . HOH E 5 .   ? 16.265  5.387   -0.063  1.00 37.46  ? 303 HOH A O   1 
HETATM 1050 O O   . HOH E 5 .   ? 4.013   -8.099  -11.662 1.00 44.36  ? 304 HOH A O   1 
HETATM 1051 O O   . HOH E 5 .   ? -2.170  -22.667 -6.054  1.00 62.68  ? 305 HOH A O   1 
HETATM 1052 O O   . HOH E 5 .   ? -18.124 2.812   -4.553  1.00 40.75  ? 306 HOH A O   1 
HETATM 1053 O O   . HOH E 5 .   ? -2.407  -11.574 -12.274 1.00 44.16  ? 307 HOH A O   1 
HETATM 1054 O O   . HOH E 5 .   ? -14.384 -8.303  5.545   1.00 56.94  ? 308 HOH A O   1 
HETATM 1055 O O   . HOH E 5 .   ? 3.596   -8.469  -8.123  1.00 36.15  ? 309 HOH A O   1 
HETATM 1056 O O   . HOH E 5 .   ? -5.107  -8.641  -13.000 1.00 66.18  ? 310 HOH A O   1 
HETATM 1057 O O   . HOH E 5 .   ? 4.331   -17.648 -4.178  1.00 45.83  ? 311 HOH A O   1 
HETATM 1058 O O   . HOH E 5 .   ? 48.086  -2.179  3.006   1.00 65.83  ? 312 HOH A O   1 
HETATM 1059 O O   . HOH E 5 .   ? -11.599 17.742  5.821   1.00 56.74  ? 313 HOH A O   1 
HETATM 1060 O O   . HOH E 5 .   ? -9.750  -12.888 -0.591  1.00 48.26  ? 314 HOH A O   1 
HETATM 1061 O O   . HOH E 5 .   ? -14.793 7.062   -1.051  1.00 42.22  ? 315 HOH A O   1 
HETATM 1062 O O   . HOH E 5 .   ? -3.433  2.050   -9.114  1.00 32.55  ? 316 HOH A O   1 
HETATM 1063 O O   . HOH E 5 .   ? -1.700  3.678   -17.669 1.00 48.28  ? 317 HOH A O   1 
HETATM 1064 O O   . HOH E 5 .   ? -7.931  -7.555  8.437   1.00 53.65  ? 318 HOH A O   1 
HETATM 1065 O O   . HOH E 5 .   ? -1.506  8.988   0.502   1.00 38.65  ? 319 HOH A O   1 
HETATM 1066 O O   . HOH E 5 .   ? -15.729 -4.283  -2.796  1.00 50.28  ? 320 HOH A O   1 
HETATM 1067 O O   . HOH E 5 .   ? -11.250 -1.350  10.316  1.00 44.16  ? 321 HOH A O   1 
HETATM 1068 O O   . HOH E 5 .   ? -0.812  -9.896  11.855  1.00 51.91  ? 322 HOH A O   1 
HETATM 1069 O O   . HOH E 5 .   ? -3.105  10.274  -1.752  1.00 39.99  ? 323 HOH A O   1 
HETATM 1070 O O   . HOH E 5 .   ? -14.780 0.581   -11.261 1.00 30.69  ? 324 HOH A O   1 
HETATM 1071 O O   . HOH E 5 .   ? -15.775 -1.365  -0.228  1.00 49.66  ? 325 HOH A O   1 
HETATM 1072 O O   . HOH E 5 .   ? -1.224  -10.956 8.900   1.00 53.64  ? 326 HOH A O   1 
HETATM 1073 O O   . HOH E 5 .   ? -11.743 6.831   -5.123  1.00 56.01  ? 327 HOH A O   1 
HETATM 1074 O O   . HOH E 5 .   ? 0.841   5.581   -10.175 1.00 46.26  ? 328 HOH A O   1 
HETATM 1075 O O   . HOH E 5 .   ? -3.244  -5.237  13.704  1.00 60.54  ? 329 HOH A O   1 
HETATM 1076 O O   . HOH E 5 .   ? 7.026   7.679   -9.802  1.00 33.75  ? 330 HOH A O   1 
HETATM 1077 O O   . HOH E 5 .   ? 20.287  5.192   -6.064  1.00 42.63  ? 331 HOH A O   1 
HETATM 1078 O O   . HOH E 5 .   ? 18.302  3.062   0.050   1.00 31.34  ? 332 HOH A O   1 
HETATM 1079 O O   . HOH E 5 .   ? 13.347  7.201   -11.468 1.00 62.46  ? 333 HOH A O   1 
HETATM 1080 O O   . HOH E 5 .   ? 7.094   10.816  -1.783  1.00 66.36  ? 334 HOH A O   1 
HETATM 1081 O O   . HOH E 5 .   ? 3.157   -3.909  10.761  1.00 58.71  ? 335 HOH A O   1 
HETATM 1082 O O   . HOH E 5 .   ? 7.368   6.873   -5.275  1.00 29.26  ? 336 HOH A O   1 
HETATM 1083 O O   . HOH E 5 .   ? 6.008   8.248   -7.016  1.00 36.55  ? 337 HOH A O   1 
HETATM 1084 O O   . HOH E 5 .   ? 9.981   7.019   -3.784  1.00 37.25  ? 338 HOH A O   1 
HETATM 1085 O O   . HOH E 5 .   ? 2.327   -17.441 -2.638  1.00 43.45  ? 339 HOH A O   1 
HETATM 1086 O O   . HOH E 5 .   ? -12.149 -11.240 -3.397  1.00 49.71  ? 340 HOH A O   1 
HETATM 1087 O O   . HOH E 5 .   ? -1.533  -0.027  20.484  1.00 69.63  ? 341 HOH A O   1 
HETATM 1088 O O   . HOH E 5 .   ? 32.119  -7.162  -0.337  1.00 44.82  ? 342 HOH A O   1 
HETATM 1089 O O   . HOH E 5 .   ? -10.903 14.946  1.285   1.00 56.45  ? 343 HOH A O   1 
HETATM 1090 O O   . HOH E 5 .   ? -10.406 4.117   -8.920  1.00 55.08  ? 344 HOH A O   1 
HETATM 1091 O O   . HOH E 5 .   ? 19.542  2.963   -7.558  1.00 56.09  ? 345 HOH A O   1 
HETATM 1092 O O   . HOH E 5 .   ? -6.839  1.068   -11.617 1.00 55.29  ? 346 HOH A O   1 
HETATM 1093 O O   . HOH E 5 .   ? -17.432 -4.767  -5.709  1.00 48.79  ? 347 HOH A O   1 
HETATM 1094 O O   . HOH E 5 .   ? -2.797  3.434   -14.502 1.00 59.50  ? 348 HOH A O   1 
HETATM 1095 O O   . HOH E 5 .   ? -20.703 6.038   -6.801  1.00 51.77  ? 349 HOH A O   1 
HETATM 1096 O O   . HOH E 5 .   ? -4.130  9.482   -6.618  1.00 45.21  ? 350 HOH A O   1 
HETATM 1097 O O   . HOH E 5 .   ? 6.699   -18.214 -6.741  1.00 56.54  ? 351 HOH A O   1 
HETATM 1098 O O   . HOH E 5 .   ? 1.038   8.136   -6.429  1.00 41.92  ? 352 HOH A O   1 
HETATM 1099 O O   . HOH E 5 .   ? -13.556 7.877   -3.607  1.00 55.62  ? 353 HOH A O   1 
HETATM 1100 O O   . HOH E 5 .   ? -6.471  12.910  1.186   1.00 45.36  ? 354 HOH A O   1 
HETATM 1101 O O   . HOH E 5 .   ? -12.547 11.529  9.123   1.00 54.35  ? 355 HOH A O   1 
HETATM 1102 O O   . HOH E 5 .   ? 10.318  6.850   -0.873  1.00 42.07  ? 356 HOH A O   1 
HETATM 1103 O O   . HOH E 5 .   ? 36.025  -9.415  4.100   1.00 60.01  ? 357 HOH A O   1 
HETATM 1104 O O   . HOH E 5 .   ? 14.687  8.829   -4.398  1.00 55.98  ? 358 HOH A O   1 
HETATM 1105 O O   . HOH E 5 .   ? 15.976  5.167   -12.346 1.00 50.63  ? 359 HOH A O   1 
HETATM 1106 O O   . HOH E 5 .   ? -12.851 2.314   -11.288 1.00 46.30  ? 360 HOH A O   1 
HETATM 1107 O O   . HOH E 5 .   ? 2.150   0.748   8.239   1.00 42.06  ? 361 HOH A O   1 
HETATM 1108 O O   . HOH E 5 .   ? 2.853   -18.584 -0.649  1.00 53.03  ? 362 HOH A O   1 
HETATM 1109 O O   . HOH E 5 .   ? -12.938 1.504   5.594   1.00 53.75  ? 363 HOH A O   1 
HETATM 1110 O O   . HOH E 5 .   ? 4.836   7.891   -11.567 1.00 48.90  ? 364 HOH A O   1 
HETATM 1111 O O   . HOH E 5 .   ? 18.186  1.774   -8.736  1.00 44.58  ? 365 HOH A O   1 
HETATM 1112 O O   . HOH E 5 .   ? -10.832 -9.467  1.586   1.00 60.01  ? 366 HOH A O   1 
HETATM 1113 O O   . HOH E 5 .   ? -12.367 14.047  3.234   1.00 61.07  ? 367 HOH A O   1 
HETATM 1114 O O   . HOH E 5 .   ? 2.604   14.319  -0.756  1.00 50.58  ? 368 HOH A O   1 
HETATM 1115 O O   . HOH E 5 .   ? 11.457  7.861   0.819   1.00 48.36  ? 369 HOH A O   1 
HETATM 1116 O O   . HOH E 5 .   ? 3.113   -1.660  9.686   1.00 49.65  ? 370 HOH A O   1 
HETATM 1117 O O   . HOH E 5 .   ? -20.351 -1.165  -1.308  1.00 51.81  ? 371 HOH A O   1 
HETATM 1118 O O   . HOH E 5 .   ? -10.733 6.154   -7.444  1.00 58.88  ? 372 HOH A O   1 
HETATM 1119 O O   . HOH E 5 .   ? -0.308  -15.019 6.744   1.00 57.37  ? 373 HOH A O   1 
HETATM 1120 O O   . HOH E 5 .   ? 1.237   -12.597 -9.929  1.00 56.29  ? 374 HOH A O   1 
HETATM 1121 O O   . HOH E 5 .   ? -17.557 5.253   -5.501  1.00 55.51  ? 375 HOH A O   1 
HETATM 1122 O O   . HOH E 5 .   ? -0.121  -22.067 1.472   1.00 52.89  ? 376 HOH A O   1 
HETATM 1123 O O   . HOH E 5 .   ? -17.723 4.419   1.914   1.00 44.12  ? 377 HOH A O   1 
HETATM 1124 O O   . HOH E 5 .   ? 21.897  6.131   -4.053  1.00 37.93  ? 378 HOH A O   1 
HETATM 1125 O O   . HOH E 5 .   ? -5.717  0.105   -16.012 1.00 63.15  ? 379 HOH A O   1 
HETATM 1126 O O   . HOH E 5 .   ? -8.932  0.692   -13.100 1.00 54.06  ? 380 HOH A O   1 
HETATM 1127 O O   . HOH E 5 .   ? -7.811  11.787  -1.023  1.00 49.30  ? 381 HOH A O   1 
HETATM 1128 O O   . HOH E 5 .   ? -10.355 8.964   -4.580  1.00 59.40  ? 382 HOH A O   1 
HETATM 1129 O O   . HOH E 5 .   ? -7.968  7.479   -8.395  1.00 54.18  ? 383 HOH A O   1 
HETATM 1130 O O   . HOH E 5 .   ? -1.559  5.610   -10.532 1.00 50.20  ? 384 HOH A O   1 
HETATM 1131 O O   . HOH E 5 .   ? -4.853  11.623  -2.227  1.00 54.93  ? 385 HOH A O   1 
HETATM 1132 O O   . HOH E 5 .   ? -11.839 -7.544  9.213   1.00 60.97  ? 386 HOH A O   1 
HETATM 1133 O O   . HOH E 5 .   ? -25.039 8.003   -7.148  1.00 56.16  ? 387 HOH A O   1 
HETATM 1134 O O   . HOH E 5 .   ? -21.592 3.408   -3.228  1.00 59.07  ? 388 HOH A O   1 
HETATM 1135 O O   . HOH E 5 .   ? -14.598 3.513   6.955   1.00 45.97  ? 389 HOH A O   1 
HETATM 1136 O O   . HOH E 5 .   ? 2.590   -12.546 -12.482 0.50 53.55  ? 390 HOH A O   1 
HETATM 1137 O O   . HOH E 5 .   ? 5.126   11.133  -4.555  1.00 57.98  ? 391 HOH A O   1 
HETATM 1138 O O   . HOH E 5 .   ? -10.396 -8.791  7.540   1.00 59.11  ? 392 HOH A O   1 
HETATM 1139 O O   . HOH E 5 .   ? 11.162  9.878   -3.715  1.00 62.57  ? 393 HOH A O   1 
HETATM 1140 O O   . HOH E 5 .   ? 0.118   -12.309 -13.524 1.00 54.24  ? 394 HOH A O   1 
# 
